data_3TIA
#
_entry.id   3TIA
#
_cell.length_a   89.928
_cell.length_b   140.305
_cell.length_c   89.893
_cell.angle_alpha   90.00
_cell.angle_beta   101.54
_cell.angle_gamma   90.00
#
_symmetry.space_group_name_H-M   'P 1 21 1'
#
loop_
_entity.id
_entity.type
_entity.pdbx_description
1 polymer Neuraminidase
2 branched 2-acetamido-2-deoxy-beta-D-glucopyranose-(1-4)-2-acetamido-2-deoxy-beta-D-glucopyranose
3 branched alpha-D-mannopyranose-(1-3)-beta-D-mannopyranose-(1-4)-2-acetamido-2-deoxy-beta-D-glucopyranose-(1-4)-2-acetamido-2-deoxy-beta-D-glucopyranose
4 non-polymer 'CALCIUM ION'
5 non-polymer '5-acetamido-2,6-anhydro-4-carbamimidamido-3,4,5-trideoxy-7-O-methyl-D-glycero-D-galacto-non-2-enonic acid'
6 non-polymer 2-acetamido-2-deoxy-beta-D-glucopyranose
7 water water
#
_entity_poly.entity_id   1
_entity_poly.type   'polypeptide(L)'
_entity_poly.pdbx_seq_one_letter_code
;MNPNQKIITIGSVSLTIATVCFLMQIAILATTVTLHFKQHECDSPASNQVMPCEPIIIERNITEIVYLNNTTIEKEICPK
VVEYRNWSKPQCQITGFAPFSKDNSIRLSAGGDIWVTREPYVSCDPGKCYQFALGQGTTLDNKHSNDTVHDRIPHRTLLM
NELGVPFHLGTRQVCIAWSSSSCHDGKAWLHVCITGDDKNATASFIYDGRLVDSIGSWSQNILRTQESECVCINGTCTVV
MTDGSASGRADTRILFIEEGKIVHISPLSGSAQHIEECSCYPRYPGVRCICRDNWKGSNRPVVDINMEDYSIDSSYVCSG
LVGDTPRNDDSSSNSNCRNPNNERGTQGVKGWAFDNGNDLWMGRTISKESRSGYETFKVIGGWSTPNSKSQVNRQVIVDN
NNWSGYSGIFSVEGKSCINRCFYVELIRGRPQETRVWWTSNSIVVFCGTSGTYGTGSWPDGANINFMPI
;
_entity_poly.pdbx_strand_id   A,B,C,D
#
loop_
_chem_comp.id
_chem_comp.type
_chem_comp.name
_chem_comp.formula
BMA D-saccharide, beta linking beta-D-mannopyranose 'C6 H12 O6'
CA non-polymer 'CALCIUM ION' 'Ca 2'
LNV D-saccharide '5-acetamido-2,6-anhydro-4-carbamimidamido-3,4,5-trideoxy-7-O-methyl-D-glycero-D-galacto-non-2-enonic acid' 'C13 H22 N4 O7'
MAN D-saccharide, alpha linking alpha-D-mannopyranose 'C6 H12 O6'
NAG D-saccharide, beta linking 2-acetamido-2-deoxy-beta-D-glucopyranose 'C8 H15 N O6'
#
# COMPACT_ATOMS: atom_id res chain seq x y z
N VAL A 82 19.06 -9.93 -14.83
CA VAL A 82 18.25 -11.08 -14.42
C VAL A 82 18.19 -12.15 -15.51
N GLU A 83 18.27 -13.41 -15.10
CA GLU A 83 18.38 -14.52 -16.04
C GLU A 83 17.10 -15.34 -16.09
N TYR A 84 16.87 -16.01 -17.21
CA TYR A 84 15.75 -16.95 -17.31
C TYR A 84 15.93 -18.11 -16.34
N ARG A 85 14.83 -18.54 -15.71
CA ARG A 85 14.85 -19.74 -14.86
C ARG A 85 15.03 -21.00 -15.69
N ASN A 86 15.82 -21.94 -15.18
CA ASN A 86 15.96 -23.23 -15.82
C ASN A 86 15.47 -24.38 -14.96
N TRP A 87 15.34 -24.12 -13.66
CA TRP A 87 14.90 -25.13 -12.72
C TRP A 87 15.80 -26.37 -12.78
N SER A 88 17.07 -26.16 -13.11
CA SER A 88 18.02 -27.25 -13.32
C SER A 88 18.73 -27.63 -12.03
N LYS A 89 17.94 -27.97 -11.03
CA LYS A 89 18.46 -28.49 -9.78
C LYS A 89 17.66 -29.73 -9.45
N PRO A 90 18.22 -30.63 -8.62
CA PRO A 90 17.47 -31.81 -8.22
C PRO A 90 16.30 -31.45 -7.32
N GLN A 91 15.27 -32.28 -7.30
CA GLN A 91 14.14 -32.07 -6.41
C GLN A 91 14.54 -32.32 -4.96
N CYS A 92 14.10 -31.45 -4.05
CA CYS A 92 14.36 -31.64 -2.64
C CYS A 92 13.84 -32.99 -2.14
N GLN A 93 14.62 -33.66 -1.31
CA GLN A 93 14.14 -34.86 -0.66
C GLN A 93 13.28 -34.44 0.53
N ILE A 94 12.02 -34.85 0.55
CA ILE A 94 11.14 -34.39 1.63
C ILE A 94 10.60 -35.54 2.47
N THR A 95 10.22 -35.21 3.71
CA THR A 95 9.69 -36.17 4.66
C THR A 95 8.22 -35.88 4.89
N GLY A 96 7.73 -34.84 4.24
CA GLY A 96 6.38 -34.36 4.46
C GLY A 96 6.33 -32.86 4.21
N PHE A 97 5.36 -32.19 4.82
CA PHE A 97 5.13 -30.77 4.55
C PHE A 97 4.96 -29.98 5.84
N ALA A 98 5.43 -28.72 5.83
CA ALA A 98 5.32 -27.87 6.99
C ALA A 98 4.44 -26.67 6.65
N PRO A 99 3.72 -26.13 7.66
CA PRO A 99 2.87 -24.95 7.45
C PRO A 99 3.66 -23.76 6.89
N PHE A 100 3.06 -23.06 5.93
CA PHE A 100 3.75 -21.97 5.25
C PHE A 100 2.94 -20.67 5.28
N SER A 101 1.65 -20.76 4.97
CA SER A 101 0.84 -19.53 4.91
C SER A 101 -0.66 -19.79 5.08
N LYS A 102 -1.38 -18.78 5.54
CA LYS A 102 -2.83 -18.86 5.68
C LYS A 102 -3.36 -17.43 5.60
N ASP A 103 -4.46 -17.22 4.88
CA ASP A 103 -4.88 -15.82 4.73
C ASP A 103 -6.15 -15.39 5.48
N ASN A 104 -6.91 -16.35 6.01
CA ASN A 104 -8.03 -16.02 6.90
C ASN A 104 -9.07 -15.12 6.24
N SER A 105 -9.20 -15.24 4.91
CA SER A 105 -10.04 -14.32 4.13
C SER A 105 -11.47 -14.19 4.63
N ILE A 106 -12.10 -15.32 4.93
CA ILE A 106 -13.53 -15.32 5.24
C ILE A 106 -13.78 -14.77 6.64
N ARG A 107 -12.96 -15.18 7.62
CA ARG A 107 -13.03 -14.57 8.95
C ARG A 107 -12.92 -13.05 8.88
N LEU A 108 -12.00 -12.56 8.05
CA LEU A 108 -11.77 -11.12 7.94
C LEU A 108 -12.93 -10.43 7.21
N SER A 109 -13.58 -11.16 6.30
CA SER A 109 -14.68 -10.61 5.51
C SER A 109 -15.88 -10.21 6.38
N ALA A 110 -15.93 -10.76 7.58
CA ALA A 110 -17.01 -10.46 8.52
C ALA A 110 -16.78 -9.13 9.24
N GLY A 111 -15.61 -8.53 9.03
CA GLY A 111 -15.27 -7.27 9.67
C GLY A 111 -14.27 -6.51 8.84
N GLY A 112 -14.61 -6.29 7.57
CA GLY A 112 -13.71 -5.63 6.65
C GLY A 112 -14.15 -5.85 5.22
N ASP A 113 -13.62 -5.06 4.30
CA ASP A 113 -14.00 -5.16 2.90
C ASP A 113 -13.01 -6.06 2.16
N ILE A 114 -13.45 -7.27 1.84
CA ILE A 114 -12.59 -8.30 1.28
C ILE A 114 -13.23 -8.87 0.01
N TRP A 115 -12.42 -9.10 -1.01
CA TRP A 115 -12.92 -9.63 -2.27
C TRP A 115 -13.58 -11.00 -2.13
N VAL A 116 -14.67 -11.21 -2.86
CA VAL A 116 -15.21 -12.55 -3.08
C VAL A 116 -14.37 -13.21 -4.17
N THR A 117 -13.89 -14.42 -3.89
CA THR A 117 -13.01 -15.11 -4.83
C THR A 117 -13.31 -16.60 -4.89
N ARG A 118 -12.70 -17.27 -5.88
CA ARG A 118 -12.55 -18.72 -5.91
C ARG A 118 -11.39 -19.04 -6.87
N GLU A 119 -11.04 -20.32 -6.95
CA GLU A 119 -9.96 -20.78 -7.82
C GLU A 119 -8.63 -20.04 -7.54
N PRO A 120 -8.17 -20.07 -6.28
CA PRO A 120 -6.92 -19.42 -5.92
C PRO A 120 -5.71 -20.27 -6.34
N TYR A 121 -4.54 -19.66 -6.40
CA TYR A 121 -3.31 -20.39 -6.52
C TYR A 121 -2.14 -19.55 -6.06
N VAL A 122 -0.97 -20.17 -6.01
CA VAL A 122 0.23 -19.49 -5.57
C VAL A 122 1.31 -19.67 -6.63
N SER A 123 2.10 -18.63 -6.85
CA SER A 123 3.27 -18.73 -7.70
C SER A 123 4.31 -17.71 -7.23
N CYS A 124 5.58 -18.03 -7.38
CA CYS A 124 6.63 -17.15 -6.87
C CYS A 124 7.57 -16.67 -7.98
N ASP A 125 8.02 -15.43 -7.86
CA ASP A 125 9.14 -14.98 -8.69
C ASP A 125 10.41 -15.35 -7.92
N PRO A 126 11.58 -15.09 -8.50
CA PRO A 126 12.79 -15.60 -7.85
C PRO A 126 12.99 -15.06 -6.43
N GLY A 127 12.27 -14.02 -6.06
CA GLY A 127 12.43 -13.42 -4.74
C GLY A 127 11.33 -13.73 -3.72
N LYS A 128 10.08 -13.65 -4.15
CA LYS A 128 8.97 -13.80 -3.21
C LYS A 128 7.74 -14.45 -3.83
N CYS A 129 6.83 -14.91 -2.99
CA CYS A 129 5.63 -15.61 -3.46
C CYS A 129 4.41 -14.70 -3.51
N TYR A 130 3.51 -15.00 -4.43
CA TYR A 130 2.27 -14.25 -4.60
C TYR A 130 1.07 -15.18 -4.54
N GLN A 131 -0.04 -14.69 -4.00
CA GLN A 131 -1.30 -15.43 -4.08
C GLN A 131 -2.20 -14.81 -5.15
N PHE A 132 -2.86 -15.68 -5.90
CA PHE A 132 -3.75 -15.28 -6.97
C PHE A 132 -5.13 -15.85 -6.70
N ALA A 133 -6.15 -15.24 -7.28
CA ALA A 133 -7.49 -15.82 -7.26
C ALA A 133 -8.36 -15.14 -8.29
N LEU A 134 -9.45 -15.79 -8.69
CA LEU A 134 -10.42 -15.14 -9.56
C LEU A 134 -11.47 -14.41 -8.72
N GLY A 135 -11.46 -13.09 -8.77
CA GLY A 135 -12.46 -12.31 -8.07
C GLY A 135 -13.82 -12.49 -8.70
N GLN A 136 -14.86 -12.09 -7.98
CA GLN A 136 -16.21 -12.09 -8.53
C GLN A 136 -16.70 -10.65 -8.73
N GLY A 137 -15.76 -9.72 -8.82
CA GLY A 137 -16.08 -8.33 -9.07
C GLY A 137 -16.88 -7.68 -7.96
N THR A 138 -16.67 -8.16 -6.74
CA THR A 138 -17.42 -7.68 -5.58
C THR A 138 -16.72 -8.07 -4.30
N THR A 139 -17.00 -7.32 -3.23
CA THR A 139 -16.57 -7.73 -1.90
C THR A 139 -17.68 -8.60 -1.32
N LEU A 140 -17.42 -9.21 -0.16
CA LEU A 140 -18.34 -10.17 0.41
C LEU A 140 -19.53 -9.51 1.11
N ASP A 141 -19.23 -8.50 1.93
CA ASP A 141 -20.27 -7.74 2.60
C ASP A 141 -20.77 -6.66 1.62
N ASN A 142 -21.61 -7.08 0.69
CA ASN A 142 -21.95 -6.31 -0.50
C ASN A 142 -23.11 -7.05 -1.14
N LYS A 143 -24.18 -6.34 -1.51
CA LYS A 143 -25.32 -7.03 -2.12
C LYS A 143 -24.94 -7.78 -3.40
N HIS A 144 -23.85 -7.36 -4.04
CA HIS A 144 -23.42 -8.03 -5.27
C HIS A 144 -22.80 -9.41 -5.03
N SER A 145 -22.61 -9.78 -3.77
CA SER A 145 -22.05 -11.10 -3.47
C SER A 145 -23.10 -12.20 -3.64
N ASN A 146 -24.37 -11.79 -3.73
CA ASN A 146 -25.47 -12.73 -3.94
C ASN A 146 -25.26 -13.52 -5.24
N ASP A 147 -25.34 -14.85 -5.13
CA ASP A 147 -25.29 -15.75 -6.30
C ASP A 147 -23.93 -15.82 -6.99
N THR A 148 -22.87 -15.67 -6.22
CA THR A 148 -21.51 -15.78 -6.75
C THR A 148 -21.06 -17.23 -6.85
N VAL A 149 -21.98 -18.18 -6.71
CA VAL A 149 -21.63 -19.57 -6.92
C VAL A 149 -21.31 -19.80 -8.41
N HIS A 150 -21.85 -18.95 -9.27
CA HIS A 150 -21.66 -19.11 -10.72
C HIS A 150 -20.20 -18.94 -11.16
N ASP A 151 -19.79 -19.77 -12.11
CA ASP A 151 -18.38 -19.85 -12.51
C ASP A 151 -17.90 -18.72 -13.41
N ARG A 152 -18.77 -18.24 -14.28
CA ARG A 152 -18.31 -17.34 -15.33
C ARG A 152 -19.23 -16.14 -15.50
N ILE A 153 -18.71 -14.98 -15.14
CA ILE A 153 -19.35 -13.70 -15.43
C ILE A 153 -18.29 -12.74 -15.93
N PRO A 154 -18.69 -11.67 -16.63
CA PRO A 154 -17.73 -10.76 -17.26
C PRO A 154 -16.90 -9.99 -16.23
N HIS A 155 -17.34 -10.00 -14.98
CA HIS A 155 -16.74 -9.15 -13.96
C HIS A 155 -15.63 -9.84 -13.20
N ARG A 156 -15.43 -11.13 -13.46
CA ARG A 156 -14.35 -11.86 -12.83
C ARG A 156 -13.01 -11.35 -13.35
N THR A 157 -12.08 -11.10 -12.43
CA THR A 157 -10.75 -10.63 -12.78
C THR A 157 -9.72 -11.38 -11.94
N LEU A 158 -8.51 -11.49 -12.49
CA LEU A 158 -7.43 -12.15 -11.78
C LEU A 158 -6.82 -11.20 -10.76
N LEU A 159 -6.88 -11.60 -9.48
CA LEU A 159 -6.29 -10.82 -8.39
C LEU A 159 -4.91 -11.35 -8.06
N MET A 160 -4.02 -10.45 -7.65
CA MET A 160 -2.64 -10.81 -7.34
C MET A 160 -2.13 -9.97 -6.17
N ASN A 161 -1.76 -10.62 -5.07
CA ASN A 161 -1.16 -9.99 -3.90
C ASN A 161 0.09 -10.77 -3.48
N GLU A 162 0.96 -10.15 -2.69
CA GLU A 162 1.99 -10.93 -2.02
C GLU A 162 1.30 -11.97 -1.15
N LEU A 163 1.88 -13.18 -1.11
CA LEU A 163 1.33 -14.27 -0.31
C LEU A 163 1.15 -13.83 1.14
N GLY A 164 -0.06 -14.00 1.68
CA GLY A 164 -0.31 -13.62 3.05
C GLY A 164 -1.01 -12.28 3.20
N VAL A 165 -1.06 -11.52 2.10
CA VAL A 165 -1.85 -10.28 2.10
C VAL A 165 -3.26 -10.60 1.62
N PRO A 166 -4.26 -10.44 2.50
CA PRO A 166 -5.64 -10.77 2.14
C PRO A 166 -6.08 -9.90 0.97
N PHE A 167 -7.08 -10.35 0.23
CA PHE A 167 -7.56 -9.59 -0.92
C PHE A 167 -8.44 -8.43 -0.47
N HIS A 168 -7.79 -7.35 -0.06
CA HIS A 168 -8.45 -6.11 0.33
C HIS A 168 -8.68 -5.22 -0.90
N LEU A 169 -9.23 -4.03 -0.68
CA LEU A 169 -9.61 -3.16 -1.80
C LEU A 169 -8.45 -2.53 -2.58
N GLY A 170 -7.24 -2.66 -2.06
CA GLY A 170 -6.05 -2.16 -2.73
C GLY A 170 -5.40 -3.22 -3.59
N THR A 171 -6.05 -4.38 -3.68
CA THR A 171 -5.57 -5.49 -4.50
C THR A 171 -5.60 -5.16 -5.99
N ARG A 172 -4.54 -5.48 -6.71
CA ARG A 172 -4.52 -5.26 -8.16
C ARG A 172 -5.24 -6.36 -8.94
N GLN A 173 -6.16 -5.95 -9.81
CA GLN A 173 -6.75 -6.84 -10.79
C GLN A 173 -5.86 -6.85 -12.04
N VAL A 174 -5.24 -7.99 -12.29
CA VAL A 174 -4.19 -8.13 -13.28
C VAL A 174 -4.71 -8.26 -14.73
N CYS A 175 -5.92 -8.79 -14.86
CA CYS A 175 -6.54 -8.96 -16.18
C CYS A 175 -7.97 -9.42 -15.98
N ILE A 176 -8.73 -9.47 -17.06
CA ILE A 176 -10.11 -9.97 -16.99
C ILE A 176 -10.06 -11.48 -17.20
N ALA A 177 -10.68 -12.23 -16.30
CA ALA A 177 -10.52 -13.69 -16.35
C ALA A 177 -11.54 -14.45 -15.52
N TRP A 178 -12.16 -15.47 -16.13
CA TRP A 178 -12.87 -16.48 -15.36
C TRP A 178 -12.16 -17.84 -15.38
N SER A 179 -10.96 -17.85 -15.97
CA SER A 179 -10.05 -18.99 -15.90
C SER A 179 -8.65 -18.41 -16.16
N SER A 180 -7.64 -18.88 -15.44
CA SER A 180 -6.32 -18.27 -15.58
C SER A 180 -5.16 -19.17 -15.19
N SER A 181 -3.97 -18.72 -15.57
CA SER A 181 -2.72 -19.33 -15.14
C SER A 181 -1.66 -18.24 -15.16
N SER A 182 -0.71 -18.28 -14.23
CA SER A 182 0.37 -17.30 -14.20
C SER A 182 1.70 -17.96 -13.90
N CYS A 183 2.78 -17.35 -14.38
CA CYS A 183 4.12 -17.83 -14.05
C CYS A 183 5.18 -16.78 -14.38
N HIS A 184 6.32 -16.90 -13.74
CA HIS A 184 7.42 -15.94 -13.90
C HIS A 184 8.58 -16.70 -14.53
N ASP A 185 9.16 -16.16 -15.59
CA ASP A 185 10.21 -16.86 -16.32
C ASP A 185 11.62 -16.50 -15.85
N GLY A 186 11.69 -15.71 -14.78
CA GLY A 186 12.96 -15.29 -14.24
C GLY A 186 13.20 -13.81 -14.51
N LYS A 187 12.52 -13.31 -15.55
CA LYS A 187 12.63 -11.91 -15.94
C LYS A 187 11.32 -11.16 -15.71
N ALA A 188 10.19 -11.79 -16.03
CA ALA A 188 8.90 -11.12 -15.93
C ALA A 188 7.74 -12.08 -15.78
N TRP A 189 6.59 -11.54 -15.38
CA TRP A 189 5.36 -12.34 -15.24
C TRP A 189 4.61 -12.53 -16.55
N LEU A 190 4.13 -13.75 -16.75
CA LEU A 190 3.18 -14.09 -17.79
C LEU A 190 1.83 -14.37 -17.12
N HIS A 191 0.77 -13.81 -17.66
CA HIS A 191 -0.58 -14.13 -17.21
C HIS A 191 -1.38 -14.58 -18.41
N VAL A 192 -2.08 -15.70 -18.25
CA VAL A 192 -2.98 -16.23 -19.27
C VAL A 192 -4.39 -16.09 -18.73
N CYS A 193 -5.21 -15.28 -19.41
CA CYS A 193 -6.50 -14.88 -18.88
C CYS A 193 -7.61 -15.13 -19.89
N ILE A 194 -8.59 -15.94 -19.50
CA ILE A 194 -9.71 -16.28 -20.38
C ILE A 194 -11.01 -15.64 -19.91
N THR A 195 -11.73 -15.00 -20.83
CA THR A 195 -13.00 -14.39 -20.49
C THR A 195 -13.91 -14.38 -21.73
N GLY A 196 -15.14 -13.91 -21.57
CA GLY A 196 -16.05 -13.79 -22.69
C GLY A 196 -17.12 -14.88 -22.72
N ASP A 197 -17.84 -14.97 -23.85
CA ASP A 197 -18.93 -15.95 -24.01
C ASP A 197 -18.45 -17.39 -23.91
N ASP A 198 -19.28 -18.26 -23.32
CA ASP A 198 -18.96 -19.69 -23.20
C ASP A 198 -18.57 -20.31 -24.54
N LYS A 199 -19.32 -19.99 -25.59
CA LYS A 199 -19.12 -20.59 -26.91
C LYS A 199 -18.08 -19.89 -27.78
N ASN A 200 -17.52 -18.79 -27.28
CA ASN A 200 -16.60 -18.00 -28.08
C ASN A 200 -15.70 -17.17 -27.17
N ALA A 201 -14.93 -17.84 -26.31
CA ALA A 201 -14.08 -17.15 -25.34
C ALA A 201 -12.78 -16.66 -25.94
N THR A 202 -12.12 -15.76 -25.22
CA THR A 202 -10.84 -15.21 -25.63
C THR A 202 -9.80 -15.44 -24.53
N ALA A 203 -8.64 -15.96 -24.90
CA ALA A 203 -7.51 -16.06 -23.98
C ALA A 203 -6.50 -14.96 -24.30
N SER A 204 -6.22 -14.11 -23.30
CA SER A 204 -5.22 -13.05 -23.47
C SER A 204 -3.91 -13.46 -22.82
N PHE A 205 -2.81 -13.14 -23.47
CA PHE A 205 -1.50 -13.45 -22.95
C PHE A 205 -0.77 -12.15 -22.66
N ILE A 206 -0.54 -11.90 -21.38
CA ILE A 206 0.03 -10.63 -20.91
C ILE A 206 1.40 -10.92 -20.31
N TYR A 207 2.43 -10.29 -20.88
CA TYR A 207 3.79 -10.52 -20.44
C TYR A 207 4.47 -9.19 -20.12
N ASP A 208 5.11 -9.11 -18.96
CA ASP A 208 5.82 -7.92 -18.55
C ASP A 208 4.91 -6.69 -18.67
N GLY A 209 3.64 -6.88 -18.28
CA GLY A 209 2.72 -5.76 -18.18
C GLY A 209 2.08 -5.29 -19.48
N ARG A 210 2.19 -6.08 -20.55
CA ARG A 210 1.54 -5.73 -21.80
C ARG A 210 0.95 -6.92 -22.52
N LEU A 211 -0.14 -6.69 -23.24
CA LEU A 211 -0.79 -7.74 -23.99
C LEU A 211 0.04 -8.09 -25.22
N VAL A 212 0.45 -9.35 -25.33
CA VAL A 212 1.37 -9.75 -26.38
C VAL A 212 0.69 -10.64 -27.41
N ASP A 213 -0.30 -11.41 -26.96
CA ASP A 213 -0.96 -12.34 -27.87
C ASP A 213 -2.35 -12.66 -27.37
N SER A 214 -3.16 -13.27 -28.23
CA SER A 214 -4.47 -13.75 -27.84
C SER A 214 -4.87 -14.89 -28.77
N ILE A 215 -5.74 -15.76 -28.27
CA ILE A 215 -6.27 -16.84 -29.10
C ILE A 215 -7.74 -17.07 -28.77
N GLY A 216 -8.53 -17.35 -29.80
CA GLY A 216 -9.94 -17.63 -29.62
C GLY A 216 -10.23 -19.10 -29.41
N SER A 217 -11.44 -19.38 -28.95
CA SER A 217 -11.92 -20.72 -28.67
C SER A 217 -11.81 -21.60 -29.92
N TRP A 218 -11.26 -22.80 -29.77
CA TRP A 218 -11.14 -23.71 -30.91
C TRP A 218 -12.23 -24.79 -30.98
N SER A 219 -12.97 -24.99 -29.90
CA SER A 219 -14.06 -25.98 -29.89
C SER A 219 -15.40 -25.36 -29.51
N GLN A 220 -15.42 -24.05 -29.33
CA GLN A 220 -16.65 -23.31 -29.01
C GLN A 220 -17.39 -23.86 -27.79
N ASN A 221 -16.65 -24.27 -26.78
CA ASN A 221 -17.27 -24.83 -25.59
C ASN A 221 -16.42 -24.64 -24.33
N ILE A 222 -16.41 -23.40 -23.84
CA ILE A 222 -15.72 -23.04 -22.60
C ILE A 222 -14.21 -23.31 -22.64
N LEU A 223 -13.49 -22.51 -23.41
CA LEU A 223 -12.03 -22.51 -23.39
C LEU A 223 -11.60 -22.31 -21.94
N ARG A 224 -10.65 -23.12 -21.47
CA ARG A 224 -10.30 -23.07 -20.05
C ARG A 224 -8.88 -23.58 -19.79
N THR A 225 -8.29 -23.15 -18.67
CA THR A 225 -6.90 -23.49 -18.40
C THR A 225 -6.66 -23.98 -16.95
N GLN A 226 -5.43 -23.82 -16.46
CA GLN A 226 -4.98 -24.58 -15.29
C GLN A 226 -5.55 -24.16 -13.92
N GLU A 227 -5.80 -22.87 -13.75
CA GLU A 227 -6.12 -22.32 -12.42
C GLU A 227 -4.99 -22.59 -11.44
N SER A 228 -3.77 -22.70 -11.97
CA SER A 228 -2.57 -22.69 -11.14
C SER A 228 -1.37 -22.27 -11.98
N GLU A 229 -0.18 -22.35 -11.40
CA GLU A 229 0.97 -21.76 -12.07
C GLU A 229 1.37 -22.53 -13.32
N CYS A 230 1.74 -21.79 -14.37
CA CYS A 230 2.41 -22.38 -15.51
C CYS A 230 3.89 -22.51 -15.17
N VAL A 231 4.67 -23.06 -16.10
CA VAL A 231 6.08 -23.37 -15.82
C VAL A 231 6.95 -22.93 -16.98
N CYS A 232 8.05 -22.25 -16.68
CA CYS A 232 8.95 -21.73 -17.70
C CYS A 232 10.34 -22.33 -17.56
N ILE A 233 10.91 -22.77 -18.66
CA ILE A 233 12.30 -23.22 -18.68
C ILE A 233 13.06 -22.52 -19.80
N ASN A 234 14.13 -21.84 -19.43
CA ASN A 234 14.99 -21.15 -20.38
C ASN A 234 14.22 -20.19 -21.30
N GLY A 235 13.21 -19.51 -20.75
CA GLY A 235 12.51 -18.48 -21.50
C GLY A 235 11.28 -18.96 -22.27
N THR A 236 11.00 -20.25 -22.21
CA THR A 236 9.79 -20.80 -22.80
C THR A 236 8.83 -21.28 -21.71
N CYS A 237 7.62 -20.72 -21.70
CA CYS A 237 6.59 -21.11 -20.74
C CYS A 237 5.59 -22.02 -21.41
N THR A 238 5.11 -23.02 -20.68
CA THR A 238 4.11 -23.92 -21.22
C THR A 238 2.84 -23.85 -20.37
N VAL A 239 1.69 -23.94 -21.03
CA VAL A 239 0.41 -23.93 -20.33
C VAL A 239 -0.55 -24.88 -21.04
N VAL A 240 -1.37 -25.57 -20.25
CA VAL A 240 -2.30 -26.56 -20.78
C VAL A 240 -3.69 -25.93 -20.83
N MET A 241 -4.34 -26.04 -21.98
CA MET A 241 -5.67 -25.47 -22.18
C MET A 241 -6.58 -26.48 -22.83
N THR A 242 -7.85 -26.45 -22.45
CA THR A 242 -8.85 -27.36 -22.98
C THR A 242 -10.07 -26.59 -23.49
N ASP A 243 -10.70 -27.12 -24.53
CA ASP A 243 -11.93 -26.55 -25.06
C ASP A 243 -12.77 -27.74 -25.47
N GLY A 244 -14.06 -27.71 -25.17
CA GLY A 244 -14.92 -28.85 -25.49
C GLY A 244 -15.62 -29.41 -24.28
N SER A 245 -16.21 -30.60 -24.44
CA SER A 245 -17.10 -31.16 -23.46
C SER A 245 -16.49 -31.33 -22.06
N ALA A 246 -17.32 -31.08 -21.05
CA ALA A 246 -16.91 -31.27 -19.66
C ALA A 246 -17.14 -32.71 -19.24
N SER A 247 -17.84 -33.46 -20.10
CA SER A 247 -18.24 -34.82 -19.77
C SER A 247 -18.14 -35.75 -20.96
N GLY A 248 -17.08 -35.58 -21.74
CA GLY A 248 -16.87 -36.37 -22.95
C GLY A 248 -15.57 -35.94 -23.59
N ARG A 249 -15.23 -36.55 -24.71
CA ARG A 249 -14.01 -36.20 -25.42
C ARG A 249 -13.92 -34.70 -25.64
N ALA A 250 -12.78 -34.11 -25.29
CA ALA A 250 -12.57 -32.67 -25.49
C ALA A 250 -11.28 -32.45 -26.28
N ASP A 251 -10.95 -31.18 -26.52
CA ASP A 251 -9.79 -30.82 -27.34
C ASP A 251 -8.75 -30.09 -26.50
N THR A 252 -7.78 -30.84 -26.01
CA THR A 252 -6.75 -30.29 -25.15
C THR A 252 -5.48 -29.97 -25.94
N ARG A 253 -4.92 -28.80 -25.67
CA ARG A 253 -3.72 -28.36 -26.38
C ARG A 253 -2.70 -27.81 -25.39
N ILE A 254 -1.42 -28.00 -25.72
CA ILE A 254 -0.35 -27.46 -24.89
C ILE A 254 0.33 -26.33 -25.63
N LEU A 255 0.27 -25.14 -25.04
CA LEU A 255 0.83 -23.96 -25.65
C LEU A 255 2.26 -23.69 -25.16
N PHE A 256 3.12 -23.28 -26.08
CA PHE A 256 4.48 -22.88 -25.74
C PHE A 256 4.64 -21.40 -26.03
N ILE A 257 5.09 -20.64 -25.03
CA ILE A 257 5.04 -19.18 -25.05
C ILE A 257 6.38 -18.54 -24.70
N GLU A 258 6.83 -17.60 -25.51
CA GLU A 258 8.09 -16.90 -25.26
C GLU A 258 7.86 -15.40 -25.18
N GLU A 259 8.11 -14.84 -24.00
CA GLU A 259 7.82 -13.42 -23.75
C GLU A 259 6.41 -13.04 -24.19
N GLY A 260 5.45 -13.92 -23.90
CA GLY A 260 4.05 -13.62 -24.14
C GLY A 260 3.53 -14.03 -25.50
N LYS A 261 4.44 -14.42 -26.40
CA LYS A 261 4.06 -14.78 -27.76
C LYS A 261 3.96 -16.30 -27.93
N ILE A 262 2.83 -16.78 -28.42
CA ILE A 262 2.66 -18.21 -28.68
C ILE A 262 3.57 -18.62 -29.84
N VAL A 263 4.50 -19.53 -29.59
CA VAL A 263 5.45 -19.96 -30.63
C VAL A 263 5.16 -21.36 -31.16
N HIS A 264 4.37 -22.13 -30.42
CA HIS A 264 4.01 -23.47 -30.86
C HIS A 264 2.82 -23.98 -30.05
N ILE A 265 1.98 -24.79 -30.69
CA ILE A 265 0.87 -25.43 -30.01
C ILE A 265 0.89 -26.93 -30.35
N SER A 266 0.97 -27.78 -29.32
CA SER A 266 0.94 -29.23 -29.52
C SER A 266 -0.37 -29.82 -29.02
N PRO A 267 -0.98 -30.71 -29.81
CA PRO A 267 -2.19 -31.40 -29.36
C PRO A 267 -1.84 -32.37 -28.24
N LEU A 268 -2.79 -32.68 -27.37
CA LEU A 268 -2.58 -33.71 -26.37
C LEU A 268 -2.36 -35.04 -27.09
N SER A 269 -1.47 -35.84 -26.55
CA SER A 269 -1.20 -37.17 -27.08
C SER A 269 -1.02 -38.11 -25.88
N GLY A 270 -1.08 -39.42 -26.12
CA GLY A 270 -0.96 -40.38 -25.03
C GLY A 270 -2.30 -40.98 -24.66
N SER A 271 -2.40 -41.57 -23.48
CA SER A 271 -3.61 -42.30 -23.10
C SER A 271 -4.57 -41.58 -22.14
N ALA A 272 -4.25 -40.35 -21.74
CA ALA A 272 -5.20 -39.58 -20.95
C ALA A 272 -6.40 -39.23 -21.81
N GLN A 273 -7.61 -39.48 -21.31
CA GLN A 273 -8.81 -39.33 -22.13
C GLN A 273 -9.59 -38.04 -21.85
N HIS A 274 -9.27 -37.37 -20.76
CA HIS A 274 -9.90 -36.09 -20.45
C HIS A 274 -8.98 -35.32 -19.52
N ILE A 275 -8.71 -34.06 -19.87
CA ILE A 275 -7.72 -33.26 -19.15
C ILE A 275 -8.31 -31.90 -18.79
N GLU A 276 -8.30 -31.59 -17.50
CA GLU A 276 -8.69 -30.27 -17.02
C GLU A 276 -7.79 -29.83 -15.88
N GLU A 277 -7.65 -28.52 -15.74
CA GLU A 277 -7.07 -27.94 -14.55
C GLU A 277 -5.76 -28.59 -14.11
N CYS A 278 -4.81 -28.64 -15.04
CA CYS A 278 -3.51 -29.25 -14.75
C CYS A 278 -2.72 -28.52 -13.66
N SER A 279 -2.13 -29.31 -12.76
CA SER A 279 -1.18 -28.79 -11.78
C SER A 279 0.22 -29.23 -12.21
N CYS A 280 0.99 -28.28 -12.73
CA CYS A 280 2.26 -28.60 -13.39
C CYS A 280 3.45 -28.16 -12.57
N TYR A 281 4.57 -28.85 -12.78
CA TYR A 281 5.80 -28.48 -12.09
C TYR A 281 7.02 -28.78 -12.95
N PRO A 282 8.09 -27.99 -12.79
CA PRO A 282 9.32 -28.25 -13.54
C PRO A 282 9.95 -29.56 -13.11
N ARG A 283 10.31 -30.38 -14.08
CA ARG A 283 11.07 -31.59 -13.81
C ARG A 283 12.13 -31.65 -14.89
N TYR A 284 13.16 -30.84 -14.72
CA TYR A 284 14.15 -30.59 -15.75
C TYR A 284 14.62 -31.89 -16.39
N PRO A 285 14.71 -31.91 -17.74
CA PRO A 285 14.57 -30.81 -18.68
C PRO A 285 13.14 -30.56 -19.16
N GLY A 286 12.15 -31.21 -18.54
CA GLY A 286 10.78 -31.08 -18.97
C GLY A 286 9.83 -30.55 -17.91
N VAL A 287 8.53 -30.64 -18.21
CA VAL A 287 7.47 -30.24 -17.27
C VAL A 287 6.50 -31.40 -17.11
N ARG A 288 6.05 -31.63 -15.88
CA ARG A 288 5.09 -32.69 -15.61
C ARG A 288 3.82 -32.10 -15.00
N CYS A 289 2.66 -32.63 -15.40
CA CYS A 289 1.38 -32.12 -14.92
C CYS A 289 0.49 -33.24 -14.41
N ILE A 290 -0.13 -33.01 -13.25
CA ILE A 290 -1.15 -33.91 -12.72
C ILE A 290 -2.48 -33.18 -12.81
N CYS A 291 -3.47 -33.81 -13.43
CA CYS A 291 -4.66 -33.08 -13.84
C CYS A 291 -5.96 -33.66 -13.28
N ARG A 292 -7.08 -33.19 -13.82
CA ARG A 292 -8.41 -33.66 -13.43
C ARG A 292 -9.12 -34.25 -14.65
N ASP A 293 -9.52 -35.52 -14.56
CA ASP A 293 -10.33 -36.16 -15.60
C ASP A 293 -11.77 -35.99 -15.15
N ASN A 294 -12.57 -35.24 -15.90
CA ASN A 294 -13.93 -34.93 -15.47
C ASN A 294 -14.96 -35.88 -16.07
N TRP A 295 -14.48 -36.89 -16.78
CA TRP A 295 -15.33 -37.73 -17.62
C TRP A 295 -15.44 -39.17 -17.10
N LYS A 296 -14.34 -39.92 -17.17
CA LYS A 296 -14.39 -41.34 -16.80
C LYS A 296 -13.46 -41.76 -15.68
N GLY A 297 -12.59 -40.87 -15.22
CA GLY A 297 -11.59 -41.28 -14.24
C GLY A 297 -11.63 -40.60 -12.89
N SER A 298 -11.50 -41.38 -11.82
CA SER A 298 -11.26 -40.80 -10.50
C SER A 298 -9.78 -40.93 -10.17
N ASN A 299 -9.05 -41.65 -11.03
CA ASN A 299 -7.60 -41.53 -11.03
C ASN A 299 -7.22 -40.25 -11.79
N ARG A 300 -6.13 -39.61 -11.40
CA ARG A 300 -5.70 -38.36 -12.03
C ARG A 300 -4.81 -38.60 -13.26
N PRO A 301 -5.12 -37.94 -14.38
CA PRO A 301 -4.25 -38.01 -15.55
C PRO A 301 -2.90 -37.34 -15.32
N VAL A 302 -1.90 -37.77 -16.08
CA VAL A 302 -0.57 -37.19 -16.04
C VAL A 302 -0.25 -36.69 -17.44
N VAL A 303 0.32 -35.49 -17.54
CA VAL A 303 0.76 -35.00 -18.83
C VAL A 303 2.24 -34.68 -18.76
N ASP A 304 3.02 -35.25 -19.67
CA ASP A 304 4.44 -34.97 -19.75
C ASP A 304 4.74 -34.10 -20.95
N ILE A 305 5.47 -33.02 -20.73
CA ILE A 305 5.75 -32.05 -21.76
C ILE A 305 7.24 -31.96 -22.02
N ASN A 306 7.64 -32.29 -23.24
CA ASN A 306 9.02 -32.14 -23.68
C ASN A 306 9.25 -30.74 -24.22
N MET A 307 10.03 -29.96 -23.49
CA MET A 307 10.25 -28.55 -23.82
C MET A 307 11.24 -28.38 -24.96
N GLU A 308 11.93 -29.46 -25.31
CA GLU A 308 12.97 -29.40 -26.34
C GLU A 308 12.42 -29.62 -27.75
N ASP A 309 11.46 -30.53 -27.91
CA ASP A 309 10.87 -30.78 -29.22
C ASP A 309 9.35 -30.64 -29.23
N TYR A 310 8.79 -30.20 -28.10
CA TYR A 310 7.35 -29.92 -27.98
C TYR A 310 6.49 -31.19 -27.98
N SER A 311 7.11 -32.35 -27.85
CA SER A 311 6.33 -33.58 -27.86
C SER A 311 5.59 -33.75 -26.53
N ILE A 312 4.47 -34.46 -26.58
CA ILE A 312 3.59 -34.63 -25.43
C ILE A 312 3.32 -36.11 -25.18
N ASP A 313 3.29 -36.50 -23.90
CA ASP A 313 2.85 -37.84 -23.54
C ASP A 313 1.86 -37.71 -22.41
N SER A 314 1.02 -38.72 -22.22
CA SER A 314 0.06 -38.68 -21.13
C SER A 314 -0.35 -40.07 -20.69
N SER A 315 -0.82 -40.17 -19.44
CA SER A 315 -1.22 -41.43 -18.85
C SER A 315 -1.99 -41.09 -17.57
N TYR A 316 -1.98 -42.02 -16.61
CA TYR A 316 -2.67 -41.81 -15.33
C TYR A 316 -1.75 -42.17 -14.17
N VAL A 317 -1.90 -41.46 -13.05
CA VAL A 317 -1.13 -41.75 -11.85
C VAL A 317 -1.34 -43.22 -11.47
N CYS A 318 -0.24 -43.94 -11.24
CA CYS A 318 -0.29 -45.37 -10.93
C CYS A 318 -1.02 -45.72 -9.64
N SER A 319 -0.87 -44.87 -8.63
CA SER A 319 -1.38 -45.16 -7.29
C SER A 319 -2.82 -45.66 -7.24
N GLY A 320 -3.04 -46.74 -6.52
CA GLY A 320 -4.38 -47.27 -6.32
C GLY A 320 -5.14 -46.46 -5.31
N LEU A 321 -4.42 -45.60 -4.58
CA LEU A 321 -5.04 -44.59 -3.75
C LEU A 321 -5.23 -43.38 -4.64
N VAL A 322 -6.43 -43.19 -5.15
CA VAL A 322 -6.66 -42.21 -6.21
C VAL A 322 -6.94 -40.82 -5.65
N GLY A 323 -6.70 -39.80 -6.46
CA GLY A 323 -6.68 -38.42 -5.97
C GLY A 323 -7.88 -37.56 -6.26
N ASP A 324 -8.81 -38.04 -7.08
CA ASP A 324 -9.95 -37.21 -7.46
C ASP A 324 -11.08 -37.30 -6.43
N THR A 325 -12.02 -36.38 -6.52
CA THR A 325 -13.28 -36.43 -5.78
C THR A 325 -14.39 -36.04 -6.76
N PRO A 326 -15.40 -36.91 -6.95
CA PRO A 326 -15.60 -38.19 -6.25
C PRO A 326 -14.65 -39.33 -6.64
N ARG A 327 -14.66 -40.37 -5.81
CA ARG A 327 -13.87 -41.57 -6.03
C ARG A 327 -14.46 -42.70 -5.21
N ASN A 328 -14.05 -43.93 -5.48
CA ASN A 328 -14.43 -45.08 -4.67
C ASN A 328 -13.64 -45.05 -3.37
N ASP A 329 -14.11 -45.80 -2.37
CA ASP A 329 -13.31 -45.94 -1.16
C ASP A 329 -12.01 -46.71 -1.48
N ASP A 330 -11.04 -46.62 -0.58
CA ASP A 330 -9.70 -47.16 -0.82
C ASP A 330 -9.67 -48.66 -1.10
N SER A 331 -10.63 -49.39 -0.56
CA SER A 331 -10.64 -50.84 -0.73
C SER A 331 -11.05 -51.25 -2.13
N SER A 332 -11.77 -50.38 -2.83
CA SER A 332 -12.30 -50.72 -4.14
C SER A 332 -11.93 -49.71 -5.24
N SER A 333 -10.94 -48.87 -4.96
CA SER A 333 -10.43 -47.96 -5.98
C SER A 333 -9.29 -48.62 -6.74
N ASN A 334 -9.14 -48.29 -8.01
CA ASN A 334 -8.10 -48.87 -8.84
C ASN A 334 -7.51 -47.86 -9.82
N SER A 335 -6.25 -48.11 -10.19
CA SER A 335 -5.66 -47.45 -11.34
C SER A 335 -4.65 -48.39 -11.99
N ASN A 336 -4.63 -48.43 -13.32
CA ASN A 336 -3.67 -49.25 -14.04
C ASN A 336 -2.57 -48.43 -14.72
N CYS A 337 -2.52 -47.14 -14.41
CA CYS A 337 -1.49 -46.23 -14.94
C CYS A 337 -1.79 -45.73 -16.36
N ARG A 338 -2.76 -46.34 -17.03
CA ARG A 338 -2.95 -46.09 -18.46
C ARG A 338 -4.31 -45.54 -18.86
N ASN A 339 -5.37 -46.06 -18.24
CA ASN A 339 -6.73 -45.72 -18.63
C ASN A 339 -7.47 -45.09 -17.47
N PRO A 340 -8.50 -44.29 -17.76
CA PRO A 340 -9.37 -43.84 -16.67
C PRO A 340 -10.02 -45.05 -16.04
N ASN A 341 -10.22 -45.03 -14.73
CA ASN A 341 -10.65 -46.23 -14.02
C ASN A 341 -12.16 -46.54 -14.10
N ASN A 342 -12.94 -45.61 -14.64
CA ASN A 342 -14.39 -45.77 -14.69
C ASN A 342 -15.01 -46.06 -13.31
N GLU A 343 -14.43 -45.45 -12.28
CA GLU A 343 -14.96 -45.54 -10.92
C GLU A 343 -15.38 -44.16 -10.46
N ARG A 344 -16.69 -43.93 -10.40
CA ARG A 344 -17.22 -42.60 -10.08
C ARG A 344 -16.45 -41.53 -10.84
N GLY A 345 -16.21 -41.79 -12.11
CA GLY A 345 -15.31 -40.99 -12.92
C GLY A 345 -15.82 -39.60 -13.24
N THR A 346 -17.12 -39.44 -13.42
CA THR A 346 -17.64 -38.14 -13.83
C THR A 346 -17.48 -37.10 -12.71
N GLN A 347 -17.32 -35.84 -13.11
CA GLN A 347 -17.05 -34.74 -12.17
C GLN A 347 -15.63 -34.87 -11.63
N GLY A 348 -15.26 -34.01 -10.68
CA GLY A 348 -13.92 -34.08 -10.13
C GLY A 348 -13.56 -32.78 -9.43
N VAL A 349 -12.30 -32.62 -9.08
CA VAL A 349 -11.81 -31.41 -8.44
C VAL A 349 -10.35 -31.24 -8.81
N LYS A 350 -9.88 -30.00 -8.93
CA LYS A 350 -8.46 -29.77 -9.20
C LYS A 350 -7.61 -30.28 -8.04
N GLY A 351 -6.52 -30.99 -8.36
CA GLY A 351 -5.64 -31.54 -7.35
C GLY A 351 -4.20 -31.68 -7.86
N TRP A 352 -3.34 -32.35 -7.12
CA TRP A 352 -1.93 -32.43 -7.48
C TRP A 352 -1.27 -33.70 -6.95
N ALA A 353 -0.12 -34.03 -7.52
CA ALA A 353 0.77 -35.06 -6.98
C ALA A 353 2.12 -34.82 -7.62
N PHE A 354 3.16 -35.44 -7.09
CA PHE A 354 4.46 -35.43 -7.78
C PHE A 354 5.28 -36.66 -7.46
N ASP A 355 6.19 -37.00 -8.36
CA ASP A 355 6.98 -38.22 -8.24
C ASP A 355 8.26 -37.99 -7.46
N ASN A 356 8.68 -39.01 -6.74
CA ASN A 356 10.04 -39.08 -6.23
C ASN A 356 10.54 -40.50 -6.45
N GLY A 357 11.27 -40.70 -7.53
CA GLY A 357 11.69 -42.04 -7.91
C GLY A 357 10.47 -42.88 -8.19
N ASN A 358 10.35 -44.01 -7.50
CA ASN A 358 9.21 -44.90 -7.67
C ASN A 358 8.01 -44.50 -6.82
N ASP A 359 8.21 -43.55 -5.91
CA ASP A 359 7.15 -43.18 -4.97
C ASP A 359 6.40 -41.92 -5.41
N LEU A 360 5.27 -41.67 -4.76
CA LEU A 360 4.39 -40.56 -5.11
C LEU A 360 3.99 -39.77 -3.88
N TRP A 361 4.13 -38.45 -3.92
CA TRP A 361 3.53 -37.59 -2.91
C TRP A 361 2.25 -37.02 -3.50
N MET A 362 1.16 -37.08 -2.75
CA MET A 362 -0.10 -36.58 -3.26
C MET A 362 -0.99 -36.02 -2.16
N GLY A 363 -1.93 -35.16 -2.56
CA GLY A 363 -2.96 -34.69 -1.65
C GLY A 363 -4.32 -35.06 -2.19
N ARG A 364 -5.34 -35.02 -1.34
CA ARG A 364 -6.72 -35.23 -1.76
C ARG A 364 -7.67 -34.85 -0.63
N THR A 365 -8.94 -34.63 -0.96
CA THR A 365 -9.94 -34.39 0.07
C THR A 365 -10.06 -35.65 0.91
N ILE A 366 -10.45 -35.49 2.16
CA ILE A 366 -10.60 -36.66 3.03
C ILE A 366 -11.87 -37.41 2.65
N SER A 367 -12.94 -36.66 2.40
CA SER A 367 -14.20 -37.22 1.92
C SER A 367 -14.04 -37.73 0.48
N LYS A 368 -14.67 -38.87 0.18
CA LYS A 368 -14.57 -39.42 -1.16
C LYS A 368 -15.67 -38.92 -2.07
N GLU A 369 -16.66 -38.22 -1.49
CA GLU A 369 -17.80 -37.76 -2.27
C GLU A 369 -17.91 -36.23 -2.36
N SER A 370 -17.31 -35.53 -1.40
CA SER A 370 -17.46 -34.07 -1.36
C SER A 370 -16.15 -33.36 -1.06
N ARG A 371 -16.11 -32.06 -1.31
CA ARG A 371 -14.91 -31.28 -1.08
C ARG A 371 -14.78 -30.89 0.39
N SER A 372 -14.49 -31.92 1.18
CA SER A 372 -14.45 -31.79 2.63
C SER A 372 -13.16 -32.43 3.11
N GLY A 373 -12.46 -31.73 4.00
CA GLY A 373 -11.20 -32.25 4.54
C GLY A 373 -10.09 -32.21 3.51
N TYR A 374 -8.85 -32.40 3.97
CA TYR A 374 -7.72 -32.51 3.07
C TYR A 374 -6.58 -33.24 3.75
N GLU A 375 -5.99 -34.19 3.04
CA GLU A 375 -4.88 -34.99 3.57
C GLU A 375 -3.78 -35.12 2.53
N THR A 376 -2.55 -35.31 2.98
CA THR A 376 -1.42 -35.61 2.10
C THR A 376 -0.76 -36.87 2.60
N PHE A 377 -0.10 -37.60 1.70
CA PHE A 377 0.66 -38.77 2.09
C PHE A 377 1.59 -39.20 0.96
N LYS A 378 2.52 -40.10 1.29
CA LYS A 378 3.37 -40.70 0.28
C LYS A 378 2.86 -42.08 -0.03
N VAL A 379 2.82 -42.43 -1.31
CA VAL A 379 2.47 -43.79 -1.71
C VAL A 379 3.73 -44.49 -2.17
N ILE A 380 4.10 -45.55 -1.47
CA ILE A 380 5.27 -46.35 -1.85
C ILE A 380 4.96 -47.06 -3.16
N GLY A 381 5.79 -46.81 -4.17
CA GLY A 381 5.55 -47.35 -5.50
C GLY A 381 4.40 -46.66 -6.21
N GLY A 382 3.92 -45.56 -5.66
CA GLY A 382 2.76 -44.86 -6.20
C GLY A 382 2.97 -44.26 -7.57
N TRP A 383 4.23 -44.07 -7.96
CA TRP A 383 4.51 -43.57 -9.29
C TRP A 383 4.70 -44.70 -10.31
N SER A 384 5.33 -45.79 -9.88
CA SER A 384 5.78 -46.83 -10.80
C SER A 384 5.01 -48.16 -10.73
N THR A 385 4.33 -48.42 -9.62
CA THR A 385 3.63 -49.69 -9.45
C THR A 385 2.13 -49.52 -9.59
N PRO A 386 1.55 -50.08 -10.66
CA PRO A 386 0.10 -49.97 -10.82
C PRO A 386 -0.64 -50.41 -9.57
N ASN A 387 -1.65 -49.63 -9.19
CA ASN A 387 -2.58 -49.99 -8.12
C ASN A 387 -1.97 -50.07 -6.71
N SER A 388 -0.79 -49.48 -6.53
CA SER A 388 -0.13 -49.52 -5.23
C SER A 388 -0.96 -48.80 -4.17
N LYS A 389 -1.08 -49.39 -2.99
CA LYS A 389 -1.91 -48.79 -1.94
C LYS A 389 -1.21 -48.70 -0.58
N SER A 390 0.12 -48.84 -0.59
CA SER A 390 0.88 -48.70 0.64
C SER A 390 1.22 -47.24 0.88
N GLN A 391 0.61 -46.63 1.89
CA GLN A 391 0.91 -45.24 2.19
C GLN A 391 1.68 -45.09 3.48
N VAL A 392 2.34 -43.94 3.62
CA VAL A 392 3.10 -43.62 4.81
C VAL A 392 3.22 -42.10 4.89
N ASN A 393 3.54 -41.58 6.07
CA ASN A 393 3.73 -40.14 6.22
C ASN A 393 2.49 -39.31 5.93
N ARG A 394 1.33 -39.85 6.30
CA ARG A 394 0.09 -39.09 6.17
C ARG A 394 0.14 -37.84 7.05
N GLN A 395 -0.44 -36.76 6.55
CA GLN A 395 -0.70 -35.57 7.36
C GLN A 395 -2.09 -35.05 7.08
N VAL A 396 -2.86 -34.79 8.14
CA VAL A 396 -4.11 -34.06 7.95
C VAL A 396 -3.77 -32.57 7.79
N ILE A 397 -4.31 -31.95 6.74
CA ILE A 397 -4.12 -30.51 6.52
C ILE A 397 -5.39 -29.80 6.96
N VAL A 398 -6.54 -30.37 6.60
CA VAL A 398 -7.82 -29.83 7.01
C VAL A 398 -8.66 -31.02 7.45
N ASP A 399 -9.14 -31.01 8.70
CA ASP A 399 -9.92 -32.16 9.18
C ASP A 399 -11.25 -32.27 8.43
N ASN A 400 -11.88 -33.45 8.49
CA ASN A 400 -13.07 -33.69 7.66
C ASN A 400 -14.36 -33.04 8.16
N ASN A 401 -14.27 -32.26 9.24
CA ASN A 401 -15.41 -31.47 9.69
C ASN A 401 -15.39 -30.07 9.08
N ASN A 402 -14.48 -29.87 8.13
CA ASN A 402 -14.30 -28.55 7.51
C ASN A 402 -14.22 -28.65 5.99
N TRP A 403 -14.66 -27.60 5.30
CA TRP A 403 -14.70 -27.59 3.85
C TRP A 403 -13.32 -27.32 3.24
N SER A 404 -13.02 -28.02 2.16
CA SER A 404 -11.83 -27.70 1.36
C SER A 404 -12.27 -27.23 -0.02
N GLY A 405 -11.65 -27.75 -1.06
CA GLY A 405 -11.89 -27.25 -2.40
C GLY A 405 -10.71 -27.61 -3.31
N TYR A 406 -10.42 -26.75 -4.27
CA TYR A 406 -9.30 -26.98 -5.18
C TYR A 406 -7.96 -27.05 -4.42
N SER A 407 -6.99 -27.71 -5.02
CA SER A 407 -5.62 -27.67 -4.51
C SER A 407 -4.66 -27.74 -5.70
N GLY A 408 -3.43 -27.28 -5.49
CA GLY A 408 -2.48 -27.25 -6.57
C GLY A 408 -1.06 -27.13 -6.09
N ILE A 409 -0.12 -27.39 -6.98
CA ILE A 409 1.28 -27.41 -6.65
C ILE A 409 1.95 -26.10 -7.08
N PHE A 410 3.01 -25.72 -6.38
CA PHE A 410 3.92 -24.71 -6.89
C PHE A 410 5.33 -25.08 -6.48
N SER A 411 6.32 -24.60 -7.24
CA SER A 411 7.69 -25.01 -6.98
C SER A 411 8.56 -23.81 -6.60
N VAL A 412 9.46 -24.02 -5.66
CA VAL A 412 10.31 -22.96 -5.13
C VAL A 412 11.77 -23.39 -5.20
N GLU A 413 12.59 -22.58 -5.85
CA GLU A 413 14.00 -22.91 -6.00
C GLU A 413 14.79 -22.55 -4.75
N GLY A 414 15.42 -23.55 -4.15
CA GLY A 414 16.28 -23.33 -3.01
C GLY A 414 17.73 -23.25 -3.44
N LYS A 415 18.62 -23.21 -2.45
CA LYS A 415 20.04 -23.07 -2.71
C LYS A 415 20.59 -24.21 -3.57
N SER A 416 20.19 -25.45 -3.27
N SER A 416 20.19 -25.44 -3.26
CA SER A 416 20.73 -26.60 -3.97
CA SER A 416 20.73 -26.61 -3.94
C SER A 416 19.67 -27.52 -4.57
C SER A 416 19.67 -27.47 -4.61
N CYS A 417 18.40 -27.24 -4.30
CA CYS A 417 17.33 -28.06 -4.83
C CYS A 417 16.02 -27.30 -5.08
N ILE A 418 15.14 -27.93 -5.84
CA ILE A 418 13.80 -27.40 -6.08
C ILE A 418 12.83 -28.07 -5.11
N ASN A 419 12.11 -27.26 -4.34
CA ASN A 419 11.15 -27.76 -3.36
C ASN A 419 9.74 -27.74 -3.98
N ARG A 420 8.87 -28.61 -3.50
CA ARG A 420 7.48 -28.60 -3.94
C ARG A 420 6.60 -28.13 -2.79
N CYS A 421 5.64 -27.25 -3.09
CA CYS A 421 4.69 -26.76 -2.10
C CYS A 421 3.29 -26.94 -2.66
N PHE A 422 2.27 -26.77 -1.82
CA PHE A 422 0.90 -26.81 -2.32
C PHE A 422 -0.01 -25.86 -1.54
N TYR A 423 -1.12 -25.47 -2.17
CA TYR A 423 -2.12 -24.68 -1.49
C TYR A 423 -3.42 -25.47 -1.50
N VAL A 424 -4.29 -25.17 -0.54
CA VAL A 424 -5.63 -25.71 -0.53
C VAL A 424 -6.66 -24.57 -0.48
N GLU A 425 -7.59 -24.60 -1.41
CA GLU A 425 -8.72 -23.65 -1.40
C GLU A 425 -9.72 -24.13 -0.38
N LEU A 426 -10.16 -23.23 0.50
CA LEU A 426 -11.13 -23.57 1.53
C LEU A 426 -12.45 -22.85 1.22
N ILE A 427 -13.36 -23.55 0.55
CA ILE A 427 -14.57 -22.93 0.05
C ILE A 427 -15.64 -22.78 1.13
N ARG A 428 -16.20 -21.58 1.26
CA ARG A 428 -17.28 -21.34 2.21
C ARG A 428 -18.50 -20.79 1.49
N GLY A 429 -19.68 -21.01 2.05
CA GLY A 429 -20.90 -20.51 1.45
C GLY A 429 -21.57 -21.56 0.57
N ARG A 430 -22.23 -21.12 -0.49
CA ARG A 430 -23.00 -22.05 -1.33
C ARG A 430 -22.09 -22.86 -2.25
N PRO A 431 -22.53 -24.07 -2.63
CA PRO A 431 -23.85 -24.61 -2.28
C PRO A 431 -23.93 -25.33 -0.93
N GLN A 432 -22.82 -25.56 -0.24
CA GLN A 432 -22.87 -26.40 0.96
C GLN A 432 -23.52 -25.70 2.15
N GLU A 433 -23.32 -24.39 2.25
CA GLU A 433 -23.78 -23.63 3.42
C GLU A 433 -24.75 -22.55 2.95
N THR A 434 -26.04 -22.78 3.16
CA THR A 434 -27.07 -21.95 2.54
C THR A 434 -27.59 -20.80 3.42
N ARG A 435 -27.05 -20.65 4.63
CA ARG A 435 -27.41 -19.50 5.44
C ARG A 435 -27.06 -18.22 4.68
N VAL A 436 -25.92 -18.25 3.98
CA VAL A 436 -25.47 -17.10 3.21
C VAL A 436 -25.81 -17.30 1.74
N TRP A 437 -25.74 -16.23 0.94
CA TRP A 437 -26.08 -16.32 -0.47
C TRP A 437 -24.86 -16.28 -1.38
N TRP A 438 -23.68 -16.10 -0.78
CA TRP A 438 -22.45 -15.99 -1.56
C TRP A 438 -21.62 -17.27 -1.53
N THR A 439 -20.58 -17.30 -2.37
CA THR A 439 -19.59 -18.37 -2.39
C THR A 439 -18.23 -17.70 -2.44
N SER A 440 -17.33 -18.02 -1.52
CA SER A 440 -15.99 -17.45 -1.54
C SER A 440 -15.02 -18.48 -0.95
N ASN A 441 -13.77 -18.10 -0.75
CA ASN A 441 -12.80 -19.02 -0.19
C ASN A 441 -11.70 -18.31 0.58
N SER A 442 -11.03 -19.05 1.44
CA SER A 442 -9.73 -18.62 1.94
C SER A 442 -8.72 -19.68 1.49
N ILE A 443 -7.46 -19.53 1.88
CA ILE A 443 -6.47 -20.53 1.49
C ILE A 443 -5.54 -20.88 2.65
N VAL A 444 -4.99 -22.07 2.59
CA VAL A 444 -3.90 -22.45 3.49
C VAL A 444 -2.79 -23.04 2.60
N VAL A 445 -1.54 -22.86 3.01
CA VAL A 445 -0.41 -23.22 2.16
C VAL A 445 0.66 -23.95 2.95
N PHE A 446 1.17 -25.05 2.39
CA PHE A 446 2.21 -25.87 3.02
C PHE A 446 3.38 -26.06 2.05
N CYS A 447 4.60 -26.22 2.58
CA CYS A 447 5.77 -26.45 1.74
C CYS A 447 6.52 -27.71 2.16
N GLY A 448 7.17 -28.36 1.20
CA GLY A 448 7.93 -29.56 1.48
C GLY A 448 9.02 -29.29 2.49
N THR A 449 9.27 -30.24 3.37
CA THR A 449 10.34 -30.10 4.34
C THR A 449 11.18 -31.37 4.40
N SER A 450 12.47 -31.22 4.68
CA SER A 450 13.32 -32.38 4.92
C SER A 450 13.50 -32.58 6.42
N GLY A 451 12.86 -31.71 7.21
CA GLY A 451 12.96 -31.79 8.66
C GLY A 451 11.84 -32.61 9.26
N THR A 452 11.43 -32.27 10.47
CA THR A 452 10.35 -33.01 11.13
C THR A 452 9.20 -32.07 11.44
N TYR A 453 8.09 -32.63 11.91
CA TYR A 453 6.85 -31.88 12.07
C TYR A 453 5.88 -32.65 12.95
N GLY A 454 4.79 -31.99 13.33
CA GLY A 454 3.78 -32.61 14.17
C GLY A 454 2.45 -32.79 13.45
N THR A 455 1.37 -32.44 14.15
CA THR A 455 0.03 -32.59 13.59
C THR A 455 -0.82 -31.36 13.86
N GLY A 456 -1.89 -31.22 13.08
CA GLY A 456 -2.85 -30.14 13.30
C GLY A 456 -3.96 -30.17 12.27
N SER A 457 -4.74 -29.10 12.25
CA SER A 457 -5.76 -28.91 11.24
C SER A 457 -5.90 -27.42 11.10
N TRP A 458 -5.89 -26.94 9.85
CA TRP A 458 -5.91 -25.50 9.59
C TRP A 458 -7.01 -25.15 8.60
N PRO A 459 -8.26 -25.18 9.06
CA PRO A 459 -9.43 -24.94 8.20
C PRO A 459 -9.70 -23.45 8.05
N ASP A 460 -10.72 -23.09 7.28
CA ASP A 460 -11.05 -21.70 7.05
C ASP A 460 -11.29 -20.95 8.37
N GLY A 461 -12.09 -21.54 9.26
CA GLY A 461 -12.25 -20.99 10.60
C GLY A 461 -13.35 -19.97 10.79
N ALA A 462 -14.03 -19.58 9.72
CA ALA A 462 -15.15 -18.67 9.88
C ALA A 462 -16.38 -19.37 10.45
N ASN A 463 -17.11 -18.67 11.31
CA ASN A 463 -18.37 -19.17 11.83
C ASN A 463 -19.47 -18.67 10.88
N ILE A 464 -20.10 -19.59 10.15
CA ILE A 464 -21.06 -19.19 9.12
C ILE A 464 -22.18 -18.31 9.70
N ASN A 465 -22.45 -18.47 10.99
CA ASN A 465 -23.50 -17.71 11.66
C ASN A 465 -23.10 -16.26 11.95
N PHE A 466 -21.81 -15.97 11.85
CA PHE A 466 -21.31 -14.62 12.10
C PHE A 466 -21.21 -13.81 10.81
N MET A 467 -21.48 -14.44 9.67
CA MET A 467 -21.24 -13.78 8.38
C MET A 467 -22.41 -12.94 7.89
N PRO A 468 -22.11 -11.84 7.18
CA PRO A 468 -23.16 -11.16 6.43
C PRO A 468 -23.71 -12.15 5.42
N ILE A 469 -25.01 -12.17 5.19
CA ILE A 469 -25.58 -13.17 4.29
C ILE A 469 -25.49 -12.72 2.84
N VAL B 82 25.26 -6.98 -0.05
CA VAL B 82 24.93 -6.85 1.37
C VAL B 82 25.66 -7.89 2.22
N GLU B 83 26.12 -7.46 3.40
CA GLU B 83 26.99 -8.28 4.24
C GLU B 83 26.24 -8.78 5.48
N TYR B 84 26.70 -9.90 6.04
CA TYR B 84 26.12 -10.39 7.29
C TYR B 84 26.39 -9.41 8.43
N ARG B 85 25.42 -9.29 9.33
CA ARG B 85 25.59 -8.53 10.56
C ARG B 85 26.54 -9.25 11.51
N ASN B 86 27.41 -8.51 12.15
CA ASN B 86 28.26 -9.05 13.20
C ASN B 86 28.01 -8.40 14.55
N TRP B 87 27.38 -7.22 14.54
CA TRP B 87 27.11 -6.50 15.79
C TRP B 87 28.39 -6.27 16.58
N SER B 88 29.50 -6.09 15.89
CA SER B 88 30.80 -5.96 16.54
C SER B 88 31.15 -4.49 16.83
N LYS B 89 30.25 -3.82 17.52
CA LYS B 89 30.51 -2.47 18.02
C LYS B 89 30.18 -2.47 19.50
N PRO B 90 30.77 -1.53 20.26
CA PRO B 90 30.44 -1.43 21.68
C PRO B 90 28.99 -1.03 21.89
N GLN B 91 28.46 -1.36 23.06
CA GLN B 91 27.10 -0.96 23.42
C GLN B 91 27.08 0.53 23.69
N CYS B 92 26.07 1.21 23.15
CA CYS B 92 25.88 2.64 23.39
C CYS B 92 25.76 2.89 24.89
N GLN B 93 26.43 3.94 25.36
CA GLN B 93 26.30 4.33 26.76
C GLN B 93 25.07 5.21 26.88
N ILE B 94 24.04 4.70 27.55
CA ILE B 94 22.78 5.42 27.62
C ILE B 94 22.51 6.02 28.99
N THR B 95 21.68 7.05 29.00
CA THR B 95 21.31 7.76 30.22
C THR B 95 19.86 7.45 30.58
N GLY B 96 19.21 6.66 29.72
CA GLY B 96 17.79 6.39 29.83
C GLY B 96 17.21 6.18 28.45
N PHE B 97 15.91 6.35 28.30
CA PHE B 97 15.25 6.06 27.03
C PHE B 97 14.38 7.20 26.53
N ALA B 98 14.26 7.32 25.21
CA ALA B 98 13.44 8.38 24.61
C ALA B 98 12.35 7.75 23.74
N PRO B 99 11.20 8.45 23.61
CA PRO B 99 10.06 7.97 22.84
C PRO B 99 10.41 7.70 21.39
N PHE B 100 9.97 6.57 20.84
CA PHE B 100 10.35 6.19 19.49
C PHE B 100 9.13 5.93 18.61
N SER B 101 8.13 5.22 19.14
CA SER B 101 6.96 4.84 18.33
C SER B 101 5.74 4.45 19.17
N LYS B 102 4.55 4.62 18.58
CA LYS B 102 3.31 4.23 19.23
C LYS B 102 2.32 3.94 18.11
N ASP B 103 1.56 2.85 18.20
CA ASP B 103 0.68 2.55 17.07
C ASP B 103 -0.81 2.85 17.25
N ASN B 104 -1.26 3.04 18.50
CA ASN B 104 -2.64 3.46 18.77
C ASN B 104 -3.70 2.47 18.25
N SER B 105 -3.34 1.18 18.22
CA SER B 105 -4.15 0.17 17.54
C SER B 105 -5.59 0.11 18.04
N ILE B 106 -5.77 0.17 19.35
CA ILE B 106 -7.08 -0.02 19.94
C ILE B 106 -7.98 1.20 19.72
N ARG B 107 -7.44 2.40 19.91
CA ARG B 107 -8.20 3.60 19.58
C ARG B 107 -8.70 3.57 18.13
N LEU B 108 -7.84 3.15 17.21
CA LEU B 108 -8.22 3.10 15.81
C LEU B 108 -9.25 2.01 15.52
N SER B 109 -9.18 0.91 16.27
CA SER B 109 -10.10 -0.22 16.08
C SER B 109 -11.56 0.15 16.28
N ALA B 110 -11.78 1.27 16.96
CA ALA B 110 -13.13 1.75 17.23
C ALA B 110 -13.71 2.49 16.03
N GLY B 111 -12.89 2.70 15.00
CA GLY B 111 -13.34 3.39 13.81
C GLY B 111 -12.50 3.01 12.62
N GLY B 112 -12.46 1.73 12.32
CA GLY B 112 -11.64 1.22 11.25
C GLY B 112 -11.42 -0.26 11.43
N ASP B 113 -10.99 -0.95 10.39
CA ASP B 113 -10.78 -2.39 10.45
C ASP B 113 -9.33 -2.69 10.80
N ILE B 114 -9.12 -3.14 12.03
CA ILE B 114 -7.78 -3.36 12.57
C ILE B 114 -7.73 -4.77 13.14
N TRP B 115 -6.64 -5.48 12.86
CA TRP B 115 -6.43 -6.84 13.39
C TRP B 115 -6.47 -6.90 14.90
N VAL B 116 -7.05 -7.98 15.40
CA VAL B 116 -6.90 -8.35 16.81
C VAL B 116 -5.55 -9.07 16.93
N THR B 117 -4.74 -8.66 17.89
CA THR B 117 -3.42 -9.24 18.05
C THR B 117 -3.06 -9.41 19.52
N ARG B 118 -1.95 -10.13 19.76
CA ARG B 118 -1.23 -10.07 21.04
C ARG B 118 0.21 -10.54 20.77
N GLU B 119 1.04 -10.53 21.81
CA GLU B 119 2.43 -10.93 21.69
C GLU B 119 3.18 -10.18 20.57
N PRO B 120 3.18 -8.84 20.63
CA PRO B 120 3.87 -8.06 19.61
C PRO B 120 5.37 -8.03 19.87
N TYR B 121 6.15 -7.65 18.86
CA TYR B 121 7.55 -7.33 19.06
C TYR B 121 8.09 -6.47 17.93
N VAL B 122 9.33 -6.02 18.08
CA VAL B 122 9.94 -5.17 17.07
C VAL B 122 11.28 -5.74 16.65
N SER B 123 11.60 -5.61 15.37
CA SER B 123 12.91 -6.03 14.87
C SER B 123 13.24 -5.22 13.63
N CYS B 124 14.52 -4.93 13.43
CA CYS B 124 14.90 -4.06 12.33
C CYS B 124 15.85 -4.74 11.36
N ASP B 125 15.68 -4.46 10.08
CA ASP B 125 16.72 -4.78 9.10
C ASP B 125 17.74 -3.63 9.15
N PRO B 126 18.82 -3.71 8.36
CA PRO B 126 19.84 -2.66 8.54
C PRO B 126 19.33 -1.26 8.24
N GLY B 127 18.22 -1.12 7.51
CA GLY B 127 17.70 0.18 7.18
C GLY B 127 16.55 0.69 8.03
N LYS B 128 15.60 -0.17 8.34
CA LYS B 128 14.38 0.27 9.01
C LYS B 128 13.79 -0.77 9.95
N CYS B 129 12.92 -0.31 10.85
CA CYS B 129 12.31 -1.18 11.84
C CYS B 129 10.91 -1.66 11.44
N TYR B 130 10.57 -2.87 11.91
CA TYR B 130 9.27 -3.47 11.65
C TYR B 130 8.59 -3.87 12.96
N GLN B 131 7.26 -3.76 12.98
CA GLN B 131 6.51 -4.31 14.10
C GLN B 131 5.85 -5.62 13.71
N PHE B 132 5.88 -6.56 14.64
CA PHE B 132 5.33 -7.90 14.45
C PHE B 132 4.29 -8.15 15.53
N ALA B 133 3.35 -9.06 15.28
CA ALA B 133 2.43 -9.51 16.31
C ALA B 133 1.74 -10.77 15.84
N LEU B 134 1.17 -11.52 16.78
CA LEU B 134 0.41 -12.70 16.41
C LEU B 134 -1.04 -12.29 16.27
N GLY B 135 -1.54 -12.30 15.04
CA GLY B 135 -2.94 -12.01 14.80
C GLY B 135 -3.82 -13.12 15.36
N GLN B 136 -5.11 -12.84 15.47
CA GLN B 136 -6.08 -13.85 15.89
C GLN B 136 -7.01 -14.21 14.73
N GLY B 137 -6.55 -13.95 13.50
CA GLY B 137 -7.32 -14.29 12.33
C GLY B 137 -8.62 -13.53 12.19
N THR B 138 -8.66 -12.32 12.74
CA THR B 138 -9.87 -11.52 12.74
C THR B 138 -9.54 -10.07 13.04
N THR B 139 -10.44 -9.17 12.62
CA THR B 139 -10.38 -7.79 13.06
C THR B 139 -11.19 -7.64 14.33
N LEU B 140 -11.10 -6.48 14.97
CA LEU B 140 -11.70 -6.27 16.27
C LEU B 140 -13.21 -6.06 16.19
N ASP B 141 -13.64 -5.20 15.28
CA ASP B 141 -15.07 -4.98 15.06
C ASP B 141 -15.57 -6.05 14.08
N ASN B 142 -15.85 -7.22 14.63
CA ASN B 142 -16.02 -8.46 13.88
C ASN B 142 -16.48 -9.47 14.92
N LYS B 143 -17.54 -10.22 14.64
CA LYS B 143 -18.03 -11.19 15.64
C LYS B 143 -16.99 -12.26 15.98
N HIS B 144 -16.01 -12.46 15.10
CA HIS B 144 -14.97 -13.44 15.37
C HIS B 144 -14.00 -13.01 16.45
N SER B 145 -14.11 -11.76 16.88
CA SER B 145 -13.21 -11.26 17.93
C SER B 145 -13.60 -11.82 19.30
N ASN B 146 -14.81 -12.37 19.39
CA ASN B 146 -15.26 -12.97 20.64
C ASN B 146 -14.35 -14.12 21.09
N ASP B 147 -13.96 -14.11 22.36
CA ASP B 147 -13.15 -15.19 22.96
C ASP B 147 -11.71 -15.27 22.42
N THR B 148 -11.14 -14.13 22.05
CA THR B 148 -9.76 -14.11 21.60
C THR B 148 -8.74 -14.04 22.74
N VAL B 149 -9.21 -14.22 23.97
CA VAL B 149 -8.31 -14.33 25.10
C VAL B 149 -7.46 -15.61 24.97
N HIS B 150 -7.98 -16.59 24.25
CA HIS B 150 -7.29 -17.88 24.11
C HIS B 150 -5.98 -17.77 23.32
N ASP B 151 -4.96 -18.52 23.75
CA ASP B 151 -3.60 -18.34 23.24
C ASP B 151 -3.30 -19.00 21.91
N ARG B 152 -3.94 -20.13 21.63
CA ARG B 152 -3.55 -20.95 20.49
C ARG B 152 -4.76 -21.41 19.68
N ILE B 153 -4.88 -20.88 18.48
CA ILE B 153 -5.85 -21.39 17.50
C ILE B 153 -5.13 -21.48 16.15
N PRO B 154 -5.65 -22.30 15.23
CA PRO B 154 -4.96 -22.50 13.95
C PRO B 154 -4.93 -21.23 13.08
N HIS B 155 -5.74 -20.25 13.44
CA HIS B 155 -5.90 -19.08 12.58
C HIS B 155 -4.95 -17.95 12.94
N ARG B 156 -4.17 -18.15 14.00
CA ARG B 156 -3.16 -17.15 14.36
C ARG B 156 -2.04 -17.17 13.32
N THR B 157 -1.65 -15.98 12.88
CA THR B 157 -0.58 -15.83 11.89
C THR B 157 0.33 -14.69 12.33
N LEU B 158 1.57 -14.73 11.88
CA LEU B 158 2.51 -13.65 12.21
C LEU B 158 2.33 -12.46 11.26
N LEU B 159 1.99 -11.32 11.84
CA LEU B 159 1.79 -10.08 11.08
C LEU B 159 3.07 -9.27 11.09
N MET B 160 3.36 -8.59 9.98
CA MET B 160 4.58 -7.80 9.85
C MET B 160 4.34 -6.53 9.04
N ASN B 161 4.51 -5.38 9.68
CA ASN B 161 4.38 -4.06 9.05
C ASN B 161 5.61 -3.23 9.37
N GLU B 162 5.85 -2.17 8.59
CA GLU B 162 6.82 -1.17 9.04
C GLU B 162 6.37 -0.62 10.38
N LEU B 163 7.32 -0.33 11.26
CA LEU B 163 7.00 0.18 12.58
C LEU B 163 6.19 1.46 12.49
N GLY B 164 5.07 1.52 13.20
CA GLY B 164 4.21 2.69 13.15
C GLY B 164 3.04 2.59 12.18
N VAL B 165 3.04 1.56 11.33
CA VAL B 165 1.89 1.29 10.48
C VAL B 165 0.98 0.31 11.23
N PRO B 166 -0.24 0.75 11.59
CA PRO B 166 -1.14 -0.09 12.37
C PRO B 166 -1.49 -1.34 11.58
N PHE B 167 -1.92 -2.39 12.25
CA PHE B 167 -2.26 -3.62 11.54
C PHE B 167 -3.62 -3.52 10.85
N HIS B 168 -3.62 -2.87 9.68
CA HIS B 168 -4.80 -2.73 8.86
C HIS B 168 -4.96 -3.93 7.92
N LEU B 169 -5.99 -3.93 7.09
CA LEU B 169 -6.30 -5.11 6.29
C LEU B 169 -5.29 -5.41 5.18
N GLY B 170 -4.39 -4.48 4.90
CA GLY B 170 -3.37 -4.69 3.91
C GLY B 170 -2.10 -5.28 4.49
N THR B 171 -2.13 -5.57 5.79
CA THR B 171 -1.00 -6.18 6.50
C THR B 171 -0.69 -7.58 5.97
N ARG B 172 0.59 -7.86 5.77
CA ARG B 172 1.01 -9.19 5.32
C ARG B 172 1.14 -10.18 6.47
N GLN B 173 0.54 -11.36 6.29
CA GLN B 173 0.71 -12.48 7.21
C GLN B 173 1.88 -13.31 6.72
N VAL B 174 2.95 -13.34 7.50
CA VAL B 174 4.24 -13.89 7.08
C VAL B 174 4.32 -15.41 7.24
N CYS B 175 3.53 -15.96 8.14
CA CYS B 175 3.49 -17.41 8.35
C CYS B 175 2.38 -17.73 9.32
N ILE B 176 2.06 -19.02 9.48
CA ILE B 176 1.09 -19.47 10.47
C ILE B 176 1.81 -19.65 11.81
N ALA B 177 1.30 -19.04 12.88
CA ALA B 177 2.02 -19.06 14.15
C ALA B 177 1.17 -18.64 15.34
N TRP B 178 1.21 -19.45 16.40
CA TRP B 178 0.74 -18.99 17.71
C TRP B 178 1.90 -18.74 18.68
N SER B 179 3.13 -18.89 18.17
CA SER B 179 4.35 -18.50 18.87
C SER B 179 5.40 -18.23 17.80
N SER B 180 6.20 -17.19 17.96
CA SER B 180 7.14 -16.83 16.90
C SER B 180 8.38 -16.06 17.35
N SER B 181 9.35 -15.99 16.44
CA SER B 181 10.52 -15.15 16.60
C SER B 181 10.99 -14.77 15.19
N SER B 182 11.54 -13.58 15.03
CA SER B 182 12.05 -13.15 13.73
C SER B 182 13.34 -12.37 13.90
N CYS B 183 14.20 -12.44 12.89
CA CYS B 183 15.41 -11.62 12.87
C CYS B 183 16.01 -11.56 11.47
N HIS B 184 16.80 -10.51 11.25
CA HIS B 184 17.42 -10.26 9.95
C HIS B 184 18.93 -10.43 10.12
N ASP B 185 19.55 -11.24 9.27
CA ASP B 185 20.97 -11.55 9.44
C ASP B 185 21.87 -10.60 8.69
N GLY B 186 21.28 -9.58 8.07
CA GLY B 186 22.02 -8.61 7.28
C GLY B 186 21.73 -8.76 5.80
N LYS B 187 21.28 -9.96 5.43
CA LYS B 187 20.95 -10.25 4.03
C LYS B 187 19.47 -10.54 3.85
N ALA B 188 18.86 -11.23 4.79
CA ALA B 188 17.45 -11.60 4.68
C ALA B 188 16.80 -11.88 6.03
N TRP B 189 15.47 -11.90 6.03
CA TRP B 189 14.70 -12.21 7.23
C TRP B 189 14.59 -13.70 7.48
N LEU B 190 14.73 -14.07 8.75
CA LEU B 190 14.38 -15.39 9.25
C LEU B 190 13.12 -15.24 10.10
N HIS B 191 12.16 -16.13 9.90
CA HIS B 191 10.99 -16.19 10.76
C HIS B 191 10.89 -17.62 11.29
N VAL B 192 10.69 -17.73 12.60
CA VAL B 192 10.47 -19.02 13.27
C VAL B 192 9.03 -19.04 13.72
N CYS B 193 8.24 -19.95 13.15
CA CYS B 193 6.80 -19.92 13.34
C CYS B 193 6.27 -21.27 13.84
N ILE B 194 5.58 -21.26 14.97
CA ILE B 194 5.07 -22.49 15.59
C ILE B 194 3.54 -22.53 15.59
N THR B 195 2.97 -23.64 15.13
CA THR B 195 1.53 -23.80 15.09
C THR B 195 1.18 -25.28 15.15
N GLY B 196 -0.12 -25.59 15.23
CA GLY B 196 -0.55 -26.98 15.30
C GLY B 196 -1.01 -27.39 16.69
N ASP B 197 -1.22 -28.69 16.86
CA ASP B 197 -1.73 -29.26 18.10
C ASP B 197 -0.81 -29.00 19.29
N ASP B 198 -1.39 -28.78 20.46
CA ASP B 198 -0.61 -28.56 21.68
C ASP B 198 0.39 -29.68 21.92
N LYS B 199 -0.02 -30.92 21.69
CA LYS B 199 0.82 -32.06 22.02
C LYS B 199 1.78 -32.46 20.89
N ASN B 200 1.71 -31.76 19.77
CA ASN B 200 2.48 -32.19 18.60
C ASN B 200 2.62 -31.02 17.62
N ALA B 201 3.19 -29.91 18.09
CA ALA B 201 3.30 -28.72 17.26
C ALA B 201 4.46 -28.80 16.26
N THR B 202 4.47 -27.88 15.31
CA THR B 202 5.50 -27.81 14.28
C THR B 202 6.09 -26.42 14.28
N ALA B 203 7.42 -26.31 14.29
CA ALA B 203 8.09 -25.04 14.08
C ALA B 203 8.61 -25.00 12.65
N SER B 204 8.18 -24.00 11.89
CA SER B 204 8.66 -23.80 10.53
C SER B 204 9.72 -22.70 10.52
N PHE B 205 10.75 -22.88 9.70
CA PHE B 205 11.82 -21.90 9.57
C PHE B 205 11.84 -21.36 8.15
N ILE B 206 11.49 -20.09 8.03
CA ILE B 206 11.32 -19.46 6.73
C ILE B 206 12.40 -18.40 6.59
N TYR B 207 13.19 -18.51 5.52
CA TYR B 207 14.31 -17.60 5.33
C TYR B 207 14.28 -17.04 3.93
N ASP B 208 14.41 -15.72 3.80
CA ASP B 208 14.41 -15.08 2.49
C ASP B 208 13.16 -15.51 1.71
N GLY B 209 12.04 -15.63 2.41
CA GLY B 209 10.76 -15.85 1.77
C GLY B 209 10.47 -17.29 1.37
N ARG B 210 11.27 -18.24 1.85
CA ARG B 210 10.98 -19.63 1.53
C ARG B 210 11.20 -20.55 2.73
N LEU B 211 10.43 -21.63 2.80
CA LEU B 211 10.56 -22.58 3.90
C LEU B 211 11.82 -23.40 3.71
N VAL B 212 12.69 -23.39 4.71
CA VAL B 212 13.99 -24.06 4.58
C VAL B 212 14.12 -25.27 5.51
N ASP B 213 13.46 -25.21 6.66
CA ASP B 213 13.53 -26.31 7.62
C ASP B 213 12.29 -26.35 8.49
N SER B 214 12.13 -27.43 9.25
CA SER B 214 11.11 -27.52 10.28
C SER B 214 11.52 -28.53 11.32
N ILE B 215 10.97 -28.39 12.53
CA ILE B 215 11.20 -29.37 13.58
C ILE B 215 9.90 -29.61 14.33
N GLY B 216 9.70 -30.84 14.77
CA GLY B 216 8.50 -31.19 15.52
C GLY B 216 8.75 -31.14 17.01
N SER B 217 7.66 -31.08 17.76
CA SER B 217 7.68 -31.05 19.23
C SER B 217 8.51 -32.20 19.80
N TRP B 218 9.41 -31.90 20.72
CA TRP B 218 10.25 -32.93 21.33
C TRP B 218 9.75 -33.40 22.71
N SER B 219 8.83 -32.65 23.32
CA SER B 219 8.28 -33.03 24.61
C SER B 219 6.76 -33.17 24.61
N GLN B 220 6.14 -32.95 23.45
CA GLN B 220 4.70 -33.11 23.32
C GLN B 220 3.90 -32.25 24.29
N ASN B 221 4.37 -31.02 24.53
CA ASN B 221 3.66 -30.15 25.45
C ASN B 221 3.91 -28.67 25.15
N ILE B 222 3.28 -28.19 24.08
CA ILE B 222 3.34 -26.77 23.68
C ILE B 222 4.74 -26.26 23.37
N LEU B 223 5.32 -26.77 22.30
CA LEU B 223 6.55 -26.20 21.76
C LEU B 223 6.33 -24.68 21.62
N ARG B 224 7.27 -23.88 22.11
CA ARG B 224 7.07 -22.44 22.13
C ARG B 224 8.39 -21.68 22.12
N THR B 225 8.36 -20.43 21.67
CA THR B 225 9.60 -19.70 21.51
C THR B 225 9.55 -18.27 22.08
N GLN B 226 10.36 -17.37 21.55
CA GLN B 226 10.66 -16.10 22.22
C GLN B 226 9.55 -15.05 22.26
N GLU B 227 8.78 -14.93 21.18
CA GLU B 227 7.86 -13.81 21.00
C GLU B 227 8.62 -12.47 20.98
N SER B 228 9.87 -12.51 20.55
CA SER B 228 10.61 -11.30 20.23
C SER B 228 11.76 -11.66 19.29
N GLU B 229 12.64 -10.71 18.99
CA GLU B 229 13.61 -10.95 17.92
C GLU B 229 14.68 -11.98 18.27
N CYS B 230 15.04 -12.80 17.29
CA CYS B 230 16.22 -13.66 17.42
C CYS B 230 17.45 -12.81 17.09
N VAL B 231 18.64 -13.40 17.18
CA VAL B 231 19.87 -12.66 16.98
C VAL B 231 20.82 -13.42 16.07
N CYS B 232 21.39 -12.73 15.09
CA CYS B 232 22.27 -13.36 14.10
C CYS B 232 23.65 -12.72 14.16
N ILE B 233 24.68 -13.54 14.22
CA ILE B 233 26.05 -13.04 14.11
C ILE B 233 26.79 -13.80 13.01
N ASN B 234 27.29 -13.06 12.03
CA ASN B 234 28.09 -13.64 10.96
C ASN B 234 27.37 -14.75 10.19
N GLY B 235 26.05 -14.63 10.04
CA GLY B 235 25.29 -15.57 9.24
C GLY B 235 24.65 -16.70 10.02
N THR B 236 24.97 -16.78 11.30
CA THR B 236 24.33 -17.77 12.17
C THR B 236 23.39 -17.09 13.15
N CYS B 237 22.12 -17.46 13.07
CA CYS B 237 21.11 -16.93 13.97
C CYS B 237 20.83 -17.92 15.07
N THR B 238 20.49 -17.43 16.25
CA THR B 238 20.14 -18.32 17.35
C THR B 238 18.75 -17.99 17.91
N VAL B 239 18.03 -19.03 18.31
CA VAL B 239 16.72 -18.85 18.91
C VAL B 239 16.50 -19.85 20.04
N VAL B 240 15.85 -19.41 21.11
CA VAL B 240 15.59 -20.27 22.27
C VAL B 240 14.18 -20.80 22.20
N MET B 241 14.03 -22.10 22.38
CA MET B 241 12.72 -22.76 22.30
C MET B 241 12.51 -23.70 23.47
N THR B 242 11.27 -23.76 23.97
CA THR B 242 10.97 -24.63 25.10
C THR B 242 9.80 -25.56 24.78
N ASP B 243 9.85 -26.78 25.30
CA ASP B 243 8.75 -27.73 25.15
C ASP B 243 8.65 -28.42 26.49
N GLY B 244 7.43 -28.57 27.02
CA GLY B 244 7.27 -29.19 28.31
C GLY B 244 6.44 -28.35 29.27
N SER B 245 6.47 -28.71 30.55
CA SER B 245 5.56 -28.14 31.54
C SER B 245 5.68 -26.62 31.67
N ALA B 246 4.55 -25.97 31.89
CA ALA B 246 4.53 -24.53 32.14
C ALA B 246 4.77 -24.25 33.62
N SER B 247 4.73 -25.29 34.44
CA SER B 247 4.81 -25.13 35.89
C SER B 247 5.72 -26.19 36.51
N GLY B 248 6.81 -26.51 35.83
CA GLY B 248 7.73 -27.52 36.31
C GLY B 248 8.86 -27.71 35.32
N ARG B 249 9.76 -28.64 35.61
CA ARG B 249 10.89 -28.88 34.73
C ARG B 249 10.45 -29.05 33.28
N ALA B 250 11.07 -28.28 32.39
CA ALA B 250 10.77 -28.38 30.96
C ALA B 250 12.04 -28.68 30.18
N ASP B 251 11.89 -28.79 28.86
CA ASP B 251 13.01 -29.15 27.99
C ASP B 251 13.31 -27.98 27.05
N THR B 252 14.29 -27.17 27.43
CA THR B 252 14.66 -25.99 26.65
C THR B 252 15.87 -26.25 25.78
N ARG B 253 15.80 -25.83 24.52
CA ARG B 253 16.90 -26.03 23.59
C ARG B 253 17.23 -24.75 22.84
N ILE B 254 18.49 -24.59 22.47
CA ILE B 254 18.92 -23.42 21.73
C ILE B 254 19.31 -23.84 20.32
N LEU B 255 18.63 -23.27 19.33
CA LEU B 255 18.86 -23.63 17.94
C LEU B 255 19.81 -22.65 17.28
N PHE B 256 20.68 -23.18 16.42
CA PHE B 256 21.59 -22.36 15.62
C PHE B 256 21.23 -22.58 14.16
N ILE B 257 20.98 -21.50 13.44
CA ILE B 257 20.34 -21.56 12.14
C ILE B 257 21.12 -20.75 11.12
N GLU B 258 21.47 -21.37 10.01
CA GLU B 258 22.18 -20.68 8.93
C GLU B 258 21.36 -20.68 7.66
N GLU B 259 20.98 -19.49 7.21
CA GLU B 259 20.08 -19.34 6.07
C GLU B 259 18.85 -20.23 6.16
N GLY B 260 18.27 -20.29 7.36
CA GLY B 260 17.03 -21.03 7.58
C GLY B 260 17.23 -22.50 7.89
N LYS B 261 18.46 -22.97 7.81
CA LYS B 261 18.75 -24.38 8.03
C LYS B 261 19.29 -24.60 9.44
N ILE B 262 18.67 -25.50 10.19
CA ILE B 262 19.16 -25.80 11.53
C ILE B 262 20.50 -26.54 11.41
N VAL B 263 21.55 -25.95 11.96
CA VAL B 263 22.88 -26.58 11.87
C VAL B 263 23.36 -27.20 13.17
N HIS B 264 22.79 -26.76 14.29
CA HIS B 264 23.14 -27.32 15.59
C HIS B 264 22.04 -27.02 16.58
N ILE B 265 21.83 -27.95 17.52
CA ILE B 265 20.89 -27.74 18.62
C ILE B 265 21.59 -28.05 19.94
N SER B 266 21.62 -27.07 20.85
CA SER B 266 22.22 -27.25 22.17
C SER B 266 21.17 -27.27 23.27
N PRO B 267 21.29 -28.22 24.21
CA PRO B 267 20.39 -28.24 25.35
C PRO B 267 20.71 -27.08 26.28
N LEU B 268 19.73 -26.61 27.03
CA LEU B 268 20.00 -25.63 28.07
C LEU B 268 20.96 -26.24 29.09
N SER B 269 21.91 -25.44 29.55
CA SER B 269 22.82 -25.84 30.62
C SER B 269 22.95 -24.68 31.60
N GLY B 270 23.43 -24.96 32.82
CA GLY B 270 23.58 -23.93 33.83
C GLY B 270 22.56 -24.07 34.95
N SER B 271 22.23 -22.97 35.63
CA SER B 271 21.37 -23.05 36.80
C SER B 271 19.95 -22.51 36.64
N ALA B 272 19.62 -21.97 35.47
CA ALA B 272 18.24 -21.58 35.23
C ALA B 272 17.35 -22.82 35.27
N GLN B 273 16.24 -22.75 36.02
CA GLN B 273 15.40 -23.94 36.21
C GLN B 273 14.13 -23.95 35.38
N HIS B 274 13.82 -22.82 34.75
CA HIS B 274 12.66 -22.73 33.87
C HIS B 274 12.83 -21.52 32.96
N ILE B 275 12.71 -21.75 31.65
CA ILE B 275 12.98 -20.73 30.66
C ILE B 275 11.84 -20.60 29.65
N GLU B 276 11.31 -19.40 29.53
CA GLU B 276 10.31 -19.10 28.51
C GLU B 276 10.53 -17.71 27.96
N GLU B 277 10.09 -17.49 26.72
CA GLU B 277 9.96 -16.16 26.17
C GLU B 277 11.20 -15.27 26.36
N CYS B 278 12.34 -15.78 25.92
CA CYS B 278 13.60 -15.05 26.08
C CYS B 278 13.67 -13.76 25.27
N SER B 279 14.14 -12.69 25.90
CA SER B 279 14.40 -11.44 25.21
C SER B 279 15.91 -11.36 25.02
N CYS B 280 16.36 -11.57 23.79
CA CYS B 280 17.79 -11.75 23.52
C CYS B 280 18.40 -10.55 22.82
N TYR B 281 19.69 -10.34 23.05
CA TYR B 281 20.40 -9.29 22.36
C TYR B 281 21.84 -9.68 22.04
N PRO B 282 22.40 -9.11 20.96
CA PRO B 282 23.79 -9.40 20.62
C PRO B 282 24.74 -8.76 21.64
N ARG B 283 25.72 -9.53 22.08
CA ARG B 283 26.75 -9.01 22.98
C ARG B 283 28.05 -9.62 22.50
N TYR B 284 28.54 -9.11 21.38
CA TYR B 284 29.64 -9.72 20.65
C TYR B 284 30.75 -10.14 21.62
N PRO B 285 31.28 -11.37 21.43
CA PRO B 285 31.02 -12.29 20.31
C PRO B 285 29.84 -13.23 20.51
N GLY B 286 29.07 -13.06 21.58
CA GLY B 286 27.96 -13.96 21.86
C GLY B 286 26.59 -13.28 21.90
N VAL B 287 25.62 -14.03 22.40
CA VAL B 287 24.25 -13.54 22.54
C VAL B 287 23.83 -13.73 23.99
N ARG B 288 23.10 -12.76 24.54
CA ARG B 288 22.60 -12.84 25.91
C ARG B 288 21.09 -12.69 25.94
N CYS B 289 20.42 -13.48 26.78
CA CYS B 289 18.96 -13.47 26.85
C CYS B 289 18.49 -13.33 28.29
N ILE B 290 17.47 -12.51 28.49
CA ILE B 290 16.80 -12.38 29.79
C ILE B 290 15.39 -12.92 29.60
N CYS B 291 14.98 -13.86 30.43
CA CYS B 291 13.81 -14.67 30.12
C CYS B 291 12.75 -14.63 31.21
N ARG B 292 11.79 -15.53 31.10
CA ARG B 292 10.70 -15.65 32.07
C ARG B 292 10.79 -17.03 32.71
N ASP B 293 10.87 -17.07 34.04
CA ASP B 293 10.77 -18.34 34.78
C ASP B 293 9.32 -18.44 35.24
N ASN B 294 8.58 -19.41 34.72
CA ASN B 294 7.15 -19.50 35.01
C ASN B 294 6.83 -20.44 36.17
N TRP B 295 7.88 -20.95 36.81
CA TRP B 295 7.76 -22.04 37.77
C TRP B 295 8.05 -21.60 39.21
N LYS B 296 9.30 -21.27 39.49
CA LYS B 296 9.70 -20.94 40.86
C LYS B 296 10.33 -19.56 41.07
N GLY B 297 10.56 -18.83 39.99
CA GLY B 297 11.28 -17.56 40.13
C GLY B 297 10.50 -16.33 39.74
N SER B 298 10.56 -15.29 40.57
CA SER B 298 10.11 -13.97 40.15
C SER B 298 11.32 -13.13 39.76
N ASN B 299 12.51 -13.69 39.98
CA ASN B 299 13.72 -13.16 39.37
C ASN B 299 13.88 -13.75 37.96
N ARG B 300 14.36 -12.94 37.03
CA ARG B 300 14.44 -13.38 35.63
C ARG B 300 15.70 -14.21 35.36
N PRO B 301 15.53 -15.35 34.68
CA PRO B 301 16.67 -16.15 34.24
C PRO B 301 17.48 -15.44 33.18
N VAL B 302 18.75 -15.81 33.09
CA VAL B 302 19.66 -15.32 32.07
C VAL B 302 20.20 -16.51 31.30
N VAL B 303 20.26 -16.40 29.98
CA VAL B 303 20.88 -17.44 29.16
C VAL B 303 21.99 -16.82 28.33
N ASP B 304 23.19 -17.40 28.40
CA ASP B 304 24.32 -16.91 27.61
C ASP B 304 24.65 -17.93 26.53
N ILE B 305 24.73 -17.45 25.30
CA ILE B 305 24.93 -18.33 24.16
C ILE B 305 26.27 -18.03 23.49
N ASN B 306 27.13 -19.04 23.44
CA ASN B 306 28.42 -18.93 22.78
C ASN B 306 28.27 -19.33 21.32
N MET B 307 28.41 -18.36 20.42
CA MET B 307 28.16 -18.57 18.99
C MET B 307 29.30 -19.30 18.31
N GLU B 308 30.45 -19.38 18.98
CA GLU B 308 31.64 -20.00 18.40
C GLU B 308 31.67 -21.52 18.62
N ASP B 309 31.35 -21.97 19.83
CA ASP B 309 31.36 -23.41 20.11
C ASP B 309 30.00 -23.97 20.53
N TYR B 310 28.97 -23.12 20.47
CA TYR B 310 27.60 -23.52 20.74
C TYR B 310 27.31 -23.84 22.20
N SER B 311 28.26 -23.57 23.10
CA SER B 311 28.03 -23.87 24.51
C SER B 311 27.01 -22.90 25.13
N ILE B 312 26.33 -23.37 26.16
CA ILE B 312 25.26 -22.62 26.80
C ILE B 312 25.52 -22.47 28.29
N ASP B 313 25.21 -21.31 28.84
CA ASP B 313 25.26 -21.13 30.28
C ASP B 313 23.99 -20.42 30.70
N SER B 314 23.62 -20.52 31.97
CA SER B 314 22.41 -19.85 32.43
C SER B 314 22.46 -19.60 33.93
N SER B 315 21.73 -18.57 34.36
CA SER B 315 21.67 -18.17 35.76
C SER B 315 20.45 -17.27 35.96
N TYR B 316 20.51 -16.40 36.96
CA TYR B 316 19.45 -15.42 37.19
C TYR B 316 20.01 -14.01 37.32
N VAL B 317 19.22 -13.03 36.91
CA VAL B 317 19.59 -11.63 37.08
C VAL B 317 19.88 -11.37 38.57
N CYS B 318 21.01 -10.74 38.85
CA CYS B 318 21.44 -10.46 40.23
C CYS B 318 20.53 -9.53 41.01
N SER B 319 19.97 -8.54 40.32
CA SER B 319 19.22 -7.47 40.97
C SER B 319 18.18 -7.94 41.97
N GLY B 320 18.17 -7.31 43.13
CA GLY B 320 17.17 -7.57 44.15
C GLY B 320 15.85 -6.90 43.80
N LEU B 321 15.90 -5.94 42.88
CA LEU B 321 14.67 -5.41 42.28
C LEU B 321 14.37 -6.31 41.09
N VAL B 322 13.45 -7.25 41.29
CA VAL B 322 13.24 -8.31 40.30
C VAL B 322 12.25 -7.89 39.21
N GLY B 323 12.33 -8.57 38.06
CA GLY B 323 11.65 -8.10 36.86
C GLY B 323 10.35 -8.76 36.49
N ASP B 324 10.04 -9.90 37.11
CA ASP B 324 8.85 -10.65 36.74
C ASP B 324 7.58 -10.08 37.40
N THR B 325 6.42 -10.51 36.91
CA THR B 325 5.14 -10.24 37.56
C THR B 325 4.35 -11.54 37.49
N PRO B 326 3.89 -12.06 38.64
CA PRO B 326 3.94 -11.46 39.98
C PRO B 326 5.33 -11.52 40.63
N ARG B 327 5.46 -10.79 41.72
CA ARG B 327 6.70 -10.72 42.51
C ARG B 327 6.38 -10.14 43.88
N ASN B 328 7.32 -10.25 44.81
CA ASN B 328 7.21 -9.59 46.10
C ASN B 328 7.44 -8.10 45.94
N ASP B 329 7.01 -7.31 46.93
CA ASP B 329 7.33 -5.88 46.92
C ASP B 329 8.85 -5.69 47.08
N ASP B 330 9.33 -4.48 46.78
CA ASP B 330 10.77 -4.23 46.75
C ASP B 330 11.48 -4.51 48.07
N SER B 331 10.79 -4.32 49.19
CA SER B 331 11.41 -4.52 50.49
C SER B 331 11.62 -5.99 50.84
N SER B 332 10.90 -6.87 50.15
CA SER B 332 10.98 -8.30 50.47
C SER B 332 11.31 -9.20 49.28
N SER B 333 11.73 -8.61 48.17
CA SER B 333 12.15 -9.40 47.01
C SER B 333 13.64 -9.73 47.10
N ASN B 334 14.04 -10.85 46.53
CA ASN B 334 15.45 -11.25 46.56
C ASN B 334 15.88 -11.96 45.28
N SER B 335 17.17 -11.90 45.00
CA SER B 335 17.80 -12.76 44.00
C SER B 335 19.25 -13.04 44.39
N ASN B 336 19.68 -14.29 44.23
CA ASN B 336 21.08 -14.63 44.52
C ASN B 336 21.94 -14.88 43.27
N CYS B 337 21.37 -14.59 42.10
CA CYS B 337 22.07 -14.73 40.83
C CYS B 337 22.13 -16.16 40.27
N ARG B 338 21.77 -17.15 41.09
CA ARG B 338 21.96 -18.54 40.70
C ARG B 338 20.68 -19.37 40.68
N ASN B 339 19.80 -19.12 41.65
CA ASN B 339 18.59 -19.92 41.80
C ASN B 339 17.34 -19.09 41.66
N PRO B 340 16.23 -19.72 41.25
CA PRO B 340 14.94 -19.04 41.33
C PRO B 340 14.68 -18.68 42.79
N ASN B 341 14.08 -17.52 43.03
CA ASN B 341 13.94 -17.02 44.40
C ASN B 341 12.80 -17.62 45.21
N ASN B 342 11.98 -18.47 44.58
CA ASN B 342 10.80 -19.01 45.25
C ASN B 342 9.96 -17.94 45.94
N GLU B 343 9.85 -16.79 45.30
CA GLU B 343 8.99 -15.71 45.77
C GLU B 343 7.92 -15.43 44.72
N ARG B 344 6.69 -15.86 45.00
CA ARG B 344 5.59 -15.76 44.05
C ARG B 344 6.08 -16.15 42.66
N GLY B 345 6.84 -17.23 42.61
CA GLY B 345 7.54 -17.61 41.40
C GLY B 345 6.64 -18.14 40.29
N THR B 346 5.49 -18.73 40.63
CA THR B 346 4.64 -19.32 39.60
C THR B 346 4.02 -18.22 38.74
N GLN B 347 3.77 -18.53 37.47
CA GLN B 347 3.28 -17.55 36.50
C GLN B 347 4.38 -16.54 36.16
N GLY B 348 4.04 -15.52 35.38
CA GLY B 348 5.04 -14.53 35.01
C GLY B 348 4.60 -13.73 33.80
N VAL B 349 5.52 -12.93 33.27
CA VAL B 349 5.28 -12.12 32.08
C VAL B 349 6.60 -11.97 31.34
N LYS B 350 6.55 -11.92 30.01
CA LYS B 350 7.76 -11.67 29.23
C LYS B 350 8.29 -10.27 29.53
N GLY B 351 9.59 -10.18 29.74
CA GLY B 351 10.25 -8.91 30.03
C GLY B 351 11.69 -8.91 29.55
N TRP B 352 12.45 -7.89 29.92
CA TRP B 352 13.81 -7.73 29.41
C TRP B 352 14.70 -7.02 30.43
N ALA B 353 16.00 -7.08 30.17
CA ALA B 353 17.00 -6.34 30.93
C ALA B 353 18.29 -6.43 30.13
N PHE B 354 19.21 -5.52 30.36
CA PHE B 354 20.54 -5.69 29.78
C PHE B 354 21.63 -5.13 30.69
N ASP B 355 22.81 -5.71 30.56
CA ASP B 355 23.93 -5.34 31.41
C ASP B 355 24.69 -4.16 30.84
N ASN B 356 25.18 -3.29 31.72
CA ASN B 356 26.20 -2.33 31.35
C ASN B 356 27.24 -2.32 32.44
N GLY B 357 28.36 -3.01 32.20
CA GLY B 357 29.37 -3.17 33.23
C GLY B 357 28.76 -3.94 34.38
N ASN B 358 28.88 -3.39 35.58
CA ASN B 358 28.31 -4.03 36.76
C ASN B 358 26.84 -3.70 36.95
N ASP B 359 26.36 -2.73 36.18
CA ASP B 359 25.00 -2.22 36.34
C ASP B 359 24.01 -2.89 35.40
N LEU B 360 22.72 -2.68 35.66
CA LEU B 360 21.67 -3.32 34.88
C LEU B 360 20.59 -2.31 34.52
N TRP B 361 20.24 -2.24 33.23
CA TRP B 361 19.04 -1.53 32.82
C TRP B 361 17.92 -2.55 32.70
N MET B 362 16.74 -2.24 33.23
CA MET B 362 15.63 -3.17 33.17
C MET B 362 14.28 -2.46 33.14
N GLY B 363 13.28 -3.14 32.61
CA GLY B 363 11.91 -2.66 32.69
C GLY B 363 11.11 -3.66 33.49
N ARG B 364 9.96 -3.21 34.00
CA ARG B 364 9.00 -4.13 34.62
C ARG B 364 7.65 -3.43 34.76
N THR B 365 6.60 -4.20 35.01
CA THR B 365 5.32 -3.61 35.34
C THR B 365 5.46 -2.85 36.65
N ILE B 366 4.65 -1.80 36.82
CA ILE B 366 4.69 -1.04 38.07
C ILE B 366 4.01 -1.85 39.19
N SER B 367 2.86 -2.43 38.89
CA SER B 367 2.19 -3.31 39.83
C SER B 367 2.96 -4.62 40.03
N LYS B 368 3.02 -5.10 41.27
CA LYS B 368 3.75 -6.35 41.55
C LYS B 368 2.88 -7.58 41.33
N GLU B 369 1.59 -7.40 41.09
CA GLU B 369 0.69 -8.54 40.98
C GLU B 369 -0.04 -8.61 39.65
N SER B 370 -0.18 -7.48 38.97
CA SER B 370 -0.95 -7.46 37.74
C SER B 370 -0.18 -6.77 36.62
N ARG B 371 -0.59 -7.01 35.39
CA ARG B 371 0.08 -6.42 34.25
C ARG B 371 -0.43 -5.00 34.04
N SER B 372 -0.03 -4.13 34.97
CA SER B 372 -0.48 -2.75 35.00
C SER B 372 0.74 -1.85 35.17
N GLY B 373 0.80 -0.76 34.40
CA GLY B 373 1.91 0.16 34.48
C GLY B 373 3.18 -0.40 33.87
N TYR B 374 4.14 0.48 33.63
CA TYR B 374 5.46 0.07 33.16
C TYR B 374 6.51 1.11 33.49
N GLU B 375 7.63 0.66 34.04
CA GLU B 375 8.71 1.54 34.48
C GLU B 375 10.04 0.96 34.04
N THR B 376 11.01 1.83 33.78
CA THR B 376 12.38 1.40 33.51
C THR B 376 13.29 2.10 34.50
N PHE B 377 14.44 1.49 34.77
CA PHE B 377 15.44 2.13 35.62
C PHE B 377 16.77 1.40 35.51
N LYS B 378 17.81 2.02 36.06
CA LYS B 378 19.11 1.36 36.13
C LYS B 378 19.34 0.92 37.56
N VAL B 379 19.77 -0.32 37.74
CA VAL B 379 20.12 -0.80 39.07
C VAL B 379 21.64 -0.79 39.20
N ILE B 380 22.12 -0.04 40.18
CA ILE B 380 23.56 0.04 40.40
C ILE B 380 24.02 -1.30 40.97
N GLY B 381 24.94 -1.94 40.26
CA GLY B 381 25.41 -3.25 40.63
C GLY B 381 24.40 -4.34 40.34
N GLY B 382 23.37 -4.02 39.54
CA GLY B 382 22.29 -4.96 39.27
C GLY B 382 22.71 -6.16 38.45
N TRP B 383 23.83 -6.07 37.75
CA TRP B 383 24.32 -7.20 37.00
C TRP B 383 25.28 -8.07 37.83
N SER B 384 26.16 -7.43 38.59
CA SER B 384 27.26 -8.13 39.26
C SER B 384 27.04 -8.43 40.74
N THR B 385 26.17 -7.66 41.40
CA THR B 385 26.01 -7.75 42.85
C THR B 385 24.68 -8.38 43.25
N PRO B 386 24.73 -9.58 43.87
CA PRO B 386 23.48 -10.21 44.29
C PRO B 386 22.65 -9.32 45.18
N ASN B 387 21.35 -9.27 44.92
CA ASN B 387 20.38 -8.59 45.76
C ASN B 387 20.53 -7.06 45.80
N SER B 388 21.26 -6.50 44.85
CA SER B 388 21.41 -5.04 44.78
C SER B 388 20.06 -4.34 44.56
N LYS B 389 19.83 -3.25 45.30
CA LYS B 389 18.52 -2.59 45.22
C LYS B 389 18.59 -1.07 45.06
N SER B 390 19.78 -0.55 44.80
CA SER B 390 19.93 0.88 44.55
C SER B 390 19.61 1.18 43.08
N GLN B 391 18.56 1.94 42.84
CA GLN B 391 18.20 2.28 41.45
C GLN B 391 18.39 3.76 41.19
N VAL B 392 18.49 4.10 39.91
CA VAL B 392 18.59 5.50 39.51
C VAL B 392 18.06 5.63 38.09
N ASN B 393 17.71 6.84 37.67
CA ASN B 393 17.25 7.07 36.31
C ASN B 393 15.95 6.35 35.98
N ARG B 394 15.05 6.31 36.95
CA ARG B 394 13.72 5.74 36.71
C ARG B 394 12.95 6.59 35.69
N GLN B 395 12.19 5.91 34.84
CA GLN B 395 11.27 6.57 33.93
C GLN B 395 9.96 5.82 33.95
N VAL B 396 8.86 6.53 34.12
CA VAL B 396 7.55 5.93 33.90
C VAL B 396 7.27 5.87 32.39
N ILE B 397 6.92 4.70 31.89
CA ILE B 397 6.56 4.57 30.48
C ILE B 397 5.03 4.56 30.35
N VAL B 398 4.40 3.81 31.25
CA VAL B 398 2.95 3.71 31.33
C VAL B 398 2.57 3.82 32.80
N ASP B 399 1.75 4.80 33.15
CA ASP B 399 1.39 4.95 34.56
C ASP B 399 0.56 3.78 35.08
N ASN B 400 0.52 3.62 36.41
CA ASN B 400 -0.08 2.42 36.98
C ASN B 400 -1.62 2.38 36.94
N ASN B 401 -2.22 3.44 36.39
CA ASN B 401 -3.67 3.43 36.17
C ASN B 401 -4.01 2.83 34.81
N ASN B 402 -3.00 2.31 34.12
CA ASN B 402 -3.19 1.79 32.77
C ASN B 402 -2.60 0.41 32.56
N TRP B 403 -3.22 -0.39 31.69
CA TRP B 403 -2.77 -1.75 31.46
C TRP B 403 -1.51 -1.82 30.62
N SER B 404 -0.63 -2.75 30.97
CA SER B 404 0.52 -3.02 30.12
C SER B 404 0.46 -4.48 29.63
N GLY B 405 1.55 -5.21 29.76
CA GLY B 405 1.61 -6.55 29.21
C GLY B 405 3.05 -6.98 28.96
N TYR B 406 3.25 -7.77 27.91
CA TYR B 406 4.59 -8.22 27.54
C TYR B 406 5.49 -7.04 27.21
N SER B 407 6.79 -7.25 27.37
CA SER B 407 7.78 -6.29 26.90
C SER B 407 9.02 -7.03 26.43
N GLY B 408 9.80 -6.39 25.57
CA GLY B 408 10.97 -7.06 25.01
C GLY B 408 11.98 -6.10 24.47
N ILE B 409 13.18 -6.60 24.22
CA ILE B 409 14.28 -5.78 23.75
C ILE B 409 14.48 -5.96 22.25
N PHE B 410 15.01 -4.94 21.61
CA PHE B 410 15.58 -5.10 20.27
C PHE B 410 16.80 -4.22 20.17
N SER B 411 17.70 -4.56 19.26
CA SER B 411 18.96 -3.82 19.16
C SER B 411 19.08 -3.16 17.80
N VAL B 412 19.66 -1.96 17.79
CA VAL B 412 19.78 -1.19 16.57
C VAL B 412 21.21 -0.70 16.41
N GLU B 413 21.83 -1.04 15.29
CA GLU B 413 23.21 -0.64 15.04
C GLU B 413 23.30 0.82 14.62
N GLY B 414 24.12 1.58 15.34
CA GLY B 414 24.37 2.97 15.01
C GLY B 414 25.71 3.13 14.33
N LYS B 415 26.13 4.37 14.16
CA LYS B 415 27.38 4.67 13.47
C LYS B 415 28.57 4.01 14.17
N SER B 416 28.64 4.15 15.49
CA SER B 416 29.80 3.65 16.23
C SER B 416 29.44 2.73 17.40
N CYS B 417 28.15 2.49 17.62
CA CYS B 417 27.76 1.65 18.76
C CYS B 417 26.43 0.96 18.50
N ILE B 418 26.14 -0.05 19.32
CA ILE B 418 24.87 -0.75 19.26
C ILE B 418 23.95 -0.20 20.34
N ASN B 419 22.81 0.31 19.93
CA ASN B 419 21.83 0.84 20.87
C ASN B 419 20.86 -0.27 21.29
N ARG B 420 20.28 -0.14 22.47
CA ARG B 420 19.24 -1.05 22.92
C ARG B 420 17.91 -0.31 22.98
N CYS B 421 16.86 -0.94 22.48
CA CYS B 421 15.52 -0.36 22.51
C CYS B 421 14.56 -1.38 23.13
N PHE B 422 13.35 -0.95 23.48
CA PHE B 422 12.34 -1.88 23.96
C PHE B 422 10.93 -1.49 23.54
N TYR B 423 10.04 -2.47 23.50
CA TYR B 423 8.63 -2.21 23.24
C TYR B 423 7.85 -2.67 24.45
N VAL B 424 6.67 -2.11 24.66
CA VAL B 424 5.77 -2.74 25.60
C VAL B 424 4.38 -2.91 25.00
N GLU B 425 3.84 -4.11 25.25
CA GLU B 425 2.51 -4.50 24.81
C GLU B 425 1.49 -3.92 25.77
N LEU B 426 0.49 -3.25 25.22
CA LEU B 426 -0.56 -2.63 26.03
C LEU B 426 -1.86 -3.39 25.80
N ILE B 427 -2.15 -4.33 26.69
CA ILE B 427 -3.24 -5.27 26.50
C ILE B 427 -4.56 -4.69 26.95
N ARG B 428 -5.56 -4.74 26.07
CA ARG B 428 -6.89 -4.28 26.42
C ARG B 428 -7.90 -5.41 26.24
N GLY B 429 -9.00 -5.34 26.99
CA GLY B 429 -10.05 -6.33 26.89
C GLY B 429 -9.91 -7.38 27.97
N ARG B 430 -10.31 -8.60 27.65
CA ARG B 430 -10.33 -9.67 28.64
C ARG B 430 -8.93 -10.17 28.95
N PRO B 431 -8.73 -10.69 30.17
CA PRO B 431 -9.75 -10.88 31.21
C PRO B 431 -10.02 -9.66 32.09
N GLN B 432 -9.20 -8.62 32.02
CA GLN B 432 -9.33 -7.51 32.97
C GLN B 432 -10.57 -6.64 32.73
N GLU B 433 -10.90 -6.42 31.45
CA GLU B 433 -12.01 -5.54 31.11
C GLU B 433 -13.12 -6.33 30.44
N THR B 434 -14.19 -6.58 31.18
CA THR B 434 -15.22 -7.52 30.75
C THR B 434 -16.37 -6.90 29.96
N ARG B 435 -16.37 -5.57 29.80
CA ARG B 435 -17.41 -4.97 28.97
C ARG B 435 -17.35 -5.53 27.56
N VAL B 436 -16.13 -5.85 27.11
CA VAL B 436 -15.94 -6.40 25.76
C VAL B 436 -15.62 -7.89 25.84
N TRP B 437 -15.72 -8.57 24.70
CA TRP B 437 -15.53 -10.01 24.67
C TRP B 437 -14.19 -10.41 24.04
N TRP B 438 -13.44 -9.43 23.56
CA TRP B 438 -12.18 -9.68 22.89
C TRP B 438 -11.00 -9.34 23.77
N THR B 439 -9.82 -9.73 23.30
CA THR B 439 -8.55 -9.35 23.90
C THR B 439 -7.65 -8.91 22.76
N SER B 440 -7.05 -7.73 22.87
CA SER B 440 -6.12 -7.25 21.84
C SER B 440 -5.09 -6.34 22.51
N ASN B 441 -4.24 -5.72 21.71
CA ASN B 441 -3.20 -4.85 22.26
C ASN B 441 -2.78 -3.74 21.30
N SER B 442 -2.19 -2.69 21.85
CA SER B 442 -1.42 -1.77 21.04
C SER B 442 0.01 -1.82 21.56
N ILE B 443 0.89 -0.98 21.02
CA ILE B 443 2.27 -0.96 21.48
C ILE B 443 2.80 0.44 21.67
N VAL B 444 3.81 0.55 22.52
CA VAL B 444 4.59 1.78 22.61
C VAL B 444 6.05 1.36 22.62
N VAL B 445 6.91 2.18 22.04
CA VAL B 445 8.29 1.79 21.81
C VAL B 445 9.25 2.91 22.21
N PHE B 446 10.31 2.57 22.92
CA PHE B 446 11.33 3.53 23.36
C PHE B 446 12.73 3.04 22.96
N CYS B 447 13.64 3.98 22.74
CA CYS B 447 15.02 3.63 22.39
C CYS B 447 16.02 4.29 23.33
N GLY B 448 17.14 3.62 23.57
CA GLY B 448 18.17 4.16 24.43
C GLY B 448 18.66 5.49 23.88
N THR B 449 19.03 6.40 24.77
CA THR B 449 19.58 7.68 24.36
C THR B 449 20.76 8.05 25.24
N SER B 450 21.71 8.78 24.67
CA SER B 450 22.82 9.31 25.46
C SER B 450 22.59 10.78 25.78
N GLY B 451 21.46 11.31 25.30
CA GLY B 451 21.07 12.68 25.58
C GLY B 451 20.23 12.82 26.84
N THR B 452 19.36 13.83 26.85
CA THR B 452 18.48 14.07 27.99
C THR B 452 17.02 13.92 27.60
N TYR B 453 16.14 13.93 28.59
CA TYR B 453 14.73 13.63 28.36
C TYR B 453 13.92 14.07 29.57
N GLY B 454 12.60 14.05 29.44
CA GLY B 454 11.71 14.49 30.50
C GLY B 454 10.87 13.36 31.06
N THR B 455 9.58 13.63 31.22
CA THR B 455 8.66 12.64 31.79
C THR B 455 7.35 12.60 31.01
N GLY B 456 6.61 11.53 31.19
CA GLY B 456 5.29 11.38 30.60
C GLY B 456 4.72 10.01 30.88
N SER B 457 3.64 9.69 30.18
CA SER B 457 3.04 8.38 30.27
C SER B 457 2.36 8.17 28.95
N TRP B 458 2.55 7.00 28.34
CA TRP B 458 2.04 6.74 27.00
C TRP B 458 1.28 5.42 26.97
N PRO B 459 0.08 5.42 27.56
CA PRO B 459 -0.75 4.21 27.65
C PRO B 459 -1.52 3.97 26.37
N ASP B 460 -2.30 2.90 26.32
CA ASP B 460 -3.05 2.55 25.11
C ASP B 460 -3.97 3.70 24.69
N GLY B 461 -4.73 4.23 25.64
CA GLY B 461 -5.51 5.43 25.39
C GLY B 461 -6.92 5.22 24.89
N ALA B 462 -7.31 3.97 24.68
CA ALA B 462 -8.69 3.71 24.26
C ALA B 462 -9.66 3.79 25.45
N ASN B 463 -10.86 4.29 25.18
CA ASN B 463 -11.93 4.29 26.17
C ASN B 463 -12.76 3.02 25.98
N ILE B 464 -12.68 2.11 26.95
CA ILE B 464 -13.34 0.81 26.84
C ILE B 464 -14.83 0.95 26.54
N ASN B 465 -15.44 2.04 27.00
CA ASN B 465 -16.85 2.29 26.77
C ASN B 465 -17.17 2.70 25.34
N PHE B 466 -16.15 3.11 24.60
CA PHE B 466 -16.31 3.50 23.20
C PHE B 466 -16.13 2.34 22.24
N MET B 467 -15.72 1.18 22.75
CA MET B 467 -15.33 0.08 21.89
C MET B 467 -16.50 -0.81 21.46
N PRO B 468 -16.41 -1.40 20.26
CA PRO B 468 -17.31 -2.49 19.88
C PRO B 468 -17.07 -3.62 20.86
N ILE B 469 -18.12 -4.29 21.32
CA ILE B 469 -17.93 -5.32 22.33
C ILE B 469 -17.54 -6.66 21.69
N VAL C 82 24.30 8.94 -3.28
CA VAL C 82 23.50 10.14 -3.02
C VAL C 82 24.28 11.18 -2.22
N GLU C 83 24.11 12.44 -2.58
CA GLU C 83 24.89 13.54 -2.02
C GLU C 83 24.05 14.41 -1.08
N TYR C 84 24.72 15.07 -0.12
CA TYR C 84 24.02 16.04 0.71
C TYR C 84 23.49 17.19 -0.15
N ARG C 85 22.31 17.70 0.20
CA ARG C 85 21.76 18.89 -0.43
C ARG C 85 22.50 20.14 0.03
N ASN C 86 22.76 21.06 -0.90
N ASN C 86 22.75 21.06 -0.90
CA ASN C 86 23.36 22.33 -0.53
CA ASN C 86 23.38 22.33 -0.58
C ASN C 86 22.48 23.53 -0.89
C ASN C 86 22.46 23.51 -0.87
N TRP C 87 21.44 23.27 -1.67
CA TRP C 87 20.49 24.32 -2.04
C TRP C 87 21.21 25.51 -2.65
N SER C 88 22.33 25.25 -3.33
CA SER C 88 23.16 26.33 -3.85
C SER C 88 22.78 26.74 -5.26
N LYS C 89 21.49 27.04 -5.45
CA LYS C 89 21.01 27.59 -6.70
C LYS C 89 20.24 28.86 -6.39
N PRO C 90 20.12 29.76 -7.37
CA PRO C 90 19.35 30.98 -7.13
C PRO C 90 17.87 30.66 -6.91
N GLN C 91 17.16 31.57 -6.24
CA GLN C 91 15.72 31.41 -6.05
C GLN C 91 14.98 31.67 -7.36
N CYS C 92 13.98 30.85 -7.65
CA CYS C 92 13.17 31.01 -8.87
C CYS C 92 12.51 32.38 -8.88
N GLN C 93 12.51 33.03 -10.04
CA GLN C 93 11.77 34.27 -10.19
C GLN C 93 10.31 33.92 -10.41
N ILE C 94 9.44 34.33 -9.50
CA ILE C 94 8.03 33.95 -9.62
C ILE C 94 7.11 35.13 -9.90
N THR C 95 5.94 34.82 -10.46
CA THR C 95 4.94 35.83 -10.80
C THR C 95 3.73 35.61 -9.90
N GLY C 96 3.82 34.58 -9.07
CA GLY C 96 2.69 34.16 -8.25
C GLY C 96 2.76 32.66 -8.03
N PHE C 97 1.62 32.04 -7.71
CA PHE C 97 1.59 30.63 -7.36
C PHE C 97 0.53 29.86 -8.16
N ALA C 98 0.80 28.59 -8.44
CA ALA C 98 -0.14 27.75 -9.18
C ALA C 98 -0.57 26.58 -8.33
N PRO C 99 -1.79 26.06 -8.55
CA PRO C 99 -2.30 24.92 -7.78
C PRO C 99 -1.41 23.69 -7.89
N PHE C 100 -1.17 23.00 -6.77
CA PHE C 100 -0.26 21.87 -6.76
C PHE C 100 -0.92 20.62 -6.20
N SER C 101 -1.58 20.74 -5.04
CA SER C 101 -2.14 19.55 -4.40
C SER C 101 -3.30 19.88 -3.46
N LYS C 102 -4.18 18.90 -3.26
CA LYS C 102 -5.29 19.05 -2.33
C LYS C 102 -5.66 17.66 -1.86
N ASP C 103 -5.89 17.47 -0.56
CA ASP C 103 -6.13 16.11 -0.11
C ASP C 103 -7.58 15.73 0.23
N ASN C 104 -8.46 16.71 0.40
CA ASN C 104 -9.89 16.44 0.59
C ASN C 104 -10.20 15.57 1.80
N SER C 105 -9.37 15.68 2.84
CA SER C 105 -9.45 14.76 3.98
C SER C 105 -10.82 14.72 4.66
N ILE C 106 -11.42 15.89 4.86
CA ILE C 106 -12.64 15.94 5.65
C ILE C 106 -13.85 15.41 4.87
N ARG C 107 -13.93 15.78 3.59
CA ARG C 107 -14.96 15.22 2.71
C ARG C 107 -14.90 13.69 2.71
N LEU C 108 -13.69 13.16 2.64
CA LEU C 108 -13.50 11.70 2.61
C LEU C 108 -13.84 11.05 3.94
N SER C 109 -13.59 11.77 5.04
CA SER C 109 -13.84 11.25 6.39
C SER C 109 -15.30 10.89 6.61
N ALA C 110 -16.19 11.49 5.82
CA ALA C 110 -17.63 11.24 5.95
C ALA C 110 -18.04 9.95 5.25
N GLY C 111 -17.08 9.27 4.64
CA GLY C 111 -17.34 8.02 3.94
C GLY C 111 -16.09 7.18 3.81
N GLY C 112 -15.42 6.97 4.93
CA GLY C 112 -14.17 6.22 4.97
C GLY C 112 -13.44 6.50 6.26
N ASP C 113 -12.45 5.66 6.57
CA ASP C 113 -11.72 5.78 7.82
C ASP C 113 -10.46 6.62 7.59
N ILE C 114 -10.49 7.84 8.10
CA ILE C 114 -9.42 8.82 7.88
C ILE C 114 -8.98 9.39 9.22
N TRP C 115 -7.66 9.58 9.38
CA TRP C 115 -7.11 10.12 10.61
C TRP C 115 -7.63 11.51 10.95
N VAL C 116 -7.84 11.75 12.23
CA VAL C 116 -8.00 13.11 12.74
C VAL C 116 -6.62 13.70 12.91
N THR C 117 -6.40 14.88 12.35
CA THR C 117 -5.10 15.53 12.41
C THR C 117 -5.20 17.04 12.66
N ARG C 118 -4.05 17.66 12.91
CA ARG C 118 -3.88 19.11 12.79
C ARG C 118 -2.39 19.38 12.62
N GLU C 119 -2.04 20.64 12.37
CA GLU C 119 -0.63 21.04 12.20
C GLU C 119 0.09 20.27 11.10
N PRO C 120 -0.47 20.27 9.89
CA PRO C 120 0.13 19.57 8.76
C PRO C 120 1.31 20.36 8.20
N TYR C 121 2.15 19.69 7.43
CA TYR C 121 3.15 20.39 6.62
C TYR C 121 3.61 19.52 5.47
N VAL C 122 4.45 20.10 4.61
CA VAL C 122 4.95 19.39 3.44
C VAL C 122 6.47 19.52 3.38
N SER C 123 7.12 18.44 2.96
CA SER C 123 8.56 18.47 2.77
C SER C 123 8.91 17.42 1.72
N CYS C 124 9.94 17.69 0.92
CA CYS C 124 10.25 16.79 -0.18
C CYS C 124 11.65 16.22 -0.06
N ASP C 125 11.82 14.96 -0.42
CA ASP C 125 13.17 14.44 -0.64
C ASP C 125 13.54 14.81 -2.08
N PRO C 126 14.77 14.48 -2.51
CA PRO C 126 15.18 14.94 -3.84
C PRO C 126 14.28 14.44 -4.97
N GLY C 127 13.49 13.40 -4.71
CA GLY C 127 12.63 12.82 -5.73
C GLY C 127 11.17 13.21 -5.66
N LYS C 128 10.59 13.17 -4.47
CA LYS C 128 9.14 13.37 -4.34
C LYS C 128 8.73 14.07 -3.05
N CYS C 129 7.53 14.62 -3.05
CA CYS C 129 7.02 15.34 -1.89
C CYS C 129 6.17 14.47 -0.96
N TYR C 130 6.23 14.79 0.33
CA TYR C 130 5.47 14.09 1.36
C TYR C 130 4.62 15.05 2.16
N GLN C 131 3.44 14.61 2.56
CA GLN C 131 2.64 15.39 3.49
C GLN C 131 2.75 14.80 4.90
N PHE C 132 2.85 15.69 5.89
CA PHE C 132 2.94 15.32 7.29
C PHE C 132 1.80 15.96 8.06
N ALA C 133 1.49 15.39 9.23
CA ALA C 133 0.57 16.03 10.16
C ALA C 133 0.64 15.33 11.50
N LEU C 134 0.13 15.98 12.53
CA LEU C 134 0.08 15.37 13.84
C LEU C 134 -1.28 14.70 14.03
N GLY C 135 -1.28 13.37 14.08
CA GLY C 135 -2.50 12.64 14.31
C GLY C 135 -3.00 12.89 15.72
N GLN C 136 -4.25 12.52 15.96
CA GLN C 136 -4.84 12.57 17.30
C GLN C 136 -5.10 11.15 17.80
N GLY C 137 -4.42 10.18 17.20
CA GLY C 137 -4.51 8.80 17.63
C GLY C 137 -5.90 8.22 17.42
N THR C 138 -6.62 8.74 16.43
CA THR C 138 -7.98 8.28 16.16
C THR C 138 -8.36 8.65 14.74
N THR C 139 -9.34 7.93 14.19
CA THR C 139 -9.99 8.35 12.95
C THR C 139 -11.15 9.27 13.29
N LEU C 140 -11.75 9.89 12.27
CA LEU C 140 -12.80 10.90 12.52
C LEU C 140 -14.14 10.27 12.90
N ASP C 141 -14.57 9.28 12.11
CA ASP C 141 -15.80 8.56 12.40
C ASP C 141 -15.48 7.48 13.44
N ASN C 142 -15.40 7.90 14.70
CA ASN C 142 -14.80 7.13 15.79
C ASN C 142 -15.11 7.93 17.05
N LYS C 143 -15.65 7.29 18.08
CA LYS C 143 -15.99 8.04 19.29
C LYS C 143 -14.79 8.71 19.93
N HIS C 144 -13.59 8.24 19.61
CA HIS C 144 -12.37 8.84 20.16
C HIS C 144 -12.06 10.20 19.55
N SER C 145 -12.79 10.59 18.51
CA SER C 145 -12.56 11.89 17.89
C SER C 145 -13.14 13.02 18.75
N ASN C 146 -13.98 12.65 19.72
CA ASN C 146 -14.56 13.64 20.63
C ASN C 146 -13.47 14.40 21.37
N ASP C 147 -13.56 15.73 21.36
CA ASP C 147 -12.66 16.60 22.11
C ASP C 147 -11.20 16.60 21.61
N THR C 148 -11.02 16.47 20.31
CA THR C 148 -9.69 16.52 19.70
C THR C 148 -9.24 17.96 19.43
N VAL C 149 -9.96 18.92 19.98
CA VAL C 149 -9.53 20.30 19.87
C VAL C 149 -8.25 20.51 20.68
N HIS C 150 -8.04 19.66 21.69
CA HIS C 150 -6.88 19.78 22.57
C HIS C 150 -5.55 19.54 21.86
N ASP C 151 -4.53 20.31 22.23
CA ASP C 151 -3.27 20.32 21.50
C ASP C 151 -2.33 19.16 21.82
N ARG C 152 -2.32 18.72 23.07
CA ARG C 152 -1.28 17.80 23.52
C ARG C 152 -1.83 16.62 24.30
N ILE C 153 -1.81 15.46 23.66
CA ILE C 153 -2.10 14.19 24.35
C ILE C 153 -1.02 13.18 23.96
N PRO C 154 -0.85 12.14 24.77
CA PRO C 154 0.22 11.16 24.55
C PRO C 154 0.06 10.39 23.24
N HIS C 155 -1.14 10.46 22.67
CA HIS C 155 -1.47 9.60 21.53
C HIS C 155 -1.19 10.26 20.19
N ARG C 156 -0.84 11.54 20.22
CA ARG C 156 -0.47 12.21 18.98
C ARG C 156 0.83 11.64 18.42
N THR C 157 0.83 11.41 17.12
CA THR C 157 1.98 10.84 16.42
C THR C 157 2.13 11.57 15.09
N LEU C 158 3.36 11.63 14.59
CA LEU C 158 3.63 12.27 13.32
C LEU C 158 3.29 11.31 12.18
N LEU C 159 2.37 11.72 11.32
CA LEU C 159 1.97 10.91 10.16
C LEU C 159 2.74 11.37 8.94
N MET C 160 3.03 10.44 8.04
CA MET C 160 3.78 10.76 6.83
C MET C 160 3.32 9.92 5.64
N ASN C 161 2.80 10.59 4.61
CA ASN C 161 2.36 9.96 3.36
C ASN C 161 2.97 10.70 2.18
N GLU C 162 3.01 10.07 1.01
CA GLU C 162 3.30 10.82 -0.21
C GLU C 162 2.24 11.90 -0.36
N LEU C 163 2.64 13.06 -0.86
CA LEU C 163 1.74 14.19 -0.99
C LEU C 163 0.55 13.79 -1.86
N GLY C 164 -0.66 14.03 -1.36
CA GLY C 164 -1.86 13.72 -2.12
C GLY C 164 -2.50 12.40 -1.73
N VAL C 165 -1.81 11.61 -0.91
CA VAL C 165 -2.41 10.39 -0.37
C VAL C 165 -3.04 10.75 0.98
N PRO C 166 -4.37 10.61 1.09
CA PRO C 166 -5.04 11.01 2.33
C PRO C 166 -4.55 10.15 3.48
N PHE C 167 -4.69 10.63 4.70
CA PHE C 167 -4.26 9.86 5.87
C PHE C 167 -5.26 8.76 6.18
N HIS C 168 -5.16 7.67 5.43
CA HIS C 168 -5.94 6.46 5.64
C HIS C 168 -5.24 5.54 6.66
N LEU C 169 -5.82 4.37 6.91
CA LEU C 169 -5.32 3.51 8.00
C LEU C 169 -3.97 2.84 7.73
N GLY C 170 -3.50 2.89 6.49
CA GLY C 170 -2.20 2.35 6.14
C GLY C 170 -1.09 3.39 6.29
N THR C 171 -1.45 4.57 6.78
CA THR C 171 -0.49 5.64 7.02
C THR C 171 0.52 5.28 8.10
N ARG C 172 1.80 5.53 7.85
CA ARG C 172 2.83 5.30 8.86
C ARG C 172 2.94 6.42 9.89
N GLN C 173 2.91 6.04 11.16
CA GLN C 173 3.22 6.96 12.25
C GLN C 173 4.72 6.88 12.51
N VAL C 174 5.39 7.98 12.23
CA VAL C 174 6.84 8.06 12.17
C VAL C 174 7.50 8.21 13.55
N CYS C 175 6.75 8.77 14.49
CA CYS C 175 7.25 8.95 15.84
C CYS C 175 6.12 9.48 16.71
N ILE C 176 6.35 9.52 18.02
CA ILE C 176 5.38 10.08 18.95
C ILE C 176 5.62 11.58 19.03
N ALA C 177 4.60 12.39 18.78
CA ALA C 177 4.79 13.83 18.71
C ALA C 177 3.50 14.63 18.85
N TRP C 178 3.52 15.65 19.71
CA TRP C 178 2.51 16.71 19.66
C TRP C 178 3.09 18.04 19.16
N SER C 179 4.34 18.00 18.72
CA SER C 179 4.99 19.09 18.01
C SER C 179 6.13 18.46 17.22
N SER C 180 6.36 18.90 15.99
CA SER C 180 7.37 18.23 15.16
C SER C 180 7.94 19.08 14.05
N SER C 181 9.03 18.60 13.48
CA SER C 181 9.59 19.17 12.26
C SER C 181 10.31 18.05 11.55
N SER C 182 10.33 18.09 10.21
CA SER C 182 11.03 17.07 9.44
C SER C 182 11.79 17.68 8.28
N CYS C 183 12.86 17.01 7.86
CA CYS C 183 13.59 17.43 6.68
C CYS C 183 14.53 16.33 6.18
N HIS C 184 14.87 16.40 4.90
CA HIS C 184 15.72 15.40 4.26
C HIS C 184 17.01 16.09 3.85
N ASP C 185 18.15 15.52 4.24
CA ASP C 185 19.45 16.17 3.99
C ASP C 185 20.08 15.79 2.65
N GLY C 186 19.35 15.02 1.86
CA GLY C 186 19.84 14.56 0.55
C GLY C 186 20.14 13.07 0.61
N LYS C 187 20.36 12.58 1.81
CA LYS C 187 20.67 11.18 2.05
C LYS C 187 19.56 10.47 2.81
N ALA C 188 19.03 11.12 3.84
CA ALA C 188 18.00 10.50 4.68
C ALA C 188 17.13 11.52 5.40
N TRP C 189 16.01 11.05 5.93
CA TRP C 189 15.08 11.88 6.69
C TRP C 189 15.51 12.08 8.14
N LEU C 190 15.39 13.33 8.60
CA LEU C 190 15.44 13.69 10.00
C LEU C 190 14.04 14.03 10.48
N HIS C 191 13.66 13.49 11.63
CA HIS C 191 12.41 13.86 12.29
C HIS C 191 12.72 14.33 13.69
N VAL C 192 12.18 15.49 14.04
CA VAL C 192 12.29 15.98 15.40
C VAL C 192 10.89 15.93 16.00
N CYS C 193 10.75 15.16 17.07
CA CYS C 193 9.44 14.84 17.60
C CYS C 193 9.40 15.13 19.09
N ILE C 194 8.43 15.93 19.51
CA ILE C 194 8.30 16.31 20.90
C ILE C 194 7.03 15.74 21.54
N THR C 195 7.17 15.10 22.69
CA THR C 195 6.02 14.54 23.38
C THR C 195 6.26 14.55 24.89
N GLY C 196 5.27 14.12 25.66
CA GLY C 196 5.41 14.04 27.10
C GLY C 196 4.72 15.17 27.87
N ASP C 197 5.03 15.28 29.16
CA ASP C 197 4.39 16.27 30.04
C ASP C 197 4.69 17.71 29.63
N ASP C 198 3.71 18.60 29.78
CA ASP C 198 3.89 20.02 29.46
C ASP C 198 5.15 20.61 30.09
N LYS C 199 5.37 20.31 31.37
CA LYS C 199 6.47 20.89 32.12
C LYS C 199 7.79 20.13 32.00
N ASN C 200 7.79 19.02 31.29
CA ASN C 200 8.99 18.17 31.22
C ASN C 200 8.95 17.33 29.94
N ALA C 201 8.91 17.99 28.80
CA ALA C 201 8.78 17.30 27.52
C ALA C 201 10.12 16.75 27.05
N THR C 202 10.05 15.81 26.11
CA THR C 202 11.25 15.26 25.51
C THR C 202 11.20 15.42 24.00
N ALA C 203 12.30 15.91 23.41
CA ALA C 203 12.43 15.95 21.96
C ALA C 203 13.33 14.81 21.51
N SER C 204 12.79 13.94 20.66
CA SER C 204 13.56 12.86 20.06
C SER C 204 14.03 13.25 18.66
N PHE C 205 15.24 12.86 18.32
CA PHE C 205 15.80 13.12 17.01
C PHE C 205 16.05 11.79 16.30
N ILE C 206 15.29 11.56 15.24
CA ILE C 206 15.33 10.31 14.52
C ILE C 206 15.90 10.54 13.13
N TYR C 207 16.98 9.85 12.81
CA TYR C 207 17.64 10.03 11.52
C TYR C 207 17.84 8.69 10.83
N ASP C 208 17.42 8.62 9.57
CA ASP C 208 17.57 7.39 8.79
C ASP C 208 16.95 6.21 9.53
N GLY C 209 15.82 6.46 10.18
CA GLY C 209 15.04 5.39 10.78
C GLY C 209 15.51 4.91 12.14
N ARG C 210 16.40 5.65 12.78
CA ARG C 210 16.84 5.29 14.12
C ARG C 210 16.97 6.50 15.05
N LEU C 211 16.68 6.28 16.33
CA LEU C 211 16.79 7.35 17.30
C LEU C 211 18.25 7.64 17.56
N VAL C 212 18.67 8.89 17.31
CA VAL C 212 20.08 9.23 17.41
C VAL C 212 20.38 10.15 18.60
N ASP C 213 19.42 10.99 18.98
CA ASP C 213 19.64 11.91 20.08
C ASP C 213 18.32 12.27 20.73
N SER C 214 18.39 12.89 21.90
CA SER C 214 17.22 13.47 22.54
C SER C 214 17.63 14.64 23.44
N ILE C 215 16.70 15.53 23.69
CA ILE C 215 16.93 16.63 24.62
C ILE C 215 15.67 16.88 25.44
N GLY C 216 15.87 17.21 26.71
CA GLY C 216 14.76 17.53 27.59
C GLY C 216 14.45 19.02 27.63
N SER C 217 13.27 19.35 28.13
CA SER C 217 12.80 20.71 28.28
C SER C 217 13.82 21.55 29.07
N TRP C 218 14.12 22.75 28.58
CA TRP C 218 15.06 23.63 29.27
C TRP C 218 14.41 24.76 30.08
N SER C 219 13.11 24.99 29.87
CA SER C 219 12.38 26.02 30.62
C SER C 219 11.14 25.45 31.30
N GLN C 220 10.94 24.15 31.17
CA GLN C 220 9.82 23.46 31.81
C GLN C 220 8.47 24.08 31.50
N ASN C 221 8.26 24.46 30.24
CA ASN C 221 7.00 25.06 29.84
C ASN C 221 6.73 24.86 28.36
N ILE C 222 6.32 23.64 28.03
CA ILE C 222 5.93 23.27 26.67
C ILE C 222 7.03 23.47 25.61
N LEU C 223 8.06 22.66 25.69
CA LEU C 223 9.06 22.59 24.64
C LEU C 223 8.33 22.40 23.31
N ARG C 224 8.67 23.19 22.30
CA ARG C 224 7.91 23.15 21.05
C ARG C 224 8.75 23.61 19.86
N THR C 225 8.37 23.15 18.66
CA THR C 225 9.18 23.45 17.48
C THR C 225 8.36 23.96 16.28
N GLN C 226 8.87 23.77 15.06
CA GLN C 226 8.39 24.51 13.89
C GLN C 226 7.01 24.14 13.35
N GLU C 227 6.64 22.87 13.42
CA GLU C 227 5.47 22.35 12.71
C GLU C 227 5.56 22.59 11.19
N SER C 228 6.80 22.65 10.70
CA SER C 228 7.04 22.62 9.26
C SER C 228 8.46 22.12 9.02
N GLU C 229 8.89 22.13 7.77
CA GLU C 229 10.16 21.48 7.45
C GLU C 229 11.35 22.21 8.05
N CYS C 230 12.32 21.44 8.54
CA CYS C 230 13.62 22.01 8.88
C CYS C 230 14.44 22.12 7.58
N VAL C 231 15.65 22.66 7.67
CA VAL C 231 16.44 22.89 6.47
C VAL C 231 17.84 22.37 6.68
N CYS C 232 18.37 21.66 5.69
CA CYS C 232 19.71 21.08 5.77
C CYS C 232 20.59 21.63 4.66
N ILE C 233 21.81 21.99 5.01
CA ILE C 233 22.81 22.38 4.02
C ILE C 233 24.11 21.62 4.29
N ASN C 234 24.57 20.88 3.30
CA ASN C 234 25.83 20.15 3.38
C ASN C 234 25.89 19.21 4.58
N GLY C 235 24.78 18.57 4.89
CA GLY C 235 24.76 17.56 5.95
C GLY C 235 24.47 18.09 7.33
N THR C 236 24.37 19.41 7.47
CA THR C 236 23.95 20.01 8.73
C THR C 236 22.52 20.53 8.62
N CYS C 237 21.66 20.04 9.50
CA CYS C 237 20.26 20.49 9.53
C CYS C 237 20.06 21.45 10.68
N THR C 238 19.19 22.41 10.49
CA THR C 238 18.90 23.36 11.56
C THR C 238 17.41 23.36 11.86
N VAL C 239 17.07 23.50 13.14
CA VAL C 239 15.69 23.57 13.56
C VAL C 239 15.57 24.55 14.71
N VAL C 240 14.47 25.29 14.75
CA VAL C 240 14.26 26.29 15.78
C VAL C 240 13.29 25.73 16.82
N MET C 241 13.66 25.85 18.08
CA MET C 241 12.85 25.34 19.17
C MET C 241 12.69 26.38 20.28
N THR C 242 11.54 26.36 20.91
CA THR C 242 11.24 27.30 22.00
C THR C 242 10.71 26.57 23.23
N ASP C 243 10.97 27.12 24.39
CA ASP C 243 10.46 26.58 25.65
C ASP C 243 10.20 27.79 26.53
N GLY C 244 9.08 27.79 27.25
CA GLY C 244 8.72 28.93 28.08
C GLY C 244 7.40 29.58 27.71
N SER C 245 7.17 30.77 28.26
CA SER C 245 5.86 31.42 28.16
C SER C 245 5.33 31.58 26.74
N ALA C 246 4.02 31.39 26.60
CA ALA C 246 3.34 31.60 25.32
C ALA C 246 2.92 33.06 25.17
N SER C 247 3.03 33.82 26.26
CA SER C 247 2.57 35.21 26.29
C SER C 247 3.54 36.11 27.04
N GLY C 248 4.83 35.89 26.83
CA GLY C 248 5.86 36.64 27.51
C GLY C 248 7.21 36.14 27.05
N ARG C 249 8.28 36.72 27.60
CA ARG C 249 9.63 36.31 27.23
C ARG C 249 9.81 34.79 27.35
N ALA C 250 10.36 34.17 26.31
CA ALA C 250 10.60 32.73 26.31
C ALA C 250 12.04 32.43 25.95
N ASP C 251 12.39 31.15 25.93
CA ASP C 251 13.76 30.72 25.68
C ASP C 251 13.86 29.97 24.34
N THR C 252 14.25 30.69 23.29
CA THR C 252 14.34 30.12 21.97
C THR C 252 15.77 29.75 21.62
N ARG C 253 15.94 28.56 21.05
CA ARG C 253 17.26 28.07 20.70
C ARG C 253 17.27 27.47 19.30
N ILE C 254 18.41 27.58 18.64
CA ILE C 254 18.54 27.05 17.31
C ILE C 254 19.52 25.88 17.35
N LEU C 255 19.02 24.71 16.98
CA LEU C 255 19.81 23.49 17.02
C LEU C 255 20.45 23.20 15.66
N PHE C 256 21.68 22.72 15.70
CA PHE C 256 22.36 22.26 14.49
C PHE C 256 22.63 20.77 14.62
N ILE C 257 22.18 20.01 13.64
CA ILE C 257 22.09 18.55 13.75
C ILE C 257 22.75 17.86 12.56
N GLU C 258 23.65 16.93 12.84
CA GLU C 258 24.34 16.20 11.79
C GLU C 258 24.06 14.71 11.92
N GLU C 259 23.38 14.14 10.93
CA GLU C 259 22.95 12.75 10.97
C GLU C 259 22.25 12.41 12.29
N GLY C 260 21.36 13.29 12.72
CA GLY C 260 20.55 13.06 13.90
C GLY C 260 21.18 13.48 15.21
N LYS C 261 22.46 13.82 15.17
CA LYS C 261 23.18 14.17 16.39
C LYS C 261 23.31 15.68 16.56
N ILE C 262 22.87 16.20 17.71
CA ILE C 262 23.00 17.63 17.98
C ILE C 262 24.47 18.00 18.15
N VAL C 263 24.97 18.87 17.29
CA VAL C 263 26.39 19.25 17.32
C VAL C 263 26.63 20.63 17.90
N HIS C 264 25.59 21.46 17.90
CA HIS C 264 25.68 22.81 18.45
C HIS C 264 24.30 23.36 18.74
N ILE C 265 24.21 24.20 19.76
CA ILE C 265 22.97 24.90 20.07
C ILE C 265 23.28 26.38 20.28
N SER C 266 22.63 27.25 19.50
CA SER C 266 22.80 28.69 19.65
C SER C 266 21.53 29.32 20.20
N PRO C 267 21.67 30.22 21.18
CA PRO C 267 20.53 30.98 21.71
C PRO C 267 20.04 31.95 20.65
N LEU C 268 18.76 32.32 20.71
CA LEU C 268 18.25 33.37 19.84
C LEU C 268 18.98 34.67 20.16
N SER C 269 19.28 35.43 19.12
CA SER C 269 19.89 36.75 19.26
C SER C 269 19.23 37.71 18.28
N GLY C 270 19.40 39.01 18.48
CA GLY C 270 18.75 39.99 17.62
C GLY C 270 17.56 40.63 18.31
N SER C 271 16.66 41.25 17.53
CA SER C 271 15.57 42.03 18.11
C SER C 271 14.19 41.36 18.13
N ALA C 272 14.08 40.12 17.63
CA ALA C 272 12.82 39.40 17.76
C ALA C 272 12.56 39.11 19.23
N GLN C 273 11.36 39.41 19.70
CA GLN C 273 11.08 39.27 21.13
C GLN C 273 10.27 38.04 21.52
N HIS C 274 9.70 37.37 20.53
CA HIS C 274 8.98 36.12 20.78
C HIS C 274 8.94 35.32 19.49
N ILE C 275 9.31 34.06 19.58
CA ILE C 275 9.47 33.20 18.40
C ILE C 275 8.75 31.88 18.58
N GLU C 276 7.84 31.58 17.67
CA GLU C 276 7.18 30.28 17.65
C GLU C 276 6.98 29.84 16.20
N GLU C 277 6.96 28.52 16.01
CA GLU C 277 6.48 27.94 14.76
C GLU C 277 7.11 28.55 13.51
N CYS C 278 8.43 28.54 13.47
CA CYS C 278 9.13 29.13 12.33
C CYS C 278 8.89 28.38 11.01
N SER C 279 8.65 29.14 9.95
CA SER C 279 8.63 28.59 8.60
C SER C 279 9.93 28.97 7.92
N CYS C 280 10.82 28.00 7.77
CA CYS C 280 12.20 28.26 7.36
C CYS C 280 12.46 27.81 5.93
N TYR C 281 13.42 28.46 5.27
CA TYR C 281 13.79 28.06 3.93
C TYR C 281 15.28 28.30 3.68
N PRO C 282 15.87 27.48 2.80
CA PRO C 282 17.28 27.66 2.45
C PRO C 282 17.49 28.94 1.64
N ARG C 283 18.48 29.72 2.04
CA ARG C 283 18.86 30.90 1.28
C ARG C 283 20.38 30.91 1.30
N TYR C 284 20.96 30.03 0.49
CA TYR C 284 22.39 29.74 0.53
C TYR C 284 23.20 31.01 0.65
N PRO C 285 24.23 31.01 1.53
CA PRO C 285 24.77 29.89 2.30
C PRO C 285 24.04 29.67 3.64
N GLY C 286 22.95 30.39 3.89
CA GLY C 286 22.29 30.29 5.17
C GLY C 286 20.84 29.82 5.11
N VAL C 287 20.14 29.99 6.23
CA VAL C 287 18.73 29.65 6.33
C VAL C 287 17.98 30.84 6.90
N ARG C 288 16.79 31.11 6.37
CA ARG C 288 15.96 32.21 6.86
C ARG C 288 14.59 31.69 7.30
N CYS C 289 14.09 32.21 8.42
CA CYS C 289 12.82 31.77 8.98
C CYS C 289 11.89 32.94 9.21
N ILE C 290 10.63 32.77 8.84
CA ILE C 290 9.60 33.74 9.19
C ILE C 290 8.69 33.06 10.20
N CYS C 291 8.47 33.70 11.35
CA CYS C 291 7.86 32.99 12.48
C CYS C 291 6.58 33.64 13.00
N ARG C 292 6.16 33.21 14.18
CA ARG C 292 4.97 33.72 14.84
C ARG C 292 5.38 34.33 16.19
N ASP C 293 5.06 35.61 16.38
CA ASP C 293 5.24 36.27 17.68
C ASP C 293 3.89 36.19 18.39
N ASN C 294 3.84 35.50 19.52
CA ASN C 294 2.57 35.23 20.18
C ASN C 294 2.31 36.19 21.32
N TRP C 295 3.19 37.17 21.46
CA TRP C 295 3.21 38.03 22.64
C TRP C 295 2.84 39.47 22.32
N LYS C 296 3.70 40.20 21.61
CA LYS C 296 3.44 41.61 21.36
C LYS C 296 3.32 42.03 19.90
N GLY C 297 3.53 41.11 18.97
CA GLY C 297 3.56 41.52 17.57
C GLY C 297 2.56 40.85 16.66
N SER C 298 1.93 41.63 15.79
CA SER C 298 1.14 41.06 14.71
C SER C 298 1.97 41.09 13.43
N ASN C 299 3.11 41.77 13.49
CA ASN C 299 4.14 41.62 12.46
C ASN C 299 4.95 40.34 12.76
N ARG C 300 5.38 39.64 11.72
CA ARG C 300 6.07 38.36 11.89
C ARG C 300 7.57 38.54 12.13
N PRO C 301 8.12 37.84 13.13
CA PRO C 301 9.57 37.85 13.33
C PRO C 301 10.31 37.16 12.18
N VAL C 302 11.54 37.58 11.98
CA VAL C 302 12.43 36.93 11.03
C VAL C 302 13.64 36.42 11.82
N VAL C 303 14.07 35.19 11.53
CA VAL C 303 15.27 34.65 12.14
C VAL C 303 16.25 34.27 11.04
N ASP C 304 17.47 34.80 11.12
CA ASP C 304 18.51 34.46 10.15
C ASP C 304 19.55 33.57 10.80
N ILE C 305 19.85 32.46 10.14
CA ILE C 305 20.74 31.46 10.69
C ILE C 305 21.98 31.31 9.83
N ASN C 306 23.14 31.55 10.42
CA ASN C 306 24.41 31.37 9.72
C ASN C 306 24.92 29.94 9.94
N MET C 307 24.95 29.15 8.88
CA MET C 307 25.28 27.72 8.99
C MET C 307 26.79 27.49 9.11
N GLU C 308 27.57 28.54 8.88
CA GLU C 308 29.01 28.40 8.88
C GLU C 308 29.63 28.62 10.27
N ASP C 309 29.11 29.58 11.03
CA ASP C 309 29.62 29.84 12.37
C ASP C 309 28.55 29.77 13.46
N TYR C 310 27.35 29.38 13.08
CA TYR C 310 26.26 29.16 14.03
C TYR C 310 25.67 30.43 14.62
N SER C 311 26.07 31.59 14.09
CA SER C 311 25.55 32.85 14.61
C SER C 311 24.09 33.04 14.18
N ILE C 312 23.37 33.80 14.99
CA ILE C 312 21.94 34.01 14.79
C ILE C 312 21.65 35.51 14.78
N ASP C 313 20.74 35.93 13.88
CA ASP C 313 20.24 37.29 13.92
C ASP C 313 18.72 37.21 13.82
N SER C 314 18.04 38.26 14.28
CA SER C 314 16.58 38.28 14.18
C SER C 314 16.04 39.70 14.11
N SER C 315 14.86 39.83 13.52
CA SER C 315 14.20 41.13 13.36
C SER C 315 12.73 40.86 13.08
N TYR C 316 12.09 41.80 12.39
CA TYR C 316 10.69 41.65 12.00
C TYR C 316 10.50 41.98 10.53
N VAL C 317 9.57 41.28 9.88
CA VAL C 317 9.24 41.57 8.49
C VAL C 317 8.88 43.06 8.33
N CYS C 318 9.53 43.72 7.38
CA CYS C 318 9.32 45.15 7.15
C CYS C 318 7.90 45.55 6.77
N SER C 319 7.26 44.72 5.96
CA SER C 319 5.95 45.05 5.39
C SER C 319 4.92 45.60 6.38
N GLY C 320 4.30 46.72 6.01
CA GLY C 320 3.23 47.29 6.80
C GLY C 320 1.94 46.53 6.63
N LEU C 321 1.89 45.67 5.61
CA LEU C 321 0.82 44.69 5.49
C LEU C 321 1.30 43.46 6.24
N VAL C 322 0.84 43.31 7.48
CA VAL C 322 1.42 42.32 8.39
C VAL C 322 0.77 40.96 8.22
N GLY C 323 1.47 39.92 8.66
CA GLY C 323 1.08 38.56 8.32
C GLY C 323 0.40 37.73 9.39
N ASP C 324 0.34 38.23 10.62
CA ASP C 324 -0.23 37.45 11.71
C ASP C 324 -1.76 37.59 11.77
N THR C 325 -2.38 36.71 12.56
CA THR C 325 -3.79 36.81 12.91
C THR C 325 -3.90 36.47 14.39
N PRO C 326 -4.44 37.40 15.19
CA PRO C 326 -5.06 38.67 14.80
C PRO C 326 -4.08 39.78 14.41
N ARG C 327 -4.64 40.83 13.81
CA ARG C 327 -3.87 41.99 13.40
C ARG C 327 -4.82 43.16 13.22
N ASN C 328 -4.27 44.36 13.10
CA ASN C 328 -5.07 45.53 12.76
C ASN C 328 -5.45 45.50 11.29
N ASP C 329 -6.46 46.27 10.90
CA ASP C 329 -6.73 46.40 9.48
C ASP C 329 -5.56 47.11 8.80
N ASP C 330 -5.48 46.98 7.47
CA ASP C 330 -4.33 47.48 6.70
C ASP C 330 -4.05 48.97 6.88
N SER C 331 -5.09 49.76 7.13
CA SER C 331 -4.90 51.21 7.23
C SER C 331 -4.21 51.61 8.53
N SER C 332 -4.29 50.74 9.53
CA SER C 332 -3.73 51.06 10.84
C SER C 332 -2.69 50.06 11.34
N SER C 333 -2.23 49.18 10.45
CA SER C 333 -1.17 48.26 10.82
C SER C 333 0.20 48.87 10.51
N ASN C 334 1.20 48.51 11.32
CA ASN C 334 2.54 49.04 11.14
C ASN C 334 3.59 47.98 11.41
N SER C 335 4.74 48.13 10.77
CA SER C 335 5.95 47.43 11.18
C SER C 335 7.17 48.33 10.92
N ASN C 336 8.12 48.34 11.84
CA ASN C 336 9.34 49.11 11.67
C ASN C 336 10.56 48.24 11.35
N CYS C 337 10.32 46.94 11.13
CA CYS C 337 11.39 46.00 10.77
C CYS C 337 12.18 45.49 11.97
N ARG C 338 12.00 46.12 13.13
CA ARG C 338 12.88 45.86 14.26
C ARG C 338 12.19 45.37 15.53
N ASN C 339 11.01 45.91 15.81
CA ASN C 339 10.30 45.63 17.06
C ASN C 339 8.93 45.03 16.80
N PRO C 340 8.39 44.29 17.77
CA PRO C 340 6.98 43.92 17.66
C PRO C 340 6.13 45.19 17.65
N ASN C 341 5.05 45.20 16.88
CA ASN C 341 4.28 46.41 16.66
C ASN C 341 3.26 46.73 17.75
N ASN C 342 3.06 45.83 18.70
CA ASN C 342 2.09 46.04 19.77
C ASN C 342 0.69 46.38 19.25
N GLU C 343 0.33 45.76 18.14
CA GLU C 343 -1.00 45.91 17.57
C GLU C 343 -1.68 44.55 17.56
N ARG C 344 -2.65 44.37 18.46
CA ARG C 344 -3.28 43.06 18.66
C ARG C 344 -2.25 41.95 18.64
N GLY C 345 -1.16 42.17 19.36
CA GLY C 345 -0.01 41.28 19.29
C GLY C 345 -0.22 39.92 19.91
N THR C 346 -1.00 39.83 20.97
CA THR C 346 -1.14 38.56 21.66
C THR C 346 -1.84 37.53 20.76
N GLN C 347 -1.50 36.26 20.95
CA GLN C 347 -2.00 35.18 20.11
C GLN C 347 -1.39 35.27 18.72
N GLY C 348 -1.81 34.41 17.80
CA GLY C 348 -1.25 34.42 16.46
C GLY C 348 -1.57 33.15 15.72
N VAL C 349 -0.93 32.95 14.58
CA VAL C 349 -1.08 31.76 13.78
C VAL C 349 0.21 31.53 13.01
N LYS C 350 0.59 30.27 12.81
CA LYS C 350 1.77 29.96 12.00
C LYS C 350 1.57 30.45 10.56
N GLY C 351 2.60 31.09 10.01
CA GLY C 351 2.51 31.61 8.66
C GLY C 351 3.88 31.67 7.99
N TRP C 352 3.95 32.30 6.82
CA TRP C 352 5.21 32.34 6.07
C TRP C 352 5.34 33.60 5.23
N ALA C 353 6.57 33.86 4.79
CA ALA C 353 6.87 34.90 3.83
C ALA C 353 8.27 34.60 3.30
N PHE C 354 8.62 35.15 2.14
CA PHE C 354 10.00 35.08 1.70
C PHE C 354 10.38 36.32 0.91
N ASP C 355 11.68 36.60 0.90
CA ASP C 355 12.19 37.80 0.24
C ASP C 355 12.52 37.52 -1.20
N ASN C 356 12.31 38.52 -2.04
CA ASN C 356 12.90 38.55 -3.36
C ASN C 356 13.49 39.94 -3.58
N GLY C 357 14.78 40.09 -3.28
CA GLY C 357 15.40 41.39 -3.37
C GLY C 357 14.80 42.31 -2.32
N ASN C 358 14.28 43.45 -2.76
CA ASN C 358 13.63 44.38 -1.85
C ASN C 358 12.17 44.03 -1.58
N ASP C 359 11.63 43.10 -2.36
CA ASP C 359 10.22 42.79 -2.29
C ASP C 359 9.96 41.56 -1.42
N LEU C 360 8.69 41.35 -1.06
CA LEU C 360 8.32 40.26 -0.16
C LEU C 360 7.13 39.53 -0.76
N TRP C 361 7.21 38.19 -0.83
CA TRP C 361 6.03 37.38 -1.10
C TRP C 361 5.53 36.85 0.24
N MET C 362 4.22 36.96 0.50
CA MET C 362 3.68 36.47 1.76
C MET C 362 2.25 35.96 1.60
N GLY C 363 1.84 35.13 2.54
CA GLY C 363 0.44 34.75 2.65
C GLY C 363 -0.09 35.15 4.01
N ARG C 364 -1.42 35.23 4.12
CA ARG C 364 -2.07 35.47 5.41
C ARG C 364 -3.55 35.10 5.32
N THR C 365 -4.21 34.96 6.45
CA THR C 365 -5.66 34.76 6.43
C THR C 365 -6.29 36.02 5.89
N ILE C 366 -7.46 35.89 5.27
CA ILE C 366 -8.15 37.07 4.77
C ILE C 366 -8.75 37.86 5.92
N SER C 367 -9.39 37.16 6.86
CA SER C 367 -9.90 37.79 8.07
C SER C 367 -8.76 38.27 8.95
N LYS C 368 -8.94 39.41 9.60
CA LYS C 368 -7.89 39.94 10.49
C LYS C 368 -8.02 39.45 11.93
N GLU C 369 -9.12 38.79 12.25
CA GLU C 369 -9.31 38.31 13.62
C GLU C 369 -9.44 36.80 13.77
N SER C 370 -9.86 36.12 12.71
CA SER C 370 -10.05 34.67 12.79
C SER C 370 -9.33 33.95 11.66
N ARG C 371 -9.15 32.64 11.83
CA ARG C 371 -8.46 31.84 10.82
C ARG C 371 -9.43 31.49 9.71
N SER C 372 -9.79 32.52 8.95
CA SER C 372 -10.76 32.39 7.88
C SER C 372 -10.19 32.99 6.60
N GLY C 373 -10.35 32.28 5.48
CA GLY C 373 -9.84 32.72 4.20
C GLY C 373 -8.32 32.65 4.14
N TYR C 374 -7.77 32.77 2.94
CA TYR C 374 -6.32 32.82 2.77
C TYR C 374 -5.98 33.50 1.45
N GLU C 375 -5.02 34.41 1.51
CA GLU C 375 -4.60 35.21 0.36
C GLU C 375 -3.07 35.28 0.32
N THR C 376 -2.53 35.42 -0.89
CA THR C 376 -1.10 35.67 -1.08
C THR C 376 -0.94 36.91 -1.92
N PHE C 377 0.19 37.59 -1.77
CA PHE C 377 0.50 38.75 -2.60
C PHE C 377 1.96 39.13 -2.46
N LYS C 378 2.42 40.00 -3.36
CA LYS C 378 3.76 40.54 -3.26
C LYS C 378 3.66 41.95 -2.71
N VAL C 379 4.56 42.30 -1.79
CA VAL C 379 4.63 43.67 -1.29
C VAL C 379 5.89 44.31 -1.88
N ILE C 380 5.69 45.39 -2.63
CA ILE C 380 6.82 46.10 -3.22
C ILE C 380 7.58 46.78 -2.08
N GLY C 381 8.87 46.47 -1.97
CA GLY C 381 9.68 46.99 -0.87
C GLY C 381 9.35 46.37 0.47
N GLY C 382 8.59 45.27 0.45
CA GLY C 382 8.13 44.65 1.69
C GLY C 382 9.24 44.00 2.51
N TRP C 383 10.39 43.75 1.89
CA TRP C 383 11.50 43.21 2.64
C TRP C 383 12.40 44.31 3.17
N SER C 384 12.57 45.37 2.39
CA SER C 384 13.57 46.40 2.69
C SER C 384 13.02 47.72 3.22
N THR C 385 11.77 48.05 2.89
CA THR C 385 11.21 49.34 3.25
C THR C 385 10.23 49.25 4.41
N PRO C 386 10.60 49.82 5.56
CA PRO C 386 9.72 49.74 6.72
C PRO C 386 8.32 50.23 6.39
N ASN C 387 7.31 49.47 6.80
CA ASN C 387 5.92 49.89 6.73
C ASN C 387 5.37 49.98 5.31
N SER C 388 6.06 49.41 4.34
CA SER C 388 5.59 49.42 2.95
C SER C 388 4.23 48.74 2.81
N LYS C 389 3.32 49.36 2.04
CA LYS C 389 1.96 48.83 1.92
C LYS C 389 1.47 48.73 0.48
N SER C 390 2.40 48.77 -0.46
CA SER C 390 2.06 48.64 -1.87
C SER C 390 2.07 47.17 -2.27
N GLN C 391 0.89 46.61 -2.53
CA GLN C 391 0.86 45.20 -2.93
C GLN C 391 0.50 45.04 -4.40
N VAL C 392 0.79 43.85 -4.92
CA VAL C 392 0.49 43.53 -6.32
C VAL C 392 0.46 42.02 -6.43
N ASN C 393 -0.17 41.50 -7.48
CA ASN C 393 -0.19 40.06 -7.73
C ASN C 393 -0.91 39.28 -6.63
N ARG C 394 -1.97 39.87 -6.08
CA ARG C 394 -2.78 39.16 -5.10
C ARG C 394 -3.44 37.93 -5.72
N GLN C 395 -3.50 36.85 -4.93
CA GLN C 395 -4.30 35.69 -5.30
C GLN C 395 -5.11 35.23 -4.11
N VAL C 396 -6.40 34.98 -4.32
CA VAL C 396 -7.18 34.32 -3.29
C VAL C 396 -6.89 32.82 -3.37
N ILE C 397 -6.56 32.21 -2.24
CA ILE C 397 -6.34 30.77 -2.20
C ILE C 397 -7.58 30.12 -1.60
N VAL C 398 -8.10 30.72 -0.54
CA VAL C 398 -9.32 30.25 0.12
C VAL C 398 -10.17 31.47 0.39
N ASP C 399 -11.38 31.51 -0.16
CA ASP C 399 -12.22 32.70 0.05
C ASP C 399 -12.67 32.83 1.50
N ASN C 400 -13.10 34.02 1.90
CA ASN C 400 -13.33 34.30 3.31
C ASN C 400 -14.61 33.70 3.90
N ASN C 401 -15.33 32.92 3.10
CA ASN C 401 -16.48 32.19 3.61
C ASN C 401 -16.07 30.78 4.04
N ASN C 402 -14.77 30.53 4.05
CA ASN C 402 -14.24 29.21 4.40
C ASN C 402 -13.09 29.28 5.38
N TRP C 403 -12.95 28.24 6.21
CA TRP C 403 -11.94 28.22 7.27
C TRP C 403 -10.56 27.89 6.74
N SER C 404 -9.54 28.53 7.29
CA SER C 404 -8.18 28.17 6.97
C SER C 404 -7.50 27.70 8.25
N GLY C 405 -6.30 28.22 8.53
CA GLY C 405 -5.52 27.73 9.65
C GLY C 405 -4.05 28.02 9.46
N TYR C 406 -3.21 27.12 9.97
CA TYR C 406 -1.77 27.25 9.81
C TYR C 406 -1.38 27.27 8.33
N SER C 407 -0.25 27.89 8.05
CA SER C 407 0.33 27.81 6.72
C SER C 407 1.84 27.82 6.84
N GLY C 408 2.51 27.29 5.84
CA GLY C 408 3.96 27.23 5.91
C GLY C 408 4.60 27.07 4.56
N ILE C 409 5.90 27.29 4.52
CA ILE C 409 6.64 27.25 3.27
C ILE C 409 7.37 25.92 3.15
N PHE C 410 7.63 25.51 1.93
CA PHE C 410 8.61 24.45 1.69
C PHE C 410 9.33 24.77 0.39
N SER C 411 10.52 24.22 0.21
CA SER C 411 11.31 24.57 -0.97
C SER C 411 11.62 23.32 -1.81
N VAL C 412 11.64 23.52 -3.11
CA VAL C 412 11.79 22.43 -4.05
C VAL C 412 12.87 22.78 -5.05
N GLU C 413 13.88 21.93 -5.16
CA GLU C 413 14.99 22.18 -6.07
C GLU C 413 14.62 21.82 -7.50
N GLY C 414 14.73 22.80 -8.39
CA GLY C 414 14.50 22.58 -9.80
C GLY C 414 15.82 22.46 -10.55
N LYS C 415 15.73 22.41 -11.87
CA LYS C 415 16.92 22.21 -12.70
C LYS C 415 17.97 23.31 -12.47
N SER C 416 17.53 24.56 -12.43
CA SER C 416 18.48 25.66 -12.31
C SER C 416 18.19 26.63 -11.17
N CYS C 417 17.08 26.43 -10.46
CA CYS C 417 16.71 27.34 -9.37
C CYS C 417 15.94 26.63 -8.26
N ILE C 418 15.84 27.28 -7.12
CA ILE C 418 15.08 26.76 -5.98
C ILE C 418 13.71 27.44 -5.96
N ASN C 419 12.65 26.65 -5.99
CA ASN C 419 11.29 27.19 -5.98
C ASN C 419 10.76 27.25 -4.55
N ARG C 420 9.82 28.16 -4.31
CA ARG C 420 9.16 28.24 -3.01
C ARG C 420 7.71 27.82 -3.18
N CYS C 421 7.25 26.96 -2.29
CA CYS C 421 5.87 26.50 -2.30
C CYS C 421 5.26 26.74 -0.92
N PHE C 422 3.95 26.65 -0.81
CA PHE C 422 3.33 26.72 0.51
C PHE C 422 2.09 25.83 0.64
N TYR C 423 1.76 25.47 1.88
CA TYR C 423 0.56 24.72 2.14
C TYR C 423 -0.33 25.55 3.05
N VAL C 424 -1.63 25.29 3.00
CA VAL C 424 -2.57 25.89 3.92
C VAL C 424 -3.37 24.80 4.62
N GLU C 425 -3.39 24.86 5.95
CA GLU C 425 -4.20 23.97 6.76
C GLU C 425 -5.62 24.51 6.78
N LEU C 426 -6.57 23.64 6.48
CA LEU C 426 -7.98 24.03 6.45
C LEU C 426 -8.69 23.34 7.59
N ILE C 427 -8.86 24.07 8.69
CA ILE C 427 -9.36 23.47 9.93
C ILE C 427 -10.89 23.39 9.90
N ARG C 428 -11.41 22.20 10.21
CA ARG C 428 -12.85 22.03 10.33
C ARG C 428 -13.20 21.52 11.73
N GLY C 429 -14.42 21.80 12.16
CA GLY C 429 -14.87 21.33 13.46
C GLY C 429 -14.67 22.39 14.53
N ARG C 430 -14.40 21.96 15.76
CA ARG C 430 -14.30 22.91 16.86
C ARG C 430 -12.98 23.68 16.86
N PRO C 431 -12.98 24.90 17.42
CA PRO C 431 -14.12 25.49 18.13
C PRO C 431 -15.12 26.24 17.24
N GLN C 432 -14.84 26.42 15.95
CA GLN C 432 -15.70 27.26 15.11
C GLN C 432 -17.02 26.61 14.70
N GLU C 433 -17.00 25.29 14.50
CA GLU C 433 -18.19 24.57 14.04
C GLU C 433 -18.57 23.53 15.09
N THR C 434 -19.62 23.83 15.86
CA THR C 434 -19.94 23.03 17.04
C THR C 434 -20.98 21.94 16.81
N ARG C 435 -21.48 21.80 15.59
CA ARG C 435 -22.36 20.66 15.30
C ARG C 435 -21.63 19.35 15.59
N VAL C 436 -20.33 19.34 15.31
CA VAL C 436 -19.51 18.15 15.54
C VAL C 436 -18.66 18.36 16.80
N TRP C 437 -18.11 17.27 17.33
CA TRP C 437 -17.33 17.35 18.57
C TRP C 437 -15.83 17.23 18.33
N TRP C 438 -15.45 16.98 17.08
CA TRP C 438 -14.04 16.80 16.74
C TRP C 438 -13.43 18.07 16.15
N THR C 439 -12.11 18.07 16.02
CA THR C 439 -11.36 19.09 15.30
C THR C 439 -10.39 18.36 14.37
N SER C 440 -10.40 18.70 13.09
CA SER C 440 -9.45 18.08 12.15
C SER C 440 -9.16 19.07 11.03
N ASN C 441 -8.41 18.64 10.02
CA ASN C 441 -8.12 19.52 8.89
C ASN C 441 -7.91 18.77 7.59
N SER C 442 -8.03 19.52 6.48
CA SER C 442 -7.49 19.04 5.22
C SER C 442 -6.41 20.04 4.81
N ILE C 443 -5.83 19.87 3.63
CA ILE C 443 -4.80 20.80 3.19
C ILE C 443 -4.96 21.14 1.73
N VAL C 444 -4.46 22.31 1.36
CA VAL C 444 -4.30 22.67 -0.04
C VAL C 444 -2.87 23.20 -0.20
N VAL C 445 -2.29 22.97 -1.37
CA VAL C 445 -0.87 23.25 -1.60
C VAL C 445 -0.66 23.96 -2.93
N PHE C 446 0.12 25.04 -2.92
CA PHE C 446 0.43 25.81 -4.12
C PHE C 446 1.94 25.94 -4.29
N CYS C 447 2.42 26.04 -5.52
CA CYS C 447 3.85 26.25 -5.77
C CYS C 447 4.12 27.50 -6.61
N GLY C 448 5.26 28.14 -6.36
CA GLY C 448 5.65 29.29 -7.14
C GLY C 448 5.70 28.96 -8.63
N THR C 449 5.32 29.92 -9.46
CA THR C 449 5.39 29.73 -10.90
C THR C 449 5.97 30.97 -11.56
N SER C 450 6.64 30.78 -12.70
CA SER C 450 7.12 31.91 -13.50
C SER C 450 6.17 32.14 -14.67
N GLY C 451 5.14 31.31 -14.75
CA GLY C 451 4.16 31.40 -15.83
C GLY C 451 3.00 32.30 -15.49
N THR C 452 1.84 32.01 -16.05
CA THR C 452 0.64 32.79 -15.75
C THR C 452 -0.41 31.88 -15.11
N TYR C 453 -1.51 32.49 -14.68
CA TYR C 453 -2.52 31.78 -13.92
C TYR C 453 -3.79 32.62 -13.85
N GLY C 454 -4.85 32.01 -13.33
CA GLY C 454 -6.14 32.68 -13.24
C GLY C 454 -6.55 32.90 -11.79
N THR C 455 -7.81 32.58 -11.49
CA THR C 455 -8.35 32.77 -10.16
C THR C 455 -9.20 31.59 -9.72
N GLY C 456 -9.45 31.49 -8.42
CA GLY C 456 -10.28 30.45 -7.86
C GLY C 456 -10.33 30.51 -6.35
N SER C 457 -10.89 29.48 -5.74
CA SER C 457 -10.88 29.32 -4.30
C SER C 457 -10.93 27.83 -4.06
N TRP C 458 -10.07 27.33 -3.17
CA TRP C 458 -9.95 25.90 -2.96
C TRP C 458 -10.06 25.54 -1.47
N PRO C 459 -11.28 25.65 -0.92
CA PRO C 459 -11.48 25.43 0.50
C PRO C 459 -11.61 23.94 0.82
N ASP C 460 -11.82 23.61 2.09
CA ASP C 460 -11.93 22.21 2.48
C ASP C 460 -13.07 21.52 1.74
N GLY C 461 -14.23 22.18 1.69
CA GLY C 461 -15.34 21.68 0.88
C GLY C 461 -16.28 20.69 1.54
N ALA C 462 -15.99 20.30 2.78
CA ALA C 462 -16.91 19.41 3.49
C ALA C 462 -18.16 20.17 3.92
N ASN C 463 -19.30 19.50 3.87
CA ASN C 463 -20.53 20.04 4.40
C ASN C 463 -20.69 19.58 5.84
N ILE C 464 -20.58 20.50 6.78
CA ILE C 464 -20.54 20.13 8.20
C ILE C 464 -21.76 19.31 8.59
N ASN C 465 -22.87 19.53 7.90
CA ASN C 465 -24.10 18.81 8.18
C ASN C 465 -24.08 17.37 7.72
N PHE C 466 -23.10 17.02 6.87
CA PHE C 466 -22.97 15.65 6.35
C PHE C 466 -22.02 14.81 7.20
N MET C 467 -21.39 15.43 8.19
CA MET C 467 -20.32 14.76 8.95
C MET C 467 -20.83 13.94 10.12
N PRO C 468 -20.14 12.83 10.42
CA PRO C 468 -20.36 12.15 11.69
C PRO C 468 -20.03 13.16 12.76
N ILE C 469 -20.81 13.23 13.83
CA ILE C 469 -20.55 14.23 14.86
C ILE C 469 -19.45 13.79 15.83
N VAL D 82 18.02 6.02 -18.03
CA VAL D 82 16.79 5.90 -18.81
C VAL D 82 16.75 6.93 -19.94
N GLU D 83 16.19 6.52 -21.07
CA GLU D 83 16.24 7.31 -22.30
C GLU D 83 14.85 7.88 -22.63
N TYR D 84 14.81 8.99 -23.36
CA TYR D 84 13.53 9.51 -23.83
C TYR D 84 12.88 8.55 -24.81
N ARG D 85 11.55 8.50 -24.79
CA ARG D 85 10.79 7.72 -25.76
C ARG D 85 10.80 8.41 -27.12
N ASN D 86 10.96 7.63 -28.18
CA ASN D 86 10.84 8.16 -29.52
C ASN D 86 9.66 7.55 -30.27
N TRP D 87 9.16 6.43 -29.78
CA TRP D 87 8.05 5.73 -30.44
C TRP D 87 8.37 5.45 -31.91
N SER D 88 9.64 5.21 -32.21
CA SER D 88 10.08 5.04 -33.60
C SER D 88 10.06 3.59 -34.04
N LYS D 89 8.94 2.92 -33.80
CA LYS D 89 8.72 1.56 -34.32
C LYS D 89 7.44 1.61 -35.15
N PRO D 90 7.29 0.67 -36.10
CA PRO D 90 6.05 0.66 -36.87
C PRO D 90 4.86 0.30 -35.98
N GLN D 91 3.65 0.66 -36.43
CA GLN D 91 2.44 0.31 -35.71
C GLN D 91 2.18 -1.19 -35.85
N CYS D 92 1.73 -1.82 -34.76
CA CYS D 92 1.41 -3.25 -34.79
C CYS D 92 0.28 -3.51 -35.77
N GLN D 93 0.42 -4.57 -36.56
CA GLN D 93 -0.68 -5.00 -37.41
C GLN D 93 -1.67 -5.72 -36.51
N ILE D 94 -2.89 -5.23 -36.44
CA ILE D 94 -3.87 -5.85 -35.56
C ILE D 94 -5.05 -6.44 -36.32
N THR D 95 -5.68 -7.44 -35.70
CA THR D 95 -6.82 -8.13 -36.27
C THR D 95 -8.06 -7.74 -35.48
N GLY D 96 -7.85 -6.94 -34.44
CA GLY D 96 -8.91 -6.59 -33.52
C GLY D 96 -8.33 -6.38 -32.13
N PHE D 97 -9.17 -6.47 -31.11
CA PHE D 97 -8.74 -6.18 -29.75
C PHE D 97 -9.04 -7.29 -28.77
N ALA D 98 -8.19 -7.44 -27.77
CA ALA D 98 -8.38 -8.46 -26.75
C ALA D 98 -8.52 -7.82 -25.37
N PRO D 99 -9.28 -8.47 -24.48
CA PRO D 99 -9.54 -7.98 -23.12
C PRO D 99 -8.24 -7.75 -22.36
N PHE D 100 -8.13 -6.61 -21.69
CA PHE D 100 -6.89 -6.27 -20.99
C PHE D 100 -7.10 -5.96 -19.49
N SER D 101 -8.14 -5.21 -19.15
CA SER D 101 -8.36 -4.82 -17.76
C SER D 101 -9.80 -4.37 -17.49
N LYS D 102 -10.24 -4.50 -16.24
CA LYS D 102 -11.56 -4.05 -15.82
C LYS D 102 -11.47 -3.74 -14.34
N ASP D 103 -11.98 -2.60 -13.88
CA ASP D 103 -11.78 -2.29 -12.45
C ASP D 103 -12.98 -2.53 -11.53
N ASN D 104 -14.18 -2.67 -12.08
CA ASN D 104 -15.35 -3.04 -11.28
C ASN D 104 -15.67 -2.02 -10.18
N SER D 105 -15.36 -0.74 -10.42
CA SER D 105 -15.41 0.26 -9.35
C SER D 105 -16.78 0.41 -8.70
N ILE D 106 -17.83 0.36 -9.52
CA ILE D 106 -19.16 0.65 -9.01
C ILE D 106 -19.71 -0.53 -8.21
N ARG D 107 -19.49 -1.75 -8.70
CA ARG D 107 -19.83 -2.93 -7.92
C ARG D 107 -19.15 -2.91 -6.54
N LEU D 108 -17.88 -2.52 -6.52
CA LEU D 108 -17.13 -2.50 -5.27
C LEU D 108 -17.60 -1.37 -4.35
N SER D 109 -18.11 -0.30 -4.95
CA SER D 109 -18.56 0.88 -4.21
C SER D 109 -19.73 0.55 -3.29
N ALA D 110 -20.42 -0.54 -3.57
CA ALA D 110 -21.58 -0.95 -2.79
C ALA D 110 -21.16 -1.69 -1.51
N GLY D 111 -19.85 -1.90 -1.36
CA GLY D 111 -19.34 -2.63 -0.22
C GLY D 111 -17.87 -2.31 0.01
N GLY D 112 -17.57 -1.03 0.14
CA GLY D 112 -16.21 -0.59 0.31
C GLY D 112 -16.13 0.90 0.03
N ASP D 113 -15.06 1.54 0.49
CA ASP D 113 -14.90 2.98 0.28
C ASP D 113 -14.13 3.26 -1.01
N ILE D 114 -14.85 3.69 -2.04
CA ILE D 114 -14.29 3.85 -3.39
C ILE D 114 -14.59 5.27 -3.86
N TRP D 115 -13.60 5.93 -4.45
CA TRP D 115 -13.78 7.28 -4.98
C TRP D 115 -14.90 7.39 -6.03
N VAL D 116 -15.61 8.51 -5.99
CA VAL D 116 -16.46 8.93 -7.10
C VAL D 116 -15.56 9.60 -8.14
N THR D 117 -15.67 9.15 -9.39
CA THR D 117 -14.84 9.69 -10.45
C THR D 117 -15.64 9.88 -11.72
N ARG D 118 -15.03 10.57 -12.69
CA ARG D 118 -15.43 10.51 -14.09
C ARG D 118 -14.22 10.89 -14.94
N GLU D 119 -14.39 10.79 -16.25
CA GLU D 119 -13.32 11.13 -17.19
C GLU D 119 -12.03 10.37 -16.90
N PRO D 120 -12.09 9.03 -16.88
CA PRO D 120 -10.88 8.23 -16.66
C PRO D 120 -10.04 8.17 -17.92
N TYR D 121 -8.79 7.75 -17.76
CA TYR D 121 -7.96 7.36 -18.90
C TYR D 121 -6.83 6.46 -18.45
N VAL D 122 -6.04 6.01 -19.41
CA VAL D 122 -4.95 5.09 -19.12
C VAL D 122 -3.70 5.59 -19.82
N SER D 123 -2.56 5.42 -19.16
CA SER D 123 -1.28 5.77 -19.76
C SER D 123 -0.21 4.91 -19.11
N CYS D 124 0.82 4.55 -19.85
CA CYS D 124 1.83 3.63 -19.34
C CYS D 124 3.22 4.26 -19.34
N ASP D 125 4.00 3.99 -18.30
CA ASP D 125 5.43 4.26 -18.38
C ASP D 125 6.06 3.08 -19.12
N PRO D 126 7.39 3.11 -19.34
CA PRO D 126 7.98 2.04 -20.15
C PRO D 126 7.76 0.64 -19.56
N GLY D 127 7.46 0.56 -18.26
CA GLY D 127 7.30 -0.73 -17.62
C GLY D 127 5.86 -1.19 -17.41
N LYS D 128 4.99 -0.29 -16.95
CA LYS D 128 3.65 -0.68 -16.53
C LYS D 128 2.61 0.39 -16.81
N CYS D 129 1.34 -0.03 -16.85
CA CYS D 129 0.25 0.90 -17.12
C CYS D 129 -0.39 1.44 -15.85
N TYR D 130 -0.94 2.65 -15.95
CA TYR D 130 -1.62 3.31 -14.84
C TYR D 130 -3.01 3.73 -15.27
N GLN D 131 -3.96 3.68 -14.34
CA GLN D 131 -5.27 4.26 -14.62
C GLN D 131 -5.39 5.59 -13.90
N PHE D 132 -6.02 6.55 -14.58
CA PHE D 132 -6.21 7.90 -14.06
C PHE D 132 -7.70 8.21 -14.09
N ALA D 133 -8.13 9.16 -13.26
CA ALA D 133 -9.50 9.66 -13.35
C ALA D 133 -9.62 10.96 -12.57
N LEU D 134 -10.65 11.75 -12.86
CA LEU D 134 -10.90 12.94 -12.08
C LEU D 134 -11.82 12.60 -10.91
N GLY D 135 -11.28 12.61 -9.69
CA GLY D 135 -12.09 12.37 -8.51
C GLY D 135 -13.08 13.50 -8.31
N GLN D 136 -14.08 13.27 -7.47
CA GLN D 136 -15.02 14.32 -7.11
C GLN D 136 -14.83 14.71 -5.64
N GLY D 137 -13.67 14.39 -5.08
CA GLY D 137 -13.36 14.77 -3.71
C GLY D 137 -14.21 14.04 -2.69
N THR D 138 -14.69 12.86 -3.06
CA THR D 138 -15.56 12.10 -2.17
C THR D 138 -15.61 10.65 -2.58
N THR D 139 -15.95 9.78 -1.63
CA THR D 139 -16.27 8.40 -1.95
C THR D 139 -17.75 8.30 -2.30
N LEU D 140 -18.17 7.14 -2.80
CA LEU D 140 -19.53 6.99 -3.30
C LEU D 140 -20.54 6.82 -2.16
N ASP D 141 -20.23 5.97 -1.20
CA ASP D 141 -21.10 5.81 -0.03
C ASP D 141 -20.74 6.88 0.99
N ASN D 142 -21.28 8.08 0.79
CA ASN D 142 -20.80 9.30 1.43
C ASN D 142 -21.80 10.37 1.00
N LYS D 143 -22.34 11.14 1.94
CA LYS D 143 -23.34 12.15 1.56
C LYS D 143 -22.81 13.18 0.56
N HIS D 144 -21.48 13.33 0.49
CA HIS D 144 -20.91 14.28 -0.46
C HIS D 144 -21.00 13.82 -1.91
N SER D 145 -21.43 12.58 -2.13
CA SER D 145 -21.57 12.09 -3.51
C SER D 145 -22.80 12.70 -4.19
N ASN D 146 -23.70 13.27 -3.39
CA ASN D 146 -24.89 13.92 -3.93
C ASN D 146 -24.53 15.03 -4.92
N ASP D 147 -25.16 15.00 -6.10
CA ASP D 147 -24.99 16.05 -7.11
C ASP D 147 -23.59 16.08 -7.75
N THR D 148 -22.93 14.92 -7.82
CA THR D 148 -21.65 14.83 -8.50
C THR D 148 -21.77 14.73 -10.01
N VAL D 149 -22.97 14.99 -10.53
CA VAL D 149 -23.13 15.05 -11.98
C VAL D 149 -22.41 16.28 -12.54
N HIS D 150 -22.19 17.28 -11.68
CA HIS D 150 -21.53 18.53 -12.09
C HIS D 150 -20.07 18.35 -12.47
N ASP D 151 -19.63 19.08 -13.50
CA ASP D 151 -18.32 18.85 -14.11
C ASP D 151 -17.14 19.48 -13.39
N ARG D 152 -17.36 20.62 -12.75
CA ARG D 152 -16.24 21.40 -12.24
C ARG D 152 -16.50 21.91 -10.83
N ILE D 153 -15.75 21.37 -9.88
CA ILE D 153 -15.73 21.90 -8.52
C ILE D 153 -14.26 21.93 -8.09
N PRO D 154 -13.93 22.74 -7.08
CA PRO D 154 -12.52 22.89 -6.70
C PRO D 154 -11.95 21.63 -6.07
N HIS D 155 -12.81 20.67 -5.73
CA HIS D 155 -12.37 19.50 -5.00
C HIS D 155 -11.98 18.34 -5.92
N ARG D 156 -12.19 18.50 -7.22
CA ARG D 156 -11.72 17.50 -8.16
C ARG D 156 -10.20 17.48 -8.23
N THR D 157 -9.66 16.27 -8.19
CA THR D 157 -8.21 16.04 -8.24
C THR D 157 -7.96 14.89 -9.18
N LEU D 158 -6.77 14.86 -9.77
CA LEU D 158 -6.40 13.77 -10.67
C LEU D 158 -5.90 12.57 -9.84
N LEU D 159 -6.57 11.44 -9.99
CA LEU D 159 -6.20 10.21 -9.30
C LEU D 159 -5.34 9.34 -10.19
N MET D 160 -4.39 8.62 -9.60
CA MET D 160 -3.49 7.78 -10.37
C MET D 160 -3.14 6.52 -9.59
N ASN D 161 -3.54 5.36 -10.14
CA ASN D 161 -3.22 4.04 -9.58
C ASN D 161 -2.60 3.15 -10.66
N GLU D 162 -1.94 2.08 -10.26
CA GLU D 162 -1.60 1.05 -11.25
C GLU D 162 -2.88 0.53 -11.85
N LEU D 163 -2.85 0.24 -13.14
CA LEU D 163 -4.02 -0.27 -13.85
C LEU D 163 -4.58 -1.50 -13.15
N GLY D 164 -5.88 -1.49 -12.87
CA GLY D 164 -6.51 -2.63 -12.21
C GLY D 164 -6.63 -2.49 -10.70
N VAL D 165 -6.00 -1.47 -10.13
CA VAL D 165 -6.18 -1.17 -8.71
C VAL D 165 -7.31 -0.15 -8.62
N PRO D 166 -8.43 -0.54 -7.99
CA PRO D 166 -9.60 0.34 -7.93
C PRO D 166 -9.23 1.58 -7.15
N PHE D 167 -9.96 2.67 -7.32
CA PHE D 167 -9.67 3.90 -6.61
C PHE D 167 -10.15 3.84 -5.16
N HIS D 168 -9.34 3.21 -4.33
CA HIS D 168 -9.59 3.09 -2.89
C HIS D 168 -8.98 4.28 -2.15
N LEU D 169 -9.10 4.30 -0.83
CA LEU D 169 -8.70 5.48 -0.06
C LEU D 169 -7.19 5.72 -0.01
N GLY D 170 -6.41 4.72 -0.41
CA GLY D 170 -4.96 4.86 -0.46
C GLY D 170 -4.47 5.44 -1.78
N THR D 171 -5.41 5.75 -2.68
CA THR D 171 -5.07 6.33 -3.98
C THR D 171 -4.44 7.71 -3.89
N ARG D 172 -3.38 7.94 -4.65
CA ARG D 172 -2.71 9.24 -4.64
C ARG D 172 -3.43 10.26 -5.54
N GLN D 173 -3.70 11.43 -5.00
CA GLN D 173 -4.20 12.56 -5.79
C GLN D 173 -2.98 13.33 -6.28
N VAL D 174 -2.81 13.34 -7.60
CA VAL D 174 -1.57 13.81 -8.22
C VAL D 174 -1.53 15.32 -8.39
N CYS D 175 -2.70 15.94 -8.53
CA CYS D 175 -2.79 17.38 -8.65
C CYS D 175 -4.25 17.79 -8.54
N ILE D 176 -4.51 19.09 -8.50
CA ILE D 176 -5.88 19.60 -8.48
C ILE D 176 -6.34 19.77 -9.93
N ALA D 177 -7.44 19.14 -10.31
CA ALA D 177 -7.86 19.17 -11.70
C ALA D 177 -9.33 18.82 -11.93
N TRP D 178 -10.02 19.66 -12.70
CA TRP D 178 -11.30 19.25 -13.28
C TRP D 178 -11.20 18.97 -14.79
N SER D 179 -9.97 19.05 -15.31
CA SER D 179 -9.62 18.63 -16.67
C SER D 179 -8.14 18.29 -16.65
N SER D 180 -7.73 17.22 -17.31
CA SER D 180 -6.32 16.83 -17.24
C SER D 180 -5.81 16.02 -18.43
N SER D 181 -4.50 15.88 -18.48
CA SER D 181 -3.81 14.99 -19.41
C SER D 181 -2.50 14.58 -18.75
N SER D 182 -2.06 13.35 -19.00
CA SER D 182 -0.79 12.88 -18.42
C SER D 182 -0.02 12.05 -19.44
N CYS D 183 1.31 12.06 -19.32
CA CYS D 183 2.14 11.21 -20.17
C CYS D 183 3.55 11.08 -19.61
N HIS D 184 4.23 10.02 -20.03
CA HIS D 184 5.58 9.73 -19.56
C HIS D 184 6.52 9.83 -20.76
N ASP D 185 7.61 10.59 -20.61
CA ASP D 185 8.50 10.83 -21.74
C ASP D 185 9.63 9.81 -21.82
N GLY D 186 9.58 8.81 -20.95
CA GLY D 186 10.60 7.79 -20.88
C GLY D 186 11.48 7.98 -19.66
N LYS D 187 11.45 9.18 -19.10
CA LYS D 187 12.23 9.48 -17.91
C LYS D 187 11.34 9.80 -16.71
N ALA D 188 10.26 10.54 -16.94
CA ALA D 188 9.38 10.93 -15.86
C ALA D 188 7.98 11.29 -16.34
N TRP D 189 7.05 11.40 -15.39
CA TRP D 189 5.67 11.77 -15.70
C TRP D 189 5.47 13.27 -15.82
N LEU D 190 4.65 13.64 -16.80
CA LEU D 190 4.11 14.98 -16.94
C LEU D 190 2.61 14.91 -16.65
N HIS D 191 2.12 15.82 -15.83
CA HIS D 191 0.68 15.95 -15.62
C HIS D 191 0.29 17.38 -15.94
N VAL D 192 -0.76 17.53 -16.74
CA VAL D 192 -1.32 18.83 -17.06
C VAL D 192 -2.67 18.91 -16.38
N CYS D 193 -2.79 19.83 -15.42
CA CYS D 193 -3.93 19.87 -14.51
C CYS D 193 -4.61 21.23 -14.52
N ILE D 194 -5.90 21.26 -14.85
CA ILE D 194 -6.64 22.53 -14.96
C ILE D 194 -7.69 22.64 -13.86
N THR D 195 -7.70 23.77 -13.15
CA THR D 195 -8.69 23.97 -12.09
C THR D 195 -8.98 25.46 -11.93
N GLY D 196 -9.91 25.80 -11.05
CA GLY D 196 -10.23 27.19 -10.79
C GLY D 196 -11.52 27.64 -11.46
N ASP D 197 -11.73 28.96 -11.47
CA ASP D 197 -12.94 29.58 -12.01
C ASP D 197 -13.15 29.30 -13.49
N ASP D 198 -14.40 29.10 -13.90
CA ASP D 198 -14.74 28.90 -15.30
C ASP D 198 -14.13 29.98 -16.20
N LYS D 199 -14.20 31.23 -15.75
CA LYS D 199 -13.80 32.36 -16.59
C LYS D 199 -12.32 32.72 -16.48
N ASN D 200 -11.58 32.01 -15.64
CA ASN D 200 -10.20 32.39 -15.40
C ASN D 200 -9.46 31.20 -14.79
N ALA D 201 -9.45 30.07 -15.52
CA ALA D 201 -8.85 28.85 -15.00
C ALA D 201 -7.32 28.87 -15.10
N THR D 202 -6.69 27.96 -14.38
CA THR D 202 -5.23 27.82 -14.39
C THR D 202 -4.88 26.40 -14.80
N ALA D 203 -3.94 26.26 -15.74
CA ALA D 203 -3.35 24.95 -16.04
C ALA D 203 -1.97 24.88 -15.40
N SER D 204 -1.75 23.85 -14.58
CA SER D 204 -0.46 23.62 -13.95
C SER D 204 0.24 22.47 -14.67
N PHE D 205 1.54 22.61 -14.86
CA PHE D 205 2.34 21.57 -15.49
C PHE D 205 3.33 21.00 -14.48
N ILE D 206 3.13 19.74 -14.12
CA ILE D 206 3.92 19.09 -13.10
C ILE D 206 4.76 18.02 -13.75
N TYR D 207 6.06 18.09 -13.57
CA TYR D 207 6.96 17.14 -14.21
C TYR D 207 7.91 16.55 -13.18
N ASP D 208 8.03 15.23 -13.18
CA ASP D 208 8.91 14.55 -12.23
C ASP D 208 8.59 15.00 -10.80
N GLY D 209 7.31 15.20 -10.53
CA GLY D 209 6.85 15.49 -9.19
C GLY D 209 6.97 16.92 -8.72
N ARG D 210 7.32 17.83 -9.63
CA ARG D 210 7.36 19.24 -9.25
C ARG D 210 6.67 20.17 -10.25
N LEU D 211 6.11 21.26 -9.75
CA LEU D 211 5.46 22.21 -10.64
C LEU D 211 6.53 22.97 -11.40
N VAL D 212 6.45 22.94 -12.72
CA VAL D 212 7.45 23.57 -13.57
C VAL D 212 6.92 24.80 -14.30
N ASP D 213 5.64 24.78 -14.65
CA ASP D 213 5.06 25.89 -15.39
C ASP D 213 3.57 26.00 -15.12
N SER D 214 2.97 27.10 -15.57
CA SER D 214 1.53 27.25 -15.57
C SER D 214 1.12 28.27 -16.61
N ILE D 215 -0.13 28.19 -17.05
CA ILE D 215 -0.66 29.17 -17.98
C ILE D 215 -2.10 29.45 -17.60
N GLY D 216 -2.53 30.70 -17.78
CA GLY D 216 -3.90 31.06 -17.45
C GLY D 216 -4.78 31.06 -18.68
N SER D 217 -6.09 31.06 -18.44
CA SER D 217 -7.09 31.05 -19.50
C SER D 217 -6.85 32.16 -20.51
N TRP D 218 -6.91 31.84 -21.80
CA TRP D 218 -6.70 32.86 -22.84
C TRP D 218 -8.01 33.38 -23.47
N SER D 219 -9.11 32.67 -23.25
CA SER D 219 -10.41 33.10 -23.77
C SER D 219 -11.45 33.28 -22.69
N GLN D 220 -11.07 33.07 -21.43
CA GLN D 220 -11.99 33.28 -20.31
C GLN D 220 -13.28 32.46 -20.40
N ASN D 221 -13.17 31.22 -20.84
CA ASN D 221 -14.34 30.39 -21.01
C ASN D 221 -13.99 28.89 -20.95
N ILE D 222 -13.75 28.42 -19.73
CA ILE D 222 -13.48 27.01 -19.47
C ILE D 222 -12.29 26.44 -20.25
N LEU D 223 -11.09 26.89 -19.88
CA LEU D 223 -9.87 26.28 -20.37
C LEU D 223 -9.96 24.78 -20.09
N ARG D 224 -9.65 23.96 -21.09
CA ARG D 224 -9.88 22.51 -20.98
C ARG D 224 -8.97 21.70 -21.89
N THR D 225 -8.72 20.45 -21.52
CA THR D 225 -7.75 19.66 -22.28
C THR D 225 -8.25 18.23 -22.60
N GLN D 226 -7.33 17.30 -22.82
CA GLN D 226 -7.66 16.03 -23.48
C GLN D 226 -8.50 15.01 -22.70
N GLU D 227 -8.28 14.91 -21.39
CA GLU D 227 -8.84 13.83 -20.57
C GLU D 227 -8.37 12.47 -21.07
N SER D 228 -7.19 12.46 -21.68
CA SER D 228 -6.47 11.22 -21.97
C SER D 228 -4.99 11.53 -22.13
N GLU D 229 -4.19 10.52 -22.47
CA GLU D 229 -2.75 10.68 -22.42
C GLU D 229 -2.23 11.66 -23.46
N CYS D 230 -1.27 12.49 -23.07
CA CYS D 230 -0.53 13.29 -24.03
C CYS D 230 0.56 12.41 -24.65
N VAL D 231 1.34 12.95 -25.58
CA VAL D 231 2.34 12.17 -26.29
C VAL D 231 3.69 12.88 -26.31
N CYS D 232 4.74 12.15 -26.01
CA CYS D 232 6.10 12.70 -25.96
C CYS D 232 6.99 12.01 -27.00
N ILE D 233 7.72 12.79 -27.78
CA ILE D 233 8.75 12.24 -28.65
C ILE D 233 10.07 12.97 -28.40
N ASN D 234 11.10 12.19 -28.09
CA ASN D 234 12.44 12.72 -27.88
C ASN D 234 12.50 13.84 -26.86
N GLY D 235 11.66 13.75 -25.83
CA GLY D 235 11.72 14.68 -24.72
C GLY D 235 10.79 15.88 -24.86
N THR D 236 10.11 15.99 -25.99
CA THR D 236 9.10 17.03 -26.18
C THR D 236 7.70 16.43 -26.16
N CYS D 237 6.90 16.87 -25.20
CA CYS D 237 5.52 16.39 -25.06
C CYS D 237 4.56 17.39 -25.66
N THR D 238 3.49 16.90 -26.28
CA THR D 238 2.51 17.80 -26.83
C THR D 238 1.14 17.53 -26.24
N VAL D 239 0.36 18.60 -26.07
CA VAL D 239 -0.99 18.47 -25.53
C VAL D 239 -1.88 19.52 -26.18
N VAL D 240 -3.12 19.14 -26.45
CA VAL D 240 -4.09 20.03 -27.08
C VAL D 240 -5.01 20.63 -26.03
N MET D 241 -5.16 21.94 -26.07
CA MET D 241 -6.01 22.63 -25.11
C MET D 241 -6.95 23.59 -25.83
N THR D 242 -8.15 23.75 -25.29
CA THR D 242 -9.14 24.65 -25.88
C THR D 242 -9.70 25.60 -24.83
N ASP D 243 -9.99 26.82 -25.25
CA ASP D 243 -10.62 27.81 -24.38
C ASP D 243 -11.64 28.52 -25.26
N GLY D 244 -12.84 28.74 -24.73
CA GLY D 244 -13.88 29.37 -25.52
C GLY D 244 -15.15 28.55 -25.63
N SER D 245 -16.01 28.94 -26.57
CA SER D 245 -17.38 28.43 -26.65
C SER D 245 -17.50 26.92 -26.81
N ALA D 246 -18.48 26.33 -26.13
CA ALA D 246 -18.76 24.90 -26.26
C ALA D 246 -19.64 24.62 -27.48
N SER D 247 -20.22 25.68 -28.04
CA SER D 247 -21.18 25.54 -29.13
C SER D 247 -20.94 26.58 -30.23
N GLY D 248 -19.68 26.83 -30.52
CA GLY D 248 -19.31 27.81 -31.53
C GLY D 248 -17.81 27.90 -31.63
N ARG D 249 -17.33 28.80 -32.49
CA ARG D 249 -15.89 28.98 -32.66
C ARG D 249 -15.17 29.14 -31.32
N ALA D 250 -14.10 28.39 -31.14
CA ALA D 250 -13.32 28.44 -29.92
C ALA D 250 -11.85 28.65 -30.26
N ASP D 251 -11.02 28.77 -29.23
CA ASP D 251 -9.60 29.05 -29.40
C ASP D 251 -8.78 27.84 -28.95
N THR D 252 -8.39 27.01 -29.91
CA THR D 252 -7.62 25.81 -29.62
C THR D 252 -6.13 26.04 -29.87
N ARG D 253 -5.32 25.58 -28.93
CA ARG D 253 -3.87 25.74 -29.04
C ARG D 253 -3.16 24.43 -28.72
N ILE D 254 -2.03 24.20 -29.38
CA ILE D 254 -1.24 23.00 -29.15
C ILE D 254 0.04 23.40 -28.45
N LEU D 255 0.26 22.85 -27.26
CA LEU D 255 1.44 23.18 -26.48
C LEU D 255 2.54 22.16 -26.64
N PHE D 256 3.79 22.63 -26.61
CA PHE D 256 4.94 21.76 -26.69
C PHE D 256 5.73 21.96 -25.41
N ILE D 257 5.99 20.86 -24.70
CA ILE D 257 6.49 20.94 -23.33
C ILE D 257 7.72 20.07 -23.14
N GLU D 258 8.79 20.67 -22.62
CA GLU D 258 10.02 19.92 -22.37
C GLU D 258 10.33 19.93 -20.88
N GLU D 259 10.31 18.75 -20.27
CA GLU D 259 10.54 18.63 -18.83
C GLU D 259 9.64 19.57 -18.03
N GLY D 260 8.39 19.69 -18.46
CA GLY D 260 7.40 20.49 -17.75
C GLY D 260 7.34 21.94 -18.15
N LYS D 261 8.30 22.37 -18.97
CA LYS D 261 8.38 23.78 -19.37
C LYS D 261 7.76 23.99 -20.75
N ILE D 262 6.83 24.94 -20.84
CA ILE D 262 6.24 25.26 -22.13
C ILE D 262 7.28 25.95 -23.01
N VAL D 263 7.63 25.33 -24.13
CA VAL D 263 8.67 25.90 -25.01
C VAL D 263 8.09 26.52 -26.27
N HIS D 264 6.88 26.13 -26.63
CA HIS D 264 6.23 26.68 -27.81
C HIS D 264 4.73 26.43 -27.76
N ILE D 265 3.97 27.38 -28.30
CA ILE D 265 2.53 27.23 -28.42
C ILE D 265 2.08 27.55 -29.84
N SER D 266 1.42 26.59 -30.49
CA SER D 266 0.92 26.76 -31.86
C SER D 266 -0.60 26.84 -31.88
N PRO D 267 -1.14 27.80 -32.63
CA PRO D 267 -2.59 27.87 -32.83
C PRO D 267 -3.05 26.70 -33.65
N LEU D 268 -4.30 26.28 -33.49
CA LEU D 268 -4.88 25.29 -34.37
C LEU D 268 -4.92 25.86 -35.79
N SER D 269 -4.61 25.02 -36.77
CA SER D 269 -4.72 25.40 -38.17
C SER D 269 -5.41 24.27 -38.93
N GLY D 270 -5.93 24.57 -40.12
CA GLY D 270 -6.60 23.56 -40.92
C GLY D 270 -8.10 23.75 -41.01
N SER D 271 -8.83 22.68 -41.23
CA SER D 271 -10.27 22.79 -41.47
C SER D 271 -11.16 22.28 -40.33
N ALA D 272 -10.58 21.75 -39.26
CA ALA D 272 -11.41 21.39 -38.12
C ALA D 272 -12.00 22.66 -37.52
N GLN D 273 -13.31 22.68 -37.28
CA GLN D 273 -13.98 23.91 -36.85
C GLN D 273 -14.27 23.96 -35.35
N HIS D 274 -14.12 22.84 -34.67
CA HIS D 274 -14.31 22.79 -33.23
C HIS D 274 -13.59 21.56 -32.67
N ILE D 275 -12.74 21.78 -31.68
CA ILE D 275 -11.87 20.72 -31.16
C ILE D 275 -11.98 20.61 -29.64
N GLU D 276 -12.34 19.42 -29.16
CA GLU D 276 -12.36 19.13 -27.73
C GLU D 276 -11.85 17.72 -27.47
N GLU D 277 -11.27 17.53 -26.30
CA GLU D 277 -10.99 16.18 -25.78
C GLU D 277 -10.28 15.27 -26.77
N CYS D 278 -9.15 15.72 -27.30
CA CYS D 278 -8.41 14.93 -28.27
C CYS D 278 -7.86 13.63 -27.70
N SER D 279 -8.01 12.56 -28.47
CA SER D 279 -7.38 11.28 -28.18
C SER D 279 -6.18 11.13 -29.12
N CYS D 280 -4.98 11.29 -28.57
CA CYS D 280 -3.78 11.41 -29.39
C CYS D 280 -2.91 10.18 -29.31
N TYR D 281 -2.12 9.96 -30.36
CA TYR D 281 -1.19 8.85 -30.35
C TYR D 281 0.04 9.17 -31.19
N PRO D 282 1.18 8.57 -30.84
CA PRO D 282 2.40 8.79 -31.59
C PRO D 282 2.32 8.13 -32.95
N ARG D 283 2.73 8.85 -33.98
CA ARG D 283 2.81 8.30 -35.32
C ARG D 283 4.09 8.86 -35.90
N TYR D 284 5.21 8.31 -35.46
CA TYR D 284 6.53 8.86 -35.74
C TYR D 284 6.62 9.26 -37.21
N PRO D 285 7.15 10.47 -37.48
CA PRO D 285 7.80 11.40 -36.55
C PRO D 285 6.84 12.35 -35.86
N GLY D 286 5.55 12.22 -36.09
CA GLY D 286 4.58 13.17 -35.55
C GLY D 286 3.60 12.61 -34.53
N VAL D 287 2.59 13.40 -34.21
CA VAL D 287 1.52 12.99 -33.32
C VAL D 287 0.20 13.21 -34.04
N ARG D 288 -0.73 12.25 -33.92
CA ARG D 288 -2.04 12.36 -34.53
C ARG D 288 -3.14 12.27 -33.48
N CYS D 289 -4.16 13.12 -33.59
CA CYS D 289 -5.24 13.16 -32.61
C CYS D 289 -6.59 13.06 -33.29
N ILE D 290 -7.48 12.26 -32.69
CA ILE D 290 -8.87 12.19 -33.13
C ILE D 290 -9.71 12.79 -31.99
N CYS D 291 -10.54 13.77 -32.30
CA CYS D 291 -11.14 14.60 -31.24
C CYS D 291 -12.68 14.60 -31.25
N ARG D 292 -13.24 15.56 -30.52
CA ARG D 292 -14.69 15.73 -30.44
C ARG D 292 -15.04 17.12 -30.97
N ASP D 293 -15.93 17.17 -31.98
CA ASP D 293 -16.49 18.45 -32.45
C ASP D 293 -17.82 18.63 -31.74
N ASN D 294 -17.94 19.63 -30.87
CA ASN D 294 -19.13 19.78 -30.04
C ASN D 294 -20.13 20.76 -30.66
N TRP D 295 -19.85 21.22 -31.86
CA TRP D 295 -20.58 22.33 -32.47
C TRP D 295 -21.40 21.92 -33.70
N LYS D 296 -20.74 21.56 -34.80
CA LYS D 296 -21.44 21.24 -36.04
C LYS D 296 -21.23 19.83 -36.59
N GLY D 297 -20.37 19.04 -35.97
CA GLY D 297 -20.00 17.76 -36.55
C GLY D 297 -20.28 16.55 -35.69
N SER D 298 -20.85 15.51 -36.30
CA SER D 298 -20.90 14.20 -35.66
C SER D 298 -19.80 13.31 -36.25
N ASN D 299 -19.14 13.82 -37.28
CA ASN D 299 -17.87 13.26 -37.70
C ASN D 299 -16.77 13.83 -36.80
N ARG D 300 -15.77 13.00 -36.49
CA ARG D 300 -14.70 13.42 -35.58
C ARG D 300 -13.58 14.19 -36.27
N PRO D 301 -13.17 15.31 -35.67
CA PRO D 301 -12.04 16.06 -36.21
C PRO D 301 -10.72 15.31 -36.02
N VAL D 302 -9.77 15.62 -36.88
CA VAL D 302 -8.42 15.08 -36.78
C VAL D 302 -7.45 16.24 -36.61
N VAL D 303 -6.49 16.11 -35.70
CA VAL D 303 -5.44 17.10 -35.57
C VAL D 303 -4.10 16.44 -35.77
N ASP D 304 -3.31 16.96 -36.71
CA ASP D 304 -1.97 16.44 -36.95
C ASP D 304 -0.92 17.42 -36.44
N ILE D 305 0.01 16.91 -35.65
CA ILE D 305 1.01 17.74 -35.00
C ILE D 305 2.40 17.37 -35.49
N ASN D 306 3.07 18.34 -36.10
CA ASN D 306 4.45 18.19 -36.53
C ASN D 306 5.41 18.56 -35.41
N MET D 307 6.11 17.56 -34.88
CA MET D 307 6.94 17.75 -33.69
C MET D 307 8.29 18.38 -34.03
N GLU D 308 8.60 18.47 -35.32
CA GLU D 308 9.88 19.01 -35.74
C GLU D 308 9.84 20.53 -35.94
N ASP D 309 8.76 21.03 -36.54
CA ASP D 309 8.64 22.47 -36.78
C ASP D 309 7.39 23.09 -36.14
N TYR D 310 6.68 22.29 -35.35
CA TYR D 310 5.53 22.76 -34.58
C TYR D 310 4.31 23.12 -35.42
N SER D 311 4.33 22.80 -36.71
CA SER D 311 3.19 23.12 -37.56
C SER D 311 2.00 22.21 -37.25
N ILE D 312 0.80 22.72 -37.50
CA ILE D 312 -0.43 22.02 -37.16
C ILE D 312 -1.32 21.91 -38.38
N ASP D 313 -1.94 20.76 -38.55
CA ASP D 313 -2.95 20.61 -39.59
C ASP D 313 -4.18 19.96 -38.97
N SER D 314 -5.34 20.13 -39.59
CA SER D 314 -6.53 19.50 -39.07
C SER D 314 -7.56 19.25 -40.15
N SER D 315 -8.41 18.26 -39.92
CA SER D 315 -9.46 17.90 -40.86
C SER D 315 -10.49 17.05 -40.13
N TYR D 316 -11.19 16.18 -40.87
CA TYR D 316 -12.16 15.27 -40.27
C TYR D 316 -11.94 13.84 -40.73
N VAL D 317 -12.23 12.88 -39.86
CA VAL D 317 -12.14 11.47 -40.23
C VAL D 317 -13.02 11.19 -41.46
N CYS D 318 -12.42 10.54 -42.47
CA CYS D 318 -13.13 10.29 -43.73
C CYS D 318 -14.36 9.39 -43.62
N SER D 319 -14.31 8.44 -42.69
CA SER D 319 -15.34 7.40 -42.60
C SER D 319 -16.78 7.90 -42.57
N GLY D 320 -17.63 7.29 -43.40
CA GLY D 320 -19.04 7.60 -43.40
C GLY D 320 -19.76 7.00 -42.20
N LEU D 321 -19.12 6.03 -41.56
CA LEU D 321 -19.57 5.55 -40.26
C LEU D 321 -18.91 6.44 -39.22
N VAL D 322 -19.65 7.41 -38.71
CA VAL D 322 -19.06 8.45 -37.88
C VAL D 322 -19.00 8.02 -36.42
N GLY D 323 -18.11 8.65 -35.66
CA GLY D 323 -17.78 8.17 -34.33
C GLY D 323 -18.39 8.91 -33.16
N ASP D 324 -19.01 10.06 -33.42
CA ASP D 324 -19.54 10.87 -32.33
C ASP D 324 -20.92 10.40 -31.89
N THR D 325 -21.35 10.89 -30.74
CA THR D 325 -22.72 10.67 -30.24
C THR D 325 -23.15 12.00 -29.67
N PRO D 326 -24.26 12.57 -30.18
CA PRO D 326 -25.19 11.97 -31.15
C PRO D 326 -24.70 11.98 -32.60
N ARG D 327 -25.44 11.27 -33.45
CA ARG D 327 -25.13 11.15 -34.88
C ARG D 327 -26.35 10.61 -35.60
N ASN D 328 -26.35 10.71 -36.93
CA ASN D 328 -27.37 10.05 -37.74
C ASN D 328 -27.15 8.55 -37.76
N ASP D 329 -28.16 7.80 -38.17
CA ASP D 329 -28.00 6.36 -38.36
C ASP D 329 -27.08 6.09 -39.55
N ASP D 330 -26.57 4.87 -39.64
CA ASP D 330 -25.53 4.55 -40.62
C ASP D 330 -25.94 4.80 -42.07
N SER D 331 -27.23 4.67 -42.36
CA SER D 331 -27.70 4.85 -43.73
C SER D 331 -27.73 6.33 -44.14
N SER D 332 -27.74 7.23 -43.17
CA SER D 332 -27.86 8.65 -43.48
C SER D 332 -26.75 9.52 -42.90
N SER D 333 -25.66 8.90 -42.44
CA SER D 333 -24.53 9.64 -41.92
C SER D 333 -23.51 9.92 -43.04
N ASN D 334 -22.80 11.04 -42.94
CA ASN D 334 -21.83 11.41 -43.95
C ASN D 334 -20.59 12.07 -43.38
N SER D 335 -19.48 11.94 -44.10
CA SER D 335 -18.29 12.74 -43.84
C SER D 335 -17.55 13.00 -45.14
N ASN D 336 -17.07 14.23 -45.35
CA ASN D 336 -16.30 14.54 -46.55
C ASN D 336 -14.81 14.73 -46.30
N CYS D 337 -14.37 14.42 -45.08
CA CYS D 337 -12.96 14.51 -44.70
C CYS D 337 -12.49 15.92 -44.34
N ARG D 338 -13.27 16.93 -44.69
CA ARG D 338 -12.80 18.31 -44.59
C ARG D 338 -13.65 19.21 -43.68
N ASN D 339 -14.96 19.01 -43.72
CA ASN D 339 -15.87 19.88 -42.99
C ASN D 339 -16.70 19.11 -41.99
N PRO D 340 -17.19 19.80 -40.94
CA PRO D 340 -18.16 19.16 -40.04
C PRO D 340 -19.40 18.83 -40.86
N ASN D 341 -20.02 17.69 -40.57
CA ASN D 341 -21.10 17.21 -41.42
C ASN D 341 -22.46 17.86 -41.20
N ASN D 342 -22.56 18.70 -40.17
CA ASN D 342 -23.85 19.31 -39.81
C ASN D 342 -24.98 18.28 -39.66
N GLU D 343 -24.65 17.12 -39.13
CA GLU D 343 -25.65 16.10 -38.85
C GLU D 343 -25.67 15.82 -37.36
N ARG D 344 -26.74 16.26 -36.68
CA ARG D 344 -26.80 16.22 -35.22
C ARG D 344 -25.44 16.57 -34.62
N GLY D 345 -24.85 17.64 -35.11
CA GLY D 345 -23.49 18.02 -34.75
C GLY D 345 -23.31 18.52 -33.34
N THR D 346 -24.31 19.19 -32.78
CA THR D 346 -24.14 19.78 -31.46
C THR D 346 -24.03 18.69 -30.39
N GLN D 347 -23.29 18.99 -29.31
CA GLN D 347 -23.00 18.00 -28.27
C GLN D 347 -22.04 16.95 -28.81
N GLY D 348 -21.74 15.93 -28.01
CA GLY D 348 -20.81 14.91 -28.45
C GLY D 348 -20.30 14.11 -27.27
N VAL D 349 -19.28 13.29 -27.54
CA VAL D 349 -18.65 12.48 -26.50
C VAL D 349 -17.19 12.26 -26.89
N LYS D 350 -16.30 12.17 -25.91
CA LYS D 350 -14.91 11.84 -26.23
C LYS D 350 -14.81 10.44 -26.81
N GLY D 351 -14.05 10.29 -27.89
CA GLY D 351 -13.83 9.01 -28.53
C GLY D 351 -12.48 8.94 -29.22
N TRP D 352 -12.25 7.88 -29.99
CA TRP D 352 -10.94 7.66 -30.60
C TRP D 352 -11.05 6.95 -31.94
N ALA D 353 -9.96 6.97 -32.69
CA ALA D 353 -9.82 6.20 -33.92
C ALA D 353 -8.34 6.22 -34.26
N PHE D 354 -7.90 5.28 -35.10
CA PHE D 354 -6.54 5.38 -35.63
C PHE D 354 -6.43 4.80 -37.03
N ASP D 355 -5.47 5.32 -37.78
CA ASP D 355 -5.31 4.91 -39.17
C ASP D 355 -4.43 3.67 -39.28
N ASN D 356 -4.74 2.84 -40.26
CA ASN D 356 -3.81 1.82 -40.71
C ASN D 356 -3.85 1.79 -42.22
N GLY D 357 -2.86 2.43 -42.85
CA GLY D 357 -2.87 2.59 -44.29
C GLY D 357 -4.09 3.40 -44.69
N ASN D 358 -4.87 2.88 -45.62
CA ASN D 358 -6.10 3.55 -46.05
C ASN D 358 -7.26 3.25 -45.12
N ASP D 359 -7.08 2.30 -44.21
CA ASP D 359 -8.17 1.83 -43.37
C ASP D 359 -8.19 2.54 -42.02
N LEU D 360 -9.28 2.35 -41.29
CA LEU D 360 -9.46 3.03 -40.01
C LEU D 360 -9.99 2.06 -38.97
N TRP D 361 -9.34 2.01 -37.81
CA TRP D 361 -9.91 1.34 -36.66
C TRP D 361 -10.57 2.39 -35.78
N MET D 362 -11.79 2.14 -35.35
CA MET D 362 -12.49 3.10 -34.51
C MET D 362 -13.44 2.43 -33.52
N GLY D 363 -13.75 3.13 -32.45
CA GLY D 363 -14.79 2.70 -31.53
C GLY D 363 -15.88 3.73 -31.49
N ARG D 364 -17.07 3.36 -31.02
CA ARG D 364 -18.15 4.32 -30.78
C ARG D 364 -19.25 3.69 -29.95
N THR D 365 -20.14 4.51 -29.39
CA THR D 365 -21.31 3.99 -28.71
C THR D 365 -22.15 3.22 -29.72
N ILE D 366 -22.89 2.22 -29.25
CA ILE D 366 -23.78 1.49 -30.16
C ILE D 366 -25.00 2.35 -30.49
N SER D 367 -25.57 2.99 -29.47
CA SER D 367 -26.68 3.90 -29.67
C SER D 367 -26.22 5.16 -30.41
N LYS D 368 -27.04 5.67 -31.33
CA LYS D 368 -26.68 6.87 -32.06
C LYS D 368 -27.06 8.14 -31.31
N GLU D 369 -27.86 8.01 -30.26
CA GLU D 369 -28.36 9.18 -29.53
C GLU D 369 -27.89 9.26 -28.08
N SER D 370 -27.56 8.13 -27.49
CA SER D 370 -27.19 8.12 -26.07
C SER D 370 -25.89 7.37 -25.82
N ARG D 371 -25.32 7.59 -24.65
CA ARG D 371 -24.05 6.97 -24.29
C ARG D 371 -24.30 5.56 -23.76
N SER D 372 -24.74 4.71 -24.68
CA SER D 372 -25.14 3.34 -24.38
C SER D 372 -24.42 2.40 -25.34
N GLY D 373 -23.92 1.29 -24.81
CA GLY D 373 -23.20 0.31 -25.62
C GLY D 373 -21.87 0.81 -26.12
N TYR D 374 -21.04 -0.11 -26.59
CA TYR D 374 -19.78 0.27 -27.21
C TYR D 374 -19.31 -0.80 -28.17
N GLU D 375 -18.88 -0.38 -29.36
CA GLU D 375 -18.47 -1.30 -30.41
C GLU D 375 -17.20 -0.78 -31.09
N THR D 376 -16.40 -1.70 -31.59
CA THR D 376 -15.21 -1.35 -32.36
C THR D 376 -15.25 -2.07 -33.70
N PHE D 377 -14.64 -1.49 -34.72
CA PHE D 377 -14.56 -2.14 -36.02
C PHE D 377 -13.52 -1.48 -36.91
N LYS D 378 -13.20 -2.14 -38.02
CA LYS D 378 -12.32 -1.56 -39.01
C LYS D 378 -13.16 -1.06 -40.19
N VAL D 379 -12.94 0.17 -40.61
CA VAL D 379 -13.61 0.69 -41.80
C VAL D 379 -12.64 0.60 -42.96
N ILE D 380 -13.04 -0.16 -43.97
CA ILE D 380 -12.21 -0.30 -45.17
C ILE D 380 -12.22 1.03 -45.90
N GLY D 381 -11.03 1.60 -46.07
CA GLY D 381 -10.89 2.93 -46.66
C GLY D 381 -11.36 4.04 -45.75
N GLY D 382 -11.59 3.73 -44.48
CA GLY D 382 -12.11 4.70 -43.54
C GLY D 382 -11.18 5.89 -43.27
N TRP D 383 -9.92 5.74 -43.61
CA TRP D 383 -8.99 6.85 -43.43
C TRP D 383 -8.86 7.70 -44.71
N SER D 384 -8.83 7.03 -45.86
CA SER D 384 -8.50 7.70 -47.12
C SER D 384 -9.69 8.04 -48.01
N THR D 385 -10.78 7.28 -47.89
CA THR D 385 -11.93 7.43 -48.78
C THR D 385 -13.10 8.13 -48.11
N PRO D 386 -13.45 9.32 -48.60
CA PRO D 386 -14.58 10.04 -48.01
C PRO D 386 -15.85 9.19 -48.02
N ASN D 387 -16.56 9.18 -46.90
CA ASN D 387 -17.88 8.55 -46.81
C ASN D 387 -17.88 7.03 -46.92
N SER D 388 -16.72 6.41 -46.75
CA SER D 388 -16.63 4.95 -46.79
C SER D 388 -17.43 4.29 -45.65
N LYS D 389 -18.16 3.22 -45.97
CA LYS D 389 -19.04 2.60 -44.97
C LYS D 389 -18.94 1.08 -44.91
N SER D 390 -17.97 0.51 -45.60
CA SER D 390 -17.75 -0.93 -45.51
C SER D 390 -16.92 -1.25 -44.26
N GLN D 391 -17.52 -1.98 -43.32
CA GLN D 391 -16.78 -2.31 -42.11
C GLN D 391 -16.54 -3.81 -42.03
N VAL D 392 -15.55 -4.18 -41.22
CA VAL D 392 -15.25 -5.58 -40.97
C VAL D 392 -14.61 -5.69 -39.57
N ASN D 393 -14.58 -6.91 -39.03
CA ASN D 393 -13.94 -7.15 -37.73
C ASN D 393 -14.61 -6.40 -36.58
N ARG D 394 -15.93 -6.31 -36.61
CA ARG D 394 -16.67 -5.69 -35.52
C ARG D 394 -16.54 -6.53 -34.26
N GLN D 395 -16.45 -5.85 -33.13
CA GLN D 395 -16.52 -6.49 -31.82
C GLN D 395 -17.40 -5.66 -30.91
N VAL D 396 -18.32 -6.32 -30.22
CA VAL D 396 -19.06 -5.65 -29.16
C VAL D 396 -18.21 -5.62 -27.90
N ILE D 397 -18.03 -4.44 -27.31
CA ILE D 397 -17.28 -4.32 -26.07
C ILE D 397 -18.25 -4.22 -24.91
N VAL D 398 -19.29 -3.41 -25.09
CA VAL D 398 -20.37 -3.27 -24.13
C VAL D 398 -21.68 -3.37 -24.89
N ASP D 399 -22.53 -4.31 -24.54
CA ASP D 399 -23.80 -4.43 -25.27
C ASP D 399 -24.71 -3.22 -25.06
N ASN D 400 -25.68 -3.04 -25.95
CA ASN D 400 -26.47 -1.81 -25.96
C ASN D 400 -27.50 -1.68 -24.82
N ASN D 401 -27.59 -2.71 -23.98
CA ASN D 401 -28.45 -2.63 -22.81
C ASN D 401 -27.69 -2.08 -21.61
N ASN D 402 -26.47 -1.61 -21.84
CA ASN D 402 -25.63 -1.11 -20.75
C ASN D 402 -25.00 0.24 -21.06
N TRP D 403 -24.73 1.02 -20.01
CA TRP D 403 -24.24 2.38 -20.20
C TRP D 403 -22.74 2.39 -20.49
N SER D 404 -22.33 3.29 -21.38
CA SER D 404 -20.92 3.51 -21.62
C SER D 404 -20.57 4.94 -21.28
N GLY D 405 -19.85 5.63 -22.16
CA GLY D 405 -19.38 6.97 -21.86
C GLY D 405 -18.16 7.35 -22.68
N TYR D 406 -17.26 8.14 -22.10
CA TYR D 406 -16.03 8.51 -22.77
C TYR D 406 -15.22 7.27 -23.17
N SER D 407 -14.41 7.42 -24.21
CA SER D 407 -13.43 6.41 -24.53
C SER D 407 -12.21 7.10 -25.11
N GLY D 408 -11.06 6.44 -25.02
CA GLY D 408 -9.85 7.04 -25.51
C GLY D 408 -8.78 6.03 -25.83
N ILE D 409 -7.78 6.47 -26.57
CA ILE D 409 -6.69 5.61 -27.00
C ILE D 409 -5.47 5.75 -26.08
N PHE D 410 -4.68 4.69 -25.96
CA PHE D 410 -3.32 4.80 -25.41
C PHE D 410 -2.39 3.87 -26.18
N SER D 411 -1.11 4.19 -26.22
CA SER D 411 -0.18 3.40 -27.02
C SER D 411 0.88 2.73 -26.14
N VAL D 412 1.26 1.52 -26.53
CA VAL D 412 2.16 0.70 -25.73
C VAL D 412 3.27 0.14 -26.61
N GLU D 413 4.51 0.41 -26.25
CA GLU D 413 5.64 -0.05 -27.05
C GLU D 413 5.94 -1.52 -26.81
N GLY D 414 5.87 -2.32 -27.87
CA GLY D 414 6.26 -3.72 -27.82
C GLY D 414 7.68 -3.93 -28.29
N LYS D 415 8.06 -5.19 -28.45
CA LYS D 415 9.42 -5.53 -28.85
C LYS D 415 9.80 -4.90 -30.19
N SER D 416 8.92 -5.02 -31.17
CA SER D 416 9.25 -4.55 -32.51
C SER D 416 8.17 -3.64 -33.14
N CYS D 417 7.14 -3.31 -32.38
CA CYS D 417 6.09 -2.45 -32.90
C CYS D 417 5.36 -1.69 -31.80
N ILE D 418 4.59 -0.69 -32.20
CA ILE D 418 3.78 0.07 -31.26
C ILE D 418 2.34 -0.42 -31.35
N ASN D 419 1.81 -0.85 -30.21
CA ASN D 419 0.44 -1.33 -30.14
C ASN D 419 -0.49 -0.19 -29.75
N ARG D 420 -1.76 -0.28 -30.19
CA ARG D 420 -2.78 0.67 -29.78
C ARG D 420 -3.77 -0.05 -28.88
N CYS D 421 -4.20 0.64 -27.83
CA CYS D 421 -5.16 0.11 -26.87
C CYS D 421 -6.22 1.17 -26.63
N PHE D 422 -7.34 0.79 -26.02
CA PHE D 422 -8.34 1.78 -25.64
C PHE D 422 -9.05 1.41 -24.34
N TYR D 423 -9.62 2.43 -23.70
CA TYR D 423 -10.43 2.23 -22.50
C TYR D 423 -11.81 2.77 -22.80
N VAL D 424 -12.81 2.25 -22.11
CA VAL D 424 -14.09 2.93 -22.14
C VAL D 424 -14.63 3.16 -20.74
N GLU D 425 -15.14 4.37 -20.54
CA GLU D 425 -15.72 4.81 -19.29
C GLU D 425 -17.14 4.30 -19.22
N LEU D 426 -17.49 3.66 -18.12
CA LEU D 426 -18.82 3.10 -17.98
C LEU D 426 -19.56 3.91 -16.92
N ILE D 427 -20.37 4.87 -17.37
CA ILE D 427 -20.99 5.85 -16.48
C ILE D 427 -22.25 5.29 -15.82
N ARG D 428 -22.31 5.38 -14.50
CA ARG D 428 -23.50 4.96 -13.77
C ARG D 428 -24.06 6.12 -12.93
N GLY D 429 -25.37 6.09 -12.70
CA GLY D 429 -26.00 7.12 -11.91
C GLY D 429 -26.59 8.20 -12.78
N ARG D 430 -26.57 9.44 -12.29
CA ARG D 430 -27.24 10.53 -13.01
C ARG D 430 -26.45 11.00 -14.22
N PRO D 431 -27.14 11.52 -15.24
CA PRO D 431 -28.58 11.76 -15.25
C PRO D 431 -29.45 10.56 -15.65
N GLN D 432 -28.88 9.48 -16.14
CA GLN D 432 -29.70 8.39 -16.71
C GLN D 432 -30.44 7.57 -15.65
N GLU D 433 -29.79 7.35 -14.51
CA GLU D 433 -30.36 6.53 -13.46
C GLU D 433 -30.63 7.36 -12.23
N THR D 434 -31.91 7.66 -12.00
CA THR D 434 -32.28 8.64 -10.98
C THR D 434 -32.58 8.05 -9.61
N ARG D 435 -32.52 6.73 -9.47
CA ARG D 435 -32.66 6.13 -8.16
C ARG D 435 -31.59 6.66 -7.21
N VAL D 436 -30.40 6.89 -7.75
CA VAL D 436 -29.29 7.42 -6.96
C VAL D 436 -29.07 8.89 -7.27
N TRP D 437 -28.32 9.56 -6.41
CA TRP D 437 -28.08 11.01 -6.54
C TRP D 437 -26.69 11.34 -7.05
N TRP D 438 -25.86 10.32 -7.19
CA TRP D 438 -24.48 10.51 -7.63
C TRP D 438 -24.28 10.15 -9.09
N THR D 439 -23.10 10.50 -9.61
CA THR D 439 -22.65 10.08 -10.92
C THR D 439 -21.22 9.57 -10.77
N SER D 440 -20.93 8.37 -11.26
CA SER D 440 -19.58 7.83 -11.17
C SER D 440 -19.35 6.91 -12.36
N ASN D 441 -18.19 6.25 -12.40
CA ASN D 441 -17.91 5.33 -13.49
C ASN D 441 -16.97 4.20 -13.08
N SER D 442 -16.99 3.12 -13.87
CA SER D 442 -15.92 2.15 -13.85
C SER D 442 -15.28 2.17 -15.23
N ILE D 443 -14.31 1.29 -15.47
CA ILE D 443 -13.67 1.24 -16.77
C ILE D 443 -13.48 -0.20 -17.26
N VAL D 444 -13.38 -0.34 -18.58
CA VAL D 444 -12.94 -1.60 -19.15
C VAL D 444 -11.90 -1.23 -20.20
N VAL D 445 -10.90 -2.08 -20.37
CA VAL D 445 -9.75 -1.75 -21.20
C VAL D 445 -9.41 -2.91 -22.14
N PHE D 446 -9.17 -2.59 -23.41
CA PHE D 446 -8.82 -3.59 -24.42
C PHE D 446 -7.53 -3.17 -25.13
N CYS D 447 -6.79 -4.15 -25.64
CA CYS D 447 -5.56 -3.85 -26.37
C CYS D 447 -5.53 -4.52 -27.74
N GLY D 448 -4.85 -3.90 -28.68
CA GLY D 448 -4.71 -4.46 -30.02
C GLY D 448 -4.07 -5.83 -29.96
N THR D 449 -4.52 -6.73 -30.82
CA THR D 449 -3.91 -8.05 -30.90
C THR D 449 -3.69 -8.42 -32.37
N SER D 450 -2.66 -9.21 -32.61
CA SER D 450 -2.44 -9.76 -33.95
C SER D 450 -2.93 -11.20 -33.99
N GLY D 451 -3.45 -11.67 -32.86
CA GLY D 451 -3.94 -13.03 -32.77
C GLY D 451 -5.42 -13.16 -33.02
N THR D 452 -6.05 -14.14 -32.39
CA THR D 452 -7.48 -14.35 -32.57
C THR D 452 -8.23 -14.12 -31.26
N TYR D 453 -9.55 -14.04 -31.35
CA TYR D 453 -10.37 -13.71 -30.19
C TYR D 453 -11.80 -14.12 -30.46
N GLY D 454 -12.65 -14.02 -29.45
CA GLY D 454 -14.04 -14.43 -29.57
C GLY D 454 -14.99 -13.26 -29.39
N THR D 455 -16.02 -13.45 -28.57
CA THR D 455 -17.02 -12.41 -28.34
C THR D 455 -17.36 -12.33 -26.86
N GLY D 456 -17.99 -11.23 -26.49
CA GLY D 456 -18.46 -11.04 -25.13
C GLY D 456 -19.04 -9.67 -24.95
N SER D 457 -19.32 -9.33 -23.70
CA SER D 457 -19.77 -7.98 -23.33
C SER D 457 -19.30 -7.77 -21.91
N TRP D 458 -18.65 -6.63 -21.67
CA TRP D 458 -18.05 -6.38 -20.36
C TRP D 458 -18.52 -5.04 -19.81
N PRO D 459 -19.79 -4.99 -19.34
CA PRO D 459 -20.34 -3.73 -18.86
C PRO D 459 -19.97 -3.48 -17.41
N ASP D 460 -20.43 -2.37 -16.86
CA ASP D 460 -20.10 -2.01 -15.50
C ASP D 460 -20.51 -3.12 -14.53
N GLY D 461 -21.75 -3.58 -14.65
CA GLY D 461 -22.19 -4.75 -13.91
C GLY D 461 -22.80 -4.49 -12.55
N ALA D 462 -22.88 -3.23 -12.14
CA ALA D 462 -23.53 -2.91 -10.87
C ALA D 462 -25.05 -2.96 -11.01
N ASN D 463 -25.70 -3.39 -9.94
CA ASN D 463 -27.16 -3.37 -9.88
C ASN D 463 -27.57 -2.08 -9.20
N ILE D 464 -28.17 -1.17 -9.95
CA ILE D 464 -28.49 0.16 -9.43
C ILE D 464 -29.35 0.08 -8.17
N ASN D 465 -30.10 -1.01 -8.04
CA ASN D 465 -30.96 -1.20 -6.88
C ASN D 465 -30.19 -1.60 -5.62
N PHE D 466 -28.97 -2.08 -5.81
CA PHE D 466 -28.11 -2.48 -4.70
C PHE D 466 -27.26 -1.34 -4.16
N MET D 467 -27.32 -0.19 -4.82
CA MET D 467 -26.37 0.89 -4.52
C MET D 467 -26.86 1.80 -3.39
N PRO D 468 -25.91 2.34 -2.61
CA PRO D 468 -26.24 3.47 -1.73
C PRO D 468 -26.71 4.60 -2.64
N ILE D 469 -27.74 5.33 -2.23
CA ILE D 469 -28.29 6.36 -3.10
C ILE D 469 -27.53 7.68 -2.94
C1 NAG E . -30.21 -13.06 -3.12
C2 NAG E . -31.11 -12.46 -2.05
C3 NAG E . -32.42 -13.26 -1.93
C4 NAG E . -33.06 -13.57 -3.28
C5 NAG E . -31.99 -14.03 -4.28
C6 NAG E . -32.55 -14.21 -5.68
C7 NAG E . -30.22 -11.34 -0.07
C8 NAG E . -29.52 -11.50 1.25
N2 NAG E . -30.40 -12.45 -0.77
O3 NAG E . -33.33 -12.54 -1.13
O4 NAG E . -33.99 -14.60 -3.06
O5 NAG E . -30.94 -13.09 -4.33
O6 NAG E . -33.06 -12.96 -6.10
O7 NAG E . -30.60 -10.22 -0.43
C1 NAG E . -35.17 -14.47 -3.88
C2 NAG E . -35.80 -15.86 -4.09
C3 NAG E . -37.13 -15.76 -4.82
C4 NAG E . -38.01 -14.68 -4.21
C5 NAG E . -37.26 -13.36 -4.17
C6 NAG E . -38.13 -12.24 -3.60
C7 NAG E . -34.48 -17.87 -4.29
C8 NAG E . -33.54 -18.73 -5.10
N2 NAG E . -34.90 -16.73 -4.82
O3 NAG E . -37.79 -17.01 -4.79
O4 NAG E . -39.21 -14.55 -4.95
O5 NAG E . -36.10 -13.54 -3.37
O6 NAG E . -38.53 -12.56 -2.29
O7 NAG E . -34.86 -18.25 -3.17
C1 NAG F . -16.71 -15.69 -32.45
C2 NAG F . -17.93 -15.42 -33.33
C3 NAG F . -17.57 -14.84 -34.69
C4 NAG F . -16.64 -13.64 -34.56
C5 NAG F . -15.47 -14.01 -33.65
C6 NAG F . -14.56 -12.82 -33.40
C7 NAG F . -19.95 -16.69 -33.01
C8 NAG F . -20.93 -17.59 -33.71
N2 NAG F . -18.74 -16.62 -33.53
O3 NAG F . -18.74 -14.48 -35.39
O4 NAG F . -16.16 -13.26 -35.83
O5 NAG F . -15.94 -14.50 -32.40
O6 NAG F . -15.26 -11.84 -32.65
O7 NAG F . -20.28 -16.05 -32.00
C1 NAG F . -16.54 -11.93 -36.22
C2 NAG F . -15.63 -11.49 -37.36
C3 NAG F . -15.97 -10.08 -37.83
C4 NAG F . -17.46 -9.91 -38.09
C5 NAG F . -18.26 -10.44 -36.90
C6 NAG F . -19.77 -10.36 -37.14
C7 NAG F . -13.37 -12.37 -37.47
C8 NAG F . -11.94 -12.18 -37.05
N2 NAG F . -14.25 -11.52 -36.94
O3 NAG F . -15.25 -9.77 -39.01
O4 NAG F . -17.67 -8.53 -38.28
O5 NAG F . -17.90 -11.77 -36.60
O6 NAG F . -20.13 -11.21 -38.21
O7 NAG F . -13.69 -13.28 -38.24
C1 BMA F . -18.53 -8.27 -39.42
C2 BMA F . -19.24 -6.96 -39.17
C3 BMA F . -20.22 -6.68 -40.30
C4 BMA F . -19.47 -6.74 -41.62
C5 BMA F . -18.66 -8.03 -41.76
C6 BMA F . -17.81 -8.01 -43.03
O2 BMA F . -18.27 -5.93 -39.14
O3 BMA F . -20.81 -5.41 -40.10
O4 BMA F . -20.40 -6.65 -42.68
O5 BMA F . -17.82 -8.22 -40.63
O6 BMA F . -17.17 -9.26 -43.21
C1 MAN F . -22.22 -5.47 -40.35
C2 MAN F . -22.82 -4.07 -40.36
C3 MAN F . -22.79 -3.47 -38.95
C4 MAN F . -23.43 -4.43 -37.97
C5 MAN F . -22.78 -5.80 -38.10
C6 MAN F . -23.42 -6.81 -37.15
O2 MAN F . -24.16 -4.13 -40.82
O3 MAN F . -23.50 -2.25 -38.93
O4 MAN F . -23.23 -3.96 -36.66
O5 MAN F . -22.92 -6.27 -39.42
O6 MAN F . -22.65 -8.00 -37.15
C1 NAG G . 2.93 -36.26 15.81
C2 NAG G . 2.07 -37.54 15.90
C3 NAG G . 2.64 -38.68 15.05
C4 NAG G . 2.91 -38.21 13.62
C5 NAG G . 3.73 -36.93 13.67
C6 NAG G . 4.01 -36.37 12.27
C7 NAG G . 0.77 -37.75 17.90
C8 NAG G . 0.55 -38.49 19.19
N2 NAG G . 1.92 -37.98 17.27
O3 NAG G . 1.74 -39.79 15.05
O4 NAG G . 3.61 -39.24 12.95
O5 NAG G . 3.08 -35.93 14.43
O6 NAG G . 2.79 -35.90 11.72
O7 NAG G . -0.07 -36.94 17.49
C1 NAG G . 2.90 -39.70 11.78
C2 NAG G . 3.91 -40.40 10.87
C3 NAG G . 3.24 -40.98 9.62
C4 NAG G . 2.00 -41.79 9.97
C5 NAG G . 1.11 -40.99 10.92
C6 NAG G . -0.12 -41.78 11.37
C7 NAG G . 6.22 -39.64 10.83
C8 NAG G . 7.23 -38.78 10.13
N2 NAG G . 4.95 -39.49 10.45
O3 NAG G . 4.17 -41.75 8.90
O4 NAG G . 1.33 -42.05 8.75
O5 NAG G . 1.81 -40.57 12.07
O6 NAG G . 0.31 -42.90 12.13
O7 NAG G . 6.58 -40.44 11.69
C1 BMA G . 0.91 -43.43 8.67
C2 BMA G . -0.31 -43.49 7.74
C3 BMA G . -0.84 -44.91 7.70
C4 BMA G . 0.29 -45.84 7.28
C5 BMA G . 1.50 -45.64 8.20
C6 BMA G . 2.66 -46.52 7.74
O2 BMA G . 0.08 -43.11 6.45
O3 BMA G . -1.91 -44.99 6.81
O4 BMA G . -0.15 -47.17 7.37
O5 BMA G . 1.91 -44.29 8.20
O6 BMA G . 3.66 -46.53 8.75
C1 MAN G . -3.00 -45.74 7.37
C2 MAN G . -4.05 -46.00 6.31
C3 MAN G . -4.75 -44.69 5.93
C4 MAN G . -5.30 -44.03 7.20
C5 MAN G . -4.17 -43.84 8.19
C6 MAN G . -4.65 -43.15 9.46
O2 MAN G . -4.97 -46.95 6.76
O3 MAN G . -5.81 -44.93 5.03
O4 MAN G . -5.85 -42.77 6.87
O5 MAN G . -3.61 -45.11 8.50
O6 MAN G . -3.55 -42.81 10.27
C1 NAG H . -18.49 14.21 23.39
C2 NAG H . -19.90 13.64 23.29
C3 NAG H . -20.89 14.45 24.13
C4 NAG H . -20.36 14.78 25.52
C5 NAG H . -18.91 15.26 25.43
C6 NAG H . -18.27 15.56 26.78
C7 NAG H . -20.74 12.51 21.31
C8 NAG H . -21.13 12.64 19.86
N2 NAG H . -20.31 13.62 21.90
O3 NAG H . -22.10 13.75 24.23
O4 NAG H . -21.20 15.80 26.06
O5 NAG H . -18.14 14.29 24.76
O6 NAG H . -18.19 14.37 27.52
O7 NAG H . -20.81 11.42 21.87
C1 NAG H . -21.35 15.70 27.48
C2 NAG H . -21.61 17.10 28.05
C3 NAG H . -21.99 17.08 29.53
C4 NAG H . -23.00 15.98 29.81
C5 NAG H . -22.49 14.66 29.26
C6 NAG H . -23.43 13.50 29.60
C7 NAG H . -20.54 19.13 27.25
C8 NAG H . -19.33 20.03 27.31
N2 NAG H . -20.44 17.95 27.87
O3 NAG H . -22.52 18.33 29.89
O4 NAG H . -23.23 15.88 31.21
O5 NAG H . -22.36 14.78 27.86
O6 NAG H . -24.46 13.42 28.63
O7 NAG H . -21.55 19.49 26.65
C1 NAG I . 11.92 15.80 34.40
C2 NAG I . 11.67 15.56 35.91
C3 NAG I . 12.88 14.97 36.61
C4 NAG I . 13.38 13.72 35.89
C5 NAG I . 13.58 14.05 34.41
C6 NAG I . 13.99 12.83 33.60
C7 NAG I . 9.99 16.93 36.93
C8 NAG I . 9.72 17.86 38.08
N2 NAG I . 11.27 16.78 36.58
O3 NAG I . 12.57 14.68 37.96
O4 NAG I . 14.62 13.33 36.48
O5 NAG I . 12.40 14.59 33.83
O6 NAG I . 12.94 11.87 33.59
O7 NAG I . 9.07 16.35 36.36
C1 NAG I . 14.58 11.99 37.00
C2 NAG I . 16.01 11.50 37.16
C3 NAG I . 16.06 10.10 37.78
C4 NAG I . 15.20 9.98 39.03
C5 NAG I . 13.81 10.54 38.74
C6 NAG I . 12.94 10.55 40.00
C7 NAG I . 17.72 12.24 35.58
C8 NAG I . 18.40 11.98 34.27
N2 NAG I . 16.68 11.46 35.87
O3 NAG I . 17.38 9.73 38.05
O4 NAG I . 15.16 8.60 39.34
O5 NAG I . 13.88 11.86 38.22
O6 NAG I . 13.54 11.35 40.98
O7 NAG I . 18.10 13.15 36.33
C1 BMA I . 15.32 8.37 40.74
C2 BMA I . 14.61 7.07 41.09
C3 BMA I . 14.70 6.80 42.58
C4 BMA I . 16.17 6.84 42.98
C5 BMA I . 16.86 8.13 42.50
C6 BMA I . 18.34 8.12 42.83
O2 BMA I . 15.24 6.01 40.40
O3 BMA I . 14.11 5.56 42.89
O4 BMA I . 16.26 6.76 44.38
O5 BMA I . 16.69 8.28 41.11
O6 BMA I . 18.88 9.40 42.61
C1 MAN I . 13.27 5.68 44.06
C2 MAN I . 12.76 4.31 44.51
C3 MAN I . 11.80 3.72 43.48
C4 MAN I . 10.69 4.73 43.23
C5 MAN I . 11.29 6.07 42.83
C6 MAN I . 10.20 7.11 42.60
O2 MAN I . 12.09 4.44 45.73
O3 MAN I . 11.26 2.51 43.95
O4 MAN I . 9.81 4.28 42.22
O5 MAN I . 12.15 6.53 43.84
O6 MAN I . 10.79 8.27 42.04
C1 NAG J . -29.37 14.98 -2.53
C2 NAG J . -30.29 14.28 -1.52
C3 NAG J . -31.73 14.64 -1.78
C4 NAG J . -31.91 16.15 -1.93
C5 NAG J . -30.84 16.79 -2.81
C6 NAG J . -30.87 18.31 -2.73
C7 NAG J . -29.85 12.12 -0.52
C8 NAG J . -29.84 10.63 -0.70
N2 NAG J . -30.14 12.85 -1.59
O3 NAG J . -32.54 14.15 -0.73
O4 NAG J . -33.19 16.40 -2.45
O5 NAG J . -29.55 16.37 -2.41
O6 NAG J . -30.70 18.68 -1.38
O7 NAG J . -29.61 12.61 0.59
C1 NAG J . -33.81 17.45 -1.68
C2 NAG J . -35.09 17.93 -2.34
C3 NAG J . -35.81 19.00 -1.52
C4 NAG J . -35.77 18.71 -0.03
C5 NAG J . -34.38 18.25 0.40
C6 NAG J . -34.30 17.98 1.90
C7 NAG J . -35.09 17.87 -4.78
C8 NAG J . -34.38 18.34 -6.02
N2 NAG J . -34.75 18.48 -3.64
O3 NAG J . -37.15 19.09 -1.94
O4 NAG J . -36.11 19.87 0.69
O5 NAG J . -34.04 17.09 -0.33
O6 NAG J . -35.36 17.13 2.30
O7 NAG J . -35.92 16.97 -4.84
C1 NAG K . -7.71 36.39 -13.86
C2 NAG K . -8.34 37.69 -13.32
C3 NAG K . -7.31 38.79 -13.12
C4 NAG K . -6.14 38.29 -12.28
C5 NAG K . -5.62 36.99 -12.89
C6 NAG K . -4.45 36.40 -12.09
C7 NAG K . -10.68 37.99 -13.87
C8 NAG K . -11.68 38.80 -14.64
N2 NAG K . -9.40 38.18 -14.18
O3 NAG K . -7.92 39.93 -12.53
O4 NAG K . -5.13 39.27 -12.32
O5 NAG K . -6.66 36.02 -12.99
O6 NAG K . -4.92 35.99 -10.82
O7 NAG K . -11.04 37.19 -13.00
C1 NAG K . -4.75 39.73 -11.01
C2 NAG K . -3.39 40.39 -11.12
C3 NAG K . -2.95 40.99 -9.79
C4 NAG K . -4.03 41.83 -9.15
C5 NAG K . -5.38 41.09 -9.17
C6 NAG K . -6.54 41.96 -8.68
C7 NAG K . -1.78 39.58 -12.76
C8 NAG K . -0.68 38.61 -13.04
N2 NAG K . -2.38 39.45 -11.58
O3 NAG K . -1.76 41.73 -9.97
O4 NAG K . -3.64 42.11 -7.82
O5 NAG K . -5.70 40.64 -10.47
O6 NAG K . -6.71 43.05 -9.55
O7 NAG K . -2.09 40.44 -13.59
C1 BMA K . -3.83 43.50 -7.50
C2 BMA K . -4.05 43.61 -6.00
C3 BMA K . -4.32 45.05 -5.61
C4 BMA K . -3.19 45.92 -6.13
C5 BMA K . -2.96 45.67 -7.63
C6 BMA K . -1.75 46.46 -8.10
O2 BMA K . -2.89 43.18 -5.33
O3 BMA K . -4.40 45.13 -4.21
O4 BMA K . -3.51 47.28 -5.94
O5 BMA K . -2.75 44.30 -7.88
O6 BMA K . -1.74 46.49 -9.51
C1 MAN K . -5.54 45.93 -3.82
C2 MAN K . -5.50 46.19 -2.32
C3 MAN K . -5.76 44.91 -1.54
C4 MAN K . -7.05 44.28 -2.03
C5 MAN K . -6.97 44.06 -3.53
C6 MAN K . -8.23 43.41 -4.07
O2 MAN K . -6.47 47.15 -1.98
O3 MAN K . -5.86 45.20 -0.16
O4 MAN K . -7.27 43.05 -1.38
O5 MAN K . -6.78 45.31 -4.17
O6 MAN K . -8.08 43.17 -5.46
CA CA L . -13.24 -37.45 -12.21
C2 LNV M . -15.10 -25.79 -11.24
C3 LNV M . -14.81 -24.31 -11.14
C4 LNV M . -14.41 -23.55 -12.40
C5 LNV M . -14.73 -24.28 -13.73
C6 LNV M . -14.68 -25.85 -13.61
O6 LNV M . -15.26 -26.35 -12.46
C1 LNV M . -15.51 -26.61 -10.03
O1B LNV M . -15.40 -26.03 -8.85
O1A LNV M . -15.64 -27.77 -10.21
C7 LNV M . -15.35 -26.55 -14.81
C8 LNV M . -15.06 -28.01 -14.78
C9 LNV M . -15.72 -28.81 -15.87
O9 LNV M . -15.35 -28.41 -17.11
O7 LNV M . -16.68 -26.38 -14.71
C13 LNV M . -17.36 -25.78 -15.66
O8 LNV M . -13.80 -28.32 -14.71
N4 LNV M . -14.68 -22.13 -12.38
C12 LNV M . -13.88 -21.16 -12.99
N12 LNV M . -14.30 -19.92 -13.04
N13 LNV M . -12.76 -21.52 -13.53
C10 LNV M . -14.90 -22.81 -15.68
C11 LNV M . -14.03 -22.34 -16.79
O10 LNV M . -15.98 -22.44 -15.51
N5 LNV M . -14.24 -23.75 -14.92
CA CA N . 7.69 -16.26 37.55
C1 NAG O . -19.24 -14.08 23.02
C2 NAG O . -20.71 -13.68 23.14
C3 NAG O . -21.34 -14.21 24.43
C4 NAG O . -20.91 -15.64 24.73
C5 NAG O . -19.40 -15.80 24.54
C6 NAG O . -18.91 -17.19 24.91
C7 NAG O . -21.19 -11.56 22.02
C8 NAG O . -20.87 -10.10 22.02
N2 NAG O . -20.80 -12.24 23.11
O3 NAG O . -22.74 -14.13 24.36
O4 NAG O . -21.24 -15.96 26.07
O5 NAG O . -19.10 -15.48 23.21
O6 NAG O . -19.31 -18.13 23.93
O7 NAG O . -21.77 -12.08 21.07
C2 LNV P . 1.01 -16.07 27.78
C3 LNV P . 0.79 -15.78 26.31
C4 LNV P . 1.23 -16.81 25.28
C5 LNV P . 1.67 -18.18 25.88
C6 LNV P . 2.30 -18.10 27.30
O6 LNV P . 1.79 -17.13 28.12
C1 LNV P . 0.70 -14.99 28.81
O1B LNV P . 0.11 -13.85 28.38
O1A LNV P . 1.15 -15.17 29.88
C7 LNV P . 2.45 -19.41 28.00
C8 LNV P . 3.29 -19.31 29.25
C9 LNV P . 3.38 -20.66 29.95
O9 LNV P . 4.00 -21.61 29.21
O7 LNV P . 1.22 -19.78 28.35
C13 LNV P . 0.66 -20.87 27.85
O8 LNV P . 4.45 -18.74 29.02
N4 LNV P . 0.44 -16.86 24.08
C12 LNV P . 0.92 -17.21 22.79
N12 LNV P . 0.14 -17.35 21.75
N13 LNV P . 2.19 -17.15 22.59
C10 LNV P . 1.59 -19.98 24.22
C11 LNV P . 2.43 -20.86 23.36
O10 LNV P . 0.46 -20.15 24.35
N5 LNV P . 2.30 -19.06 25.00
CA CA Q . 0.85 37.77 17.37
C2 LNV R . -1.77 26.17 18.38
C3 LNV R . -1.53 24.74 17.93
C4 LNV R . -0.38 23.93 18.51
C5 LNV R . 0.26 24.65 19.73
C6 LNV R . 0.28 26.21 19.64
O6 LNV R . -0.81 26.80 19.08
C1 LNV R . -2.78 27.08 17.70
O1B LNV R . -3.60 26.50 16.82
O1A LNV R . -2.57 28.22 17.82
C7 LNV R . 0.76 26.90 20.91
C8 LNV R . 1.10 28.34 20.58
C9 LNV R . 1.35 29.14 21.83
O9 LNV R . 2.45 28.72 22.49
O7 LNV R . -0.23 26.83 21.80
C13 LNV R . -0.09 26.08 22.91
O8 LNV R . 2.03 28.48 19.68
N4 LNV R . -0.62 22.52 18.70
C12 LNV R . 0.36 21.49 18.66
N12 LNV R . -0.01 20.28 19.03
N13 LNV R . 1.53 21.79 18.20
C10 LNV R . 1.57 23.18 21.20
C11 LNV R . 2.96 22.62 21.33
O10 LNV R . 0.70 22.77 21.83
N5 LNV R . 1.46 24.08 20.15
CA CA S . -20.69 16.58 -32.16
C2 LNV T . -18.36 16.43 -20.52
C3 LNV T . -17.47 16.13 -19.33
C4 LNV T . -16.41 17.17 -18.91
C5 LNV T . -16.46 18.51 -19.69
C6 LNV T . -17.08 18.45 -21.11
O6 LNV T . -18.05 17.48 -21.31
C1 LNV T . -19.34 15.42 -21.09
O1B LNV T . -19.57 14.33 -20.31
O1A LNV T . -19.78 15.65 -22.15
C7 LNV T . -17.52 19.75 -21.72
C8 LNV T . -17.83 19.53 -23.18
C9 LNV T . -18.17 20.82 -23.85
O9 LNV T . -17.21 21.75 -23.69
O7 LNV T . -18.62 20.19 -21.06
C13 LNV T . -18.63 21.31 -20.34
O8 LNV T . -16.81 19.05 -23.81
N4 LNV T . -16.12 17.22 -17.50
C12 LNV T . -14.83 17.49 -16.95
N12 LNV T . -14.71 17.72 -15.69
N13 LNV T . -13.81 17.35 -17.71
C10 LNV T . -15.27 20.34 -18.58
C11 LNV T . -14.01 21.13 -18.60
O10 LNV T . -16.11 20.55 -17.82
N5 LNV T . -15.34 19.35 -19.51
#